data_7YOA
# 
_entry.id   7YOA 
# 
_audit_conform.dict_name       mmcif_pdbx.dic 
_audit_conform.dict_version    5.397 
_audit_conform.dict_location   http://mmcif.pdb.org/dictionaries/ascii/mmcif_pdbx.dic 
# 
loop_
_database_2.database_id 
_database_2.database_code 
_database_2.pdbx_database_accession 
_database_2.pdbx_DOI 
PDB   7YOA         pdb_00007yoa 10.2210/pdb7yoa/pdb 
WWPDB D_1300031248 ?            ?                   
# 
loop_
_pdbx_audit_revision_history.ordinal 
_pdbx_audit_revision_history.data_content_type 
_pdbx_audit_revision_history.major_revision 
_pdbx_audit_revision_history.minor_revision 
_pdbx_audit_revision_history.revision_date 
1 'Structure model' 1 0 2022-11-30 
2 'Structure model' 1 1 2022-12-21 
3 'Structure model' 1 2 2023-02-08 
4 'Structure model' 1 3 2023-11-29 
5 'Structure model' 1 4 2024-10-16 
# 
_pdbx_audit_revision_details.ordinal             1 
_pdbx_audit_revision_details.revision_ordinal    1 
_pdbx_audit_revision_details.data_content_type   'Structure model' 
_pdbx_audit_revision_details.provider            repository 
_pdbx_audit_revision_details.type                'Initial release' 
_pdbx_audit_revision_details.description         ? 
_pdbx_audit_revision_details.details             ? 
# 
loop_
_pdbx_audit_revision_group.ordinal 
_pdbx_audit_revision_group.revision_ordinal 
_pdbx_audit_revision_group.data_content_type 
_pdbx_audit_revision_group.group 
1 2 'Structure model' 'Database references'    
2 3 'Structure model' 'Database references'    
3 4 'Structure model' 'Data collection'        
4 4 'Structure model' 'Refinement description' 
5 5 'Structure model' 'Structure summary'      
# 
loop_
_pdbx_audit_revision_category.ordinal 
_pdbx_audit_revision_category.revision_ordinal 
_pdbx_audit_revision_category.data_content_type 
_pdbx_audit_revision_category.category 
1 2 'Structure model' citation                      
2 2 'Structure model' citation_author               
3 3 'Structure model' citation                      
4 4 'Structure model' chem_comp_atom                
5 4 'Structure model' chem_comp_bond                
6 4 'Structure model' pdbx_initial_refinement_model 
7 5 'Structure model' pdbx_entry_details            
8 5 'Structure model' pdbx_modification_feature     
# 
loop_
_pdbx_audit_revision_item.ordinal 
_pdbx_audit_revision_item.revision_ordinal 
_pdbx_audit_revision_item.data_content_type 
_pdbx_audit_revision_item.item 
1  2 'Structure model' '_citation.country'                            
2  2 'Structure model' '_citation.journal_abbrev'                     
3  2 'Structure model' '_citation.journal_id_CSD'                     
4  2 'Structure model' '_citation.journal_id_ISSN'                    
5  2 'Structure model' '_citation.page_first'                         
6  2 'Structure model' '_citation.page_last'                          
7  2 'Structure model' '_citation.pdbx_database_id_DOI'               
8  2 'Structure model' '_citation.pdbx_database_id_PubMed'            
9  2 'Structure model' '_citation.title'                              
10 2 'Structure model' '_citation.year'                               
11 2 'Structure model' '_citation_author.identifier_ORCID'            
12 3 'Structure model' '_citation.journal_volume'                     
13 3 'Structure model' '_citation.year'                               
14 5 'Structure model' '_pdbx_entry_details.has_protein_modification' 
# 
_pdbx_database_status.status_code                     REL 
_pdbx_database_status.status_code_sf                  REL 
_pdbx_database_status.status_code_mr                  ? 
_pdbx_database_status.entry_id                        7YOA 
_pdbx_database_status.recvd_initial_deposition_date   2022-08-01 
_pdbx_database_status.SG_entry                        N 
_pdbx_database_status.deposit_site                    PDBJ 
_pdbx_database_status.process_site                    PDBJ 
_pdbx_database_status.status_code_cs                  ? 
_pdbx_database_status.status_code_nmr_data            ? 
_pdbx_database_status.methods_development_category    ? 
_pdbx_database_status.pdb_format_compatible           Y 
# 
_pdbx_contact_author.id                 2 
_pdbx_contact_author.email              luwuyuan@fudan.edu.cn 
_pdbx_contact_author.name_first         Wuyuan 
_pdbx_contact_author.name_last          Lu 
_pdbx_contact_author.name_mi            ? 
_pdbx_contact_author.role               'principal investigator/group leader' 
_pdbx_contact_author.identifier_ORCID   0000-0003-1318-9968 
# 
loop_
_audit_author.name 
_audit_author.pdbx_ordinal 
_audit_author.identifier_ORCID 
'Yang, Y.' 1 ?                   
'Lu, W.'   2 0000-0003-1318-9968 
# 
_citation.abstract                  ? 
_citation.abstract_id_CAS           ? 
_citation.book_id_ISBN              ? 
_citation.book_publisher            ? 
_citation.book_publisher_city       ? 
_citation.book_title                ? 
_citation.coordinate_linkage        ? 
_citation.country                   US 
_citation.database_id_Medline       ? 
_citation.details                   ? 
_citation.id                        primary 
_citation.journal_abbrev            Infect.Immun. 
_citation.journal_id_ASTM           ? 
_citation.journal_id_CSD            999 
_citation.journal_id_ISSN           1098-5522 
_citation.journal_full              ? 
_citation.journal_issue             ? 
_citation.journal_volume            91 
_citation.language                  ? 
_citation.page_first                e0036122 
_citation.page_last                 e0036122 
_citation.title                     
'Mouse alpha-Defensins: Structural and Functional Analysis of the 17 Cryptdin Isoforms Identified from a Single Jejunal Crypt.' 
_citation.year                      2023 
_citation.database_id_CSD           ? 
_citation.pdbx_database_id_DOI      10.1128/iai.00361-22 
_citation.pdbx_database_id_PubMed   36472443 
_citation.pdbx_database_id_patent   ? 
_citation.unpublished_flag          ? 
# 
loop_
_citation_author.citation_id 
_citation_author.name 
_citation_author.ordinal 
_citation_author.identifier_ORCID 
primary 'Wang, Q.'      1 ?                   
primary 'Yang, Y.'      2 ?                   
primary 'Luo, G.'       3 ?                   
primary 'Zhou, Y.'      4 ?                   
primary 'Tolbert, W.D.' 5 ?                   
primary 'Pazgier, M.'   6 0000-0003-0594-5057 
primary 'Liao, C.'      7 ?                   
primary 'Lu, W.'        8 0000-0003-1318-9968 
# 
loop_
_entity.id 
_entity.type 
_entity.src_method 
_entity.pdbx_description 
_entity.formula_weight 
_entity.pdbx_number_of_molecules 
_entity.pdbx_ec 
_entity.pdbx_mutation 
_entity.pdbx_fragment 
_entity.details 
1 polymer     syn 'Alpha-defensin 14' 4239.174 2  ? ? ? ? 
2 non-polymer nat 'SULFATE ION'       96.063   5  ? ? ? ? 
3 water       nat water               18.015   31 ? ? ? ? 
# 
_entity_name_com.entity_id   1 
_entity_name_com.name        'Defensin-related cryptdin-14' 
# 
_entity_poly.entity_id                      1 
_entity_poly.type                           'polypeptide(L)' 
_entity_poly.nstd_linkage                   no 
_entity_poly.nstd_monomer                   no 
_entity_poly.pdbx_seq_one_letter_code       LRDLVCYCRTRGCKRRERMNGTCRKGHLMHTLCCR 
_entity_poly.pdbx_seq_one_letter_code_can   LRDLVCYCRTRGCKRRERMNGTCRKGHLMHTLCCR 
_entity_poly.pdbx_strand_id                 A,B 
_entity_poly.pdbx_target_identifier         ? 
# 
loop_
_pdbx_entity_nonpoly.entity_id 
_pdbx_entity_nonpoly.name 
_pdbx_entity_nonpoly.comp_id 
2 'SULFATE ION' SO4 
3 water         HOH 
# 
loop_
_entity_poly_seq.entity_id 
_entity_poly_seq.num 
_entity_poly_seq.mon_id 
_entity_poly_seq.hetero 
1 1  LEU n 
1 2  ARG n 
1 3  ASP n 
1 4  LEU n 
1 5  VAL n 
1 6  CYS n 
1 7  TYR n 
1 8  CYS n 
1 9  ARG n 
1 10 THR n 
1 11 ARG n 
1 12 GLY n 
1 13 CYS n 
1 14 LYS n 
1 15 ARG n 
1 16 ARG n 
1 17 GLU n 
1 18 ARG n 
1 19 MET n 
1 20 ASN n 
1 21 GLY n 
1 22 THR n 
1 23 CYS n 
1 24 ARG n 
1 25 LYS n 
1 26 GLY n 
1 27 HIS n 
1 28 LEU n 
1 29 MET n 
1 30 HIS n 
1 31 THR n 
1 32 LEU n 
1 33 CYS n 
1 34 CYS n 
1 35 ARG n 
# 
_pdbx_entity_src_syn.entity_id              1 
_pdbx_entity_src_syn.pdbx_src_id            1 
_pdbx_entity_src_syn.pdbx_alt_source_flag   sample 
_pdbx_entity_src_syn.pdbx_beg_seq_num       1 
_pdbx_entity_src_syn.pdbx_end_seq_num       35 
_pdbx_entity_src_syn.organism_scientific    'Mus musculus' 
_pdbx_entity_src_syn.organism_common_name   'house mouse' 
_pdbx_entity_src_syn.ncbi_taxonomy_id       10090 
_pdbx_entity_src_syn.details                ? 
# 
loop_
_chem_comp.id 
_chem_comp.type 
_chem_comp.mon_nstd_flag 
_chem_comp.name 
_chem_comp.pdbx_synonyms 
_chem_comp.formula 
_chem_comp.formula_weight 
ARG 'L-peptide linking' y ARGININE        ? 'C6 H15 N4 O2 1' 175.209 
ASN 'L-peptide linking' y ASPARAGINE      ? 'C4 H8 N2 O3'    132.118 
ASP 'L-peptide linking' y 'ASPARTIC ACID' ? 'C4 H7 N O4'     133.103 
CYS 'L-peptide linking' y CYSTEINE        ? 'C3 H7 N O2 S'   121.158 
GLU 'L-peptide linking' y 'GLUTAMIC ACID' ? 'C5 H9 N O4'     147.129 
GLY 'peptide linking'   y GLYCINE         ? 'C2 H5 N O2'     75.067  
HIS 'L-peptide linking' y HISTIDINE       ? 'C6 H10 N3 O2 1' 156.162 
HOH non-polymer         . WATER           ? 'H2 O'           18.015  
LEU 'L-peptide linking' y LEUCINE         ? 'C6 H13 N O2'    131.173 
LYS 'L-peptide linking' y LYSINE          ? 'C6 H15 N2 O2 1' 147.195 
MET 'L-peptide linking' y METHIONINE      ? 'C5 H11 N O2 S'  149.211 
SO4 non-polymer         . 'SULFATE ION'   ? 'O4 S -2'        96.063  
THR 'L-peptide linking' y THREONINE       ? 'C4 H9 N O3'     119.119 
TYR 'L-peptide linking' y TYROSINE        ? 'C9 H11 N O3'    181.189 
VAL 'L-peptide linking' y VALINE          ? 'C5 H11 N O2'    117.146 
# 
loop_
_pdbx_poly_seq_scheme.asym_id 
_pdbx_poly_seq_scheme.entity_id 
_pdbx_poly_seq_scheme.seq_id 
_pdbx_poly_seq_scheme.mon_id 
_pdbx_poly_seq_scheme.ndb_seq_num 
_pdbx_poly_seq_scheme.pdb_seq_num 
_pdbx_poly_seq_scheme.auth_seq_num 
_pdbx_poly_seq_scheme.pdb_mon_id 
_pdbx_poly_seq_scheme.auth_mon_id 
_pdbx_poly_seq_scheme.pdb_strand_id 
_pdbx_poly_seq_scheme.pdb_ins_code 
_pdbx_poly_seq_scheme.hetero 
A 1 1  LEU 1  1  ?  ?   ?   A . n 
A 1 2  ARG 2  2  ?  ?   ?   A . n 
A 1 3  ASP 3  3  3  ASP ASP A . n 
A 1 4  LEU 4  4  4  LEU LEU A . n 
A 1 5  VAL 5  5  5  VAL VAL A . n 
A 1 6  CYS 6  6  6  CYS CYS A . n 
A 1 7  TYR 7  7  7  TYR TYR A . n 
A 1 8  CYS 8  8  8  CYS CYS A . n 
A 1 9  ARG 9  9  9  ARG ARG A . n 
A 1 10 THR 10 10 10 THR THR A . n 
A 1 11 ARG 11 11 11 ARG ARG A . n 
A 1 12 GLY 12 12 12 GLY GLY A . n 
A 1 13 CYS 13 13 13 CYS CYS A . n 
A 1 14 LYS 14 14 14 LYS LYS A . n 
A 1 15 ARG 15 15 15 ARG ARG A . n 
A 1 16 ARG 16 16 16 ARG ARG A . n 
A 1 17 GLU 17 17 17 GLU GLU A . n 
A 1 18 ARG 18 18 18 ARG ARG A . n 
A 1 19 MET 19 19 19 MET MET A . n 
A 1 20 ASN 20 20 20 ASN ASN A . n 
A 1 21 GLY 21 21 21 GLY GLY A . n 
A 1 22 THR 22 22 22 THR THR A . n 
A 1 23 CYS 23 23 23 CYS CYS A . n 
A 1 24 ARG 24 24 24 ARG ARG A . n 
A 1 25 LYS 25 25 25 LYS LYS A . n 
A 1 26 GLY 26 26 26 GLY GLY A . n 
A 1 27 HIS 27 27 27 HIS HIS A . n 
A 1 28 LEU 28 28 28 LEU LEU A . n 
A 1 29 MET 29 29 29 MET MET A . n 
A 1 30 HIS 30 30 30 HIS HIS A . n 
A 1 31 THR 31 31 31 THR THR A . n 
A 1 32 LEU 32 32 32 LEU LEU A . n 
A 1 33 CYS 33 33 33 CYS CYS A . n 
A 1 34 CYS 34 34 34 CYS CYS A . n 
A 1 35 ARG 35 35 35 ARG ARG A . n 
B 1 1  LEU 1  1  ?  ?   ?   B . n 
B 1 2  ARG 2  2  ?  ?   ?   B . n 
B 1 3  ASP 3  3  3  ASP ASP B . n 
B 1 4  LEU 4  4  4  LEU LEU B . n 
B 1 5  VAL 5  5  5  VAL VAL B . n 
B 1 6  CYS 6  6  6  CYS CYS B . n 
B 1 7  TYR 7  7  7  TYR TYR B . n 
B 1 8  CYS 8  8  8  CYS CYS B . n 
B 1 9  ARG 9  9  9  ARG ARG B . n 
B 1 10 THR 10 10 10 THR THR B . n 
B 1 11 ARG 11 11 11 ARG ARG B . n 
B 1 12 GLY 12 12 12 GLY GLY B . n 
B 1 13 CYS 13 13 13 CYS CYS B . n 
B 1 14 LYS 14 14 14 LYS LYS B . n 
B 1 15 ARG 15 15 15 ARG ARG B . n 
B 1 16 ARG 16 16 16 ARG ARG B . n 
B 1 17 GLU 17 17 17 GLU GLU B . n 
B 1 18 ARG 18 18 18 ARG ARG B . n 
B 1 19 MET 19 19 19 MET MET B . n 
B 1 20 ASN 20 20 20 ASN ASN B . n 
B 1 21 GLY 21 21 21 GLY GLY B . n 
B 1 22 THR 22 22 22 THR THR B . n 
B 1 23 CYS 23 23 23 CYS CYS B . n 
B 1 24 ARG 24 24 24 ARG ARG B . n 
B 1 25 LYS 25 25 25 LYS LYS B . n 
B 1 26 GLY 26 26 26 GLY GLY B . n 
B 1 27 HIS 27 27 27 HIS HIS B . n 
B 1 28 LEU 28 28 28 LEU LEU B . n 
B 1 29 MET 29 29 29 MET MET B . n 
B 1 30 HIS 30 30 30 HIS HIS B . n 
B 1 31 THR 31 31 31 THR THR B . n 
B 1 32 LEU 32 32 32 LEU LEU B . n 
B 1 33 CYS 33 33 33 CYS CYS B . n 
B 1 34 CYS 34 34 34 CYS CYS B . n 
B 1 35 ARG 35 35 35 ARG ARG B . n 
# 
loop_
_pdbx_nonpoly_scheme.asym_id 
_pdbx_nonpoly_scheme.entity_id 
_pdbx_nonpoly_scheme.mon_id 
_pdbx_nonpoly_scheme.ndb_seq_num 
_pdbx_nonpoly_scheme.pdb_seq_num 
_pdbx_nonpoly_scheme.auth_seq_num 
_pdbx_nonpoly_scheme.pdb_mon_id 
_pdbx_nonpoly_scheme.auth_mon_id 
_pdbx_nonpoly_scheme.pdb_strand_id 
_pdbx_nonpoly_scheme.pdb_ins_code 
C 2 SO4 1  101 2  SO4 SO4 A . 
D 2 SO4 1  102 3  SO4 SO4 A . 
E 2 SO4 1  103 4  SO4 SO4 A . 
F 2 SO4 1  101 1  SO4 SO4 B . 
G 2 SO4 1  102 5  SO4 SO4 B . 
H 3 HOH 1  201 22 HOH HOH A . 
H 3 HOH 2  202 35 HOH HOH A . 
H 3 HOH 3  203 38 HOH HOH A . 
H 3 HOH 4  204 3  HOH HOH A . 
H 3 HOH 5  205 6  HOH HOH A . 
H 3 HOH 6  206 27 HOH HOH A . 
H 3 HOH 7  207 36 HOH HOH A . 
H 3 HOH 8  208 4  HOH HOH A . 
H 3 HOH 9  209 13 HOH HOH A . 
H 3 HOH 10 210 25 HOH HOH A . 
H 3 HOH 11 211 5  HOH HOH A . 
H 3 HOH 12 212 21 HOH HOH A . 
H 3 HOH 13 213 23 HOH HOH A . 
H 3 HOH 14 214 37 HOH HOH A . 
H 3 HOH 15 215 32 HOH HOH A . 
I 3 HOH 1  201 10 HOH HOH B . 
I 3 HOH 2  202 20 HOH HOH B . 
I 3 HOH 3  203 11 HOH HOH B . 
I 3 HOH 4  204 1  HOH HOH B . 
I 3 HOH 5  205 31 HOH HOH B . 
I 3 HOH 6  206 7  HOH HOH B . 
I 3 HOH 7  207 14 HOH HOH B . 
I 3 HOH 8  208 30 HOH HOH B . 
I 3 HOH 9  209 24 HOH HOH B . 
I 3 HOH 10 210 33 HOH HOH B . 
I 3 HOH 11 211 2  HOH HOH B . 
I 3 HOH 12 212 8  HOH HOH B . 
I 3 HOH 13 213 34 HOH HOH B . 
I 3 HOH 14 214 18 HOH HOH B . 
I 3 HOH 15 215 9  HOH HOH B . 
I 3 HOH 16 216 29 HOH HOH B . 
# 
loop_
_software.citation_id 
_software.classification 
_software.compiler_name 
_software.compiler_version 
_software.contact_author 
_software.contact_author_email 
_software.date 
_software.description 
_software.dependencies 
_software.hardware 
_software.language 
_software.location 
_software.mods 
_software.name 
_software.os 
_software.os_version 
_software.type 
_software.version 
_software.pdbx_ordinal 
? refinement        ? ? ? ? ? ? ? ? ? ? ? PHENIX      ? ? ? 1.19.1_4122 1 
? 'data scaling'    ? ? ? ? ? ? ? ? ? ? ? HKL-3000    ? ? ? 7.21        2 
? 'data extraction' ? ? ? ? ? ? ? ? ? ? ? PDB_EXTRACT ? ? ? 3.27        3 
? 'data reduction'  ? ? ? ? ? ? ? ? ? ? ? HKL-3000    ? ? ? 7.21        4 
? phasing           ? ? ? ? ? ? ? ? ? ? ? PHASER      ? ? ? 2.7.0       5 
# 
_cell.angle_alpha                  90.000 
_cell.angle_alpha_esd              ? 
_cell.angle_beta                   90.000 
_cell.angle_beta_esd               ? 
_cell.angle_gamma                  120.000 
_cell.angle_gamma_esd              ? 
_cell.entry_id                     7YOA 
_cell.details                      ? 
_cell.formula_units_Z              ? 
_cell.length_a                     54.436 
_cell.length_a_esd                 ? 
_cell.length_b                     54.436 
_cell.length_b_esd                 ? 
_cell.length_c                     99.457 
_cell.length_c_esd                 ? 
_cell.volume                       ? 
_cell.volume_esd                   ? 
_cell.Z_PDB                        24 
_cell.reciprocal_angle_alpha       ? 
_cell.reciprocal_angle_beta        ? 
_cell.reciprocal_angle_gamma       ? 
_cell.reciprocal_angle_alpha_esd   ? 
_cell.reciprocal_angle_beta_esd    ? 
_cell.reciprocal_angle_gamma_esd   ? 
_cell.reciprocal_length_a          ? 
_cell.reciprocal_length_b          ? 
_cell.reciprocal_length_c          ? 
_cell.reciprocal_length_a_esd      ? 
_cell.reciprocal_length_b_esd      ? 
_cell.reciprocal_length_c_esd      ? 
_cell.pdbx_unique_axis             ? 
_cell.pdbx_esd_method              ? 
# 
_symmetry.entry_id                         7YOA 
_symmetry.cell_setting                     ? 
_symmetry.Int_Tables_number                179 
_symmetry.space_group_name_Hall            ? 
_symmetry.space_group_name_H-M             'P 65 2 2' 
_symmetry.pdbx_full_space_group_name_H-M   ? 
# 
_exptl.absorpt_coefficient_mu     ? 
_exptl.absorpt_correction_T_max   ? 
_exptl.absorpt_correction_T_min   ? 
_exptl.absorpt_correction_type    ? 
_exptl.absorpt_process_details    ? 
_exptl.entry_id                   7YOA 
_exptl.crystals_number            1 
_exptl.details                    ? 
_exptl.method                     'X-RAY DIFFRACTION' 
_exptl.method_details             ? 
# 
_exptl_crystal.colour                       ? 
_exptl_crystal.density_diffrn               ? 
_exptl_crystal.density_Matthews             2.69 
_exptl_crystal.density_method               ? 
_exptl_crystal.density_percent_sol          54.19 
_exptl_crystal.description                  ? 
_exptl_crystal.F_000                        ? 
_exptl_crystal.id                           1 
_exptl_crystal.preparation                  ? 
_exptl_crystal.size_max                     ? 
_exptl_crystal.size_mid                     ? 
_exptl_crystal.size_min                     ? 
_exptl_crystal.size_rad                     ? 
_exptl_crystal.colour_lustre                ? 
_exptl_crystal.colour_modifier              ? 
_exptl_crystal.colour_primary               ? 
_exptl_crystal.density_meas                 ? 
_exptl_crystal.density_meas_esd             ? 
_exptl_crystal.density_meas_gt              ? 
_exptl_crystal.density_meas_lt              ? 
_exptl_crystal.density_meas_temp            ? 
_exptl_crystal.density_meas_temp_esd        ? 
_exptl_crystal.density_meas_temp_gt         ? 
_exptl_crystal.density_meas_temp_lt         ? 
_exptl_crystal.pdbx_crystal_image_url       ? 
_exptl_crystal.pdbx_crystal_image_format    ? 
_exptl_crystal.pdbx_mosaicity               ? 
_exptl_crystal.pdbx_mosaicity_esd           ? 
_exptl_crystal.pdbx_mosaic_method           ? 
_exptl_crystal.pdbx_mosaic_block_size       ? 
_exptl_crystal.pdbx_mosaic_block_size_esd   ? 
# 
_exptl_crystal_grow.apparatus       ? 
_exptl_crystal_grow.atmosphere      ? 
_exptl_crystal_grow.crystal_id      1 
_exptl_crystal_grow.details         ? 
_exptl_crystal_grow.method          'VAPOR DIFFUSION, SITTING DROP' 
_exptl_crystal_grow.method_ref      ? 
_exptl_crystal_grow.pH              5.6 
_exptl_crystal_grow.pressure        ? 
_exptl_crystal_grow.pressure_esd    ? 
_exptl_crystal_grow.seeding         ? 
_exptl_crystal_grow.seeding_ref     ? 
_exptl_crystal_grow.temp            300 
_exptl_crystal_grow.temp_details    ? 
_exptl_crystal_grow.temp_esd        ? 
_exptl_crystal_grow.time            ? 
_exptl_crystal_grow.pdbx_details    '0.1 M Sodium acetate trihydrate;1.5 M ammonium sulfate' 
_exptl_crystal_grow.pdbx_pH_range   ? 
# 
_diffrn.ambient_environment              ? 
_diffrn.ambient_temp                     100 
_diffrn.ambient_temp_details             ? 
_diffrn.ambient_temp_esd                 ? 
_diffrn.crystal_id                       1 
_diffrn.crystal_support                  ? 
_diffrn.crystal_treatment                ? 
_diffrn.details                          ? 
_diffrn.id                               1 
_diffrn.ambient_pressure                 ? 
_diffrn.ambient_pressure_esd             ? 
_diffrn.ambient_pressure_gt              ? 
_diffrn.ambient_pressure_lt              ? 
_diffrn.ambient_temp_gt                  ? 
_diffrn.ambient_temp_lt                  ? 
_diffrn.pdbx_serial_crystal_experiment   N 
# 
_diffrn_detector.details                      ? 
_diffrn_detector.detector                     PIXEL 
_diffrn_detector.diffrn_id                    1 
_diffrn_detector.type                         'DECTRIS PILATUS3 6M' 
_diffrn_detector.area_resol_mean              ? 
_diffrn_detector.dtime                        ? 
_diffrn_detector.pdbx_frames_total            ? 
_diffrn_detector.pdbx_collection_time_total   ? 
_diffrn_detector.pdbx_collection_date         2022-01-10 
_diffrn_detector.pdbx_frequency               ? 
# 
_diffrn_radiation.collimation                      ? 
_diffrn_radiation.diffrn_id                        1 
_diffrn_radiation.filter_edge                      ? 
_diffrn_radiation.inhomogeneity                    ? 
_diffrn_radiation.monochromator                    ? 
_diffrn_radiation.polarisn_norm                    ? 
_diffrn_radiation.polarisn_ratio                   ? 
_diffrn_radiation.probe                            ? 
_diffrn_radiation.type                             ? 
_diffrn_radiation.xray_symbol                      ? 
_diffrn_radiation.wavelength_id                    1 
_diffrn_radiation.pdbx_monochromatic_or_laue_m_l   M 
_diffrn_radiation.pdbx_wavelength_list             ? 
_diffrn_radiation.pdbx_wavelength                  ? 
_diffrn_radiation.pdbx_diffrn_protocol             'SINGLE WAVELENGTH' 
_diffrn_radiation.pdbx_analyzer                    ? 
_diffrn_radiation.pdbx_scattering_type             x-ray 
# 
_diffrn_radiation_wavelength.id           1 
_diffrn_radiation_wavelength.wavelength   0.97853 
_diffrn_radiation_wavelength.wt           1.0 
# 
_diffrn_source.current                     ? 
_diffrn_source.details                     ? 
_diffrn_source.diffrn_id                   1 
_diffrn_source.power                       ? 
_diffrn_source.size                        ? 
_diffrn_source.source                      SYNCHROTRON 
_diffrn_source.target                      ? 
_diffrn_source.type                        'SSRF BEAMLINE BL19U1' 
_diffrn_source.voltage                     ? 
_diffrn_source.take-off_angle              ? 
_diffrn_source.pdbx_wavelength_list        0.97853 
_diffrn_source.pdbx_wavelength             ? 
_diffrn_source.pdbx_synchrotron_beamline   BL19U1 
_diffrn_source.pdbx_synchrotron_site       SSRF 
# 
_reflns.B_iso_Wilson_estimate                          11.660 
_reflns.entry_id                                       7YOA 
_reflns.data_reduction_details                         ? 
_reflns.data_reduction_method                          ? 
_reflns.d_resolution_high                              1.670 
_reflns.d_resolution_low                               50.000 
_reflns.details                                        ? 
_reflns.limit_h_max                                    ? 
_reflns.limit_h_min                                    ? 
_reflns.limit_k_max                                    ? 
_reflns.limit_k_min                                    ? 
_reflns.limit_l_max                                    ? 
_reflns.limit_l_min                                    ? 
_reflns.number_all                                     ? 
_reflns.number_obs                                     17321 
_reflns.observed_criterion                             ? 
_reflns.observed_criterion_F_max                       ? 
_reflns.observed_criterion_F_min                       ? 
_reflns.observed_criterion_I_max                       ? 
_reflns.observed_criterion_I_min                       ? 
_reflns.observed_criterion_sigma_F                     ? 
_reflns.observed_criterion_sigma_I                     ? 
_reflns.percent_possible_obs                           98.700 
_reflns.R_free_details                                 ? 
_reflns.Rmerge_F_all                                   ? 
_reflns.Rmerge_F_obs                                   ? 
_reflns.Friedel_coverage                               ? 
_reflns.number_gt                                      ? 
_reflns.threshold_expression                           ? 
_reflns.pdbx_redundancy                                35.400 
_reflns.pdbx_Rmerge_I_obs                              0.053 
_reflns.pdbx_Rmerge_I_all                              ? 
_reflns.pdbx_Rsym_value                                ? 
_reflns.pdbx_netI_over_av_sigmaI                       ? 
_reflns.pdbx_netI_over_sigmaI                          9.500 
_reflns.pdbx_res_netI_over_av_sigmaI_2                 ? 
_reflns.pdbx_res_netI_over_sigmaI_2                    ? 
_reflns.pdbx_chi_squared                               0.950 
_reflns.pdbx_scaling_rejects                           ? 
_reflns.pdbx_d_res_high_opt                            ? 
_reflns.pdbx_d_res_low_opt                             ? 
_reflns.pdbx_d_res_opt_method                          ? 
_reflns.phase_calculation_details                      ? 
_reflns.pdbx_Rrim_I_all                                0.054 
_reflns.pdbx_Rpim_I_all                                ? 
_reflns.pdbx_d_opt                                     ? 
_reflns.pdbx_number_measured_all                       ? 
_reflns.pdbx_diffrn_id                                 1 
_reflns.pdbx_ordinal                                   1 
_reflns.pdbx_CC_half                                   ? 
_reflns.pdbx_CC_star                                   ? 
_reflns.pdbx_R_split                                   ? 
_reflns.pdbx_aniso_diffraction_limit_axis_1_ortho[1]   ? 
_reflns.pdbx_aniso_diffraction_limit_axis_1_ortho[2]   ? 
_reflns.pdbx_aniso_diffraction_limit_axis_1_ortho[3]   ? 
_reflns.pdbx_aniso_diffraction_limit_axis_2_ortho[1]   ? 
_reflns.pdbx_aniso_diffraction_limit_axis_2_ortho[2]   ? 
_reflns.pdbx_aniso_diffraction_limit_axis_2_ortho[3]   ? 
_reflns.pdbx_aniso_diffraction_limit_axis_3_ortho[1]   ? 
_reflns.pdbx_aniso_diffraction_limit_axis_3_ortho[2]   ? 
_reflns.pdbx_aniso_diffraction_limit_axis_3_ortho[3]   ? 
_reflns.pdbx_aniso_diffraction_limit_1                 ? 
_reflns.pdbx_aniso_diffraction_limit_2                 ? 
_reflns.pdbx_aniso_diffraction_limit_3                 ? 
_reflns.pdbx_aniso_B_tensor_eigenvector_1_ortho[1]     ? 
_reflns.pdbx_aniso_B_tensor_eigenvector_1_ortho[2]     ? 
_reflns.pdbx_aniso_B_tensor_eigenvector_1_ortho[3]     ? 
_reflns.pdbx_aniso_B_tensor_eigenvector_2_ortho[1]     ? 
_reflns.pdbx_aniso_B_tensor_eigenvector_2_ortho[2]     ? 
_reflns.pdbx_aniso_B_tensor_eigenvector_2_ortho[3]     ? 
_reflns.pdbx_aniso_B_tensor_eigenvector_3_ortho[1]     ? 
_reflns.pdbx_aniso_B_tensor_eigenvector_3_ortho[2]     ? 
_reflns.pdbx_aniso_B_tensor_eigenvector_3_ortho[3]     ? 
_reflns.pdbx_aniso_B_tensor_eigenvalue_1               ? 
_reflns.pdbx_aniso_B_tensor_eigenvalue_2               ? 
_reflns.pdbx_aniso_B_tensor_eigenvalue_3               ? 
_reflns.pdbx_orthogonalization_convention              ? 
_reflns.pdbx_percent_possible_ellipsoidal              ? 
_reflns.pdbx_percent_possible_spherical                ? 
_reflns.pdbx_percent_possible_ellipsoidal_anomalous    ? 
_reflns.pdbx_percent_possible_spherical_anomalous      ? 
_reflns.pdbx_redundancy_anomalous                      ? 
_reflns.pdbx_CC_half_anomalous                         ? 
_reflns.pdbx_absDiff_over_sigma_anomalous              ? 
_reflns.pdbx_percent_possible_anomalous                ? 
_reflns.pdbx_observed_signal_threshold                 ? 
_reflns.pdbx_signal_type                               ? 
_reflns.pdbx_signal_details                            ? 
_reflns.pdbx_signal_software_id                        ? 
_reflns.pdbx_CC_split_method                           ? 
# 
loop_
_reflns_shell.d_res_high 
_reflns_shell.d_res_low 
_reflns_shell.meanI_over_sigI_all 
_reflns_shell.meanI_over_sigI_obs 
_reflns_shell.number_measured_all 
_reflns_shell.number_measured_obs 
_reflns_shell.number_possible 
_reflns_shell.number_unique_all 
_reflns_shell.number_unique_obs 
_reflns_shell.percent_possible_all 
_reflns_shell.percent_possible_obs 
_reflns_shell.Rmerge_F_all 
_reflns_shell.Rmerge_F_obs 
_reflns_shell.Rmerge_I_all 
_reflns_shell.Rmerge_I_obs 
_reflns_shell.meanI_over_sigI_gt 
_reflns_shell.meanI_over_uI_all 
_reflns_shell.meanI_over_uI_gt 
_reflns_shell.number_measured_gt 
_reflns_shell.number_unique_gt 
_reflns_shell.percent_possible_gt 
_reflns_shell.Rmerge_F_gt 
_reflns_shell.Rmerge_I_gt 
_reflns_shell.pdbx_redundancy 
_reflns_shell.pdbx_Rsym_value 
_reflns_shell.pdbx_chi_squared 
_reflns_shell.pdbx_netI_over_sigmaI_all 
_reflns_shell.pdbx_netI_over_sigmaI_obs 
_reflns_shell.pdbx_Rrim_I_all 
_reflns_shell.pdbx_Rpim_I_all 
_reflns_shell.pdbx_rejects 
_reflns_shell.pdbx_ordinal 
_reflns_shell.pdbx_diffrn_id 
_reflns_shell.pdbx_CC_half 
_reflns_shell.pdbx_CC_star 
_reflns_shell.pdbx_R_split 
_reflns_shell.pdbx_percent_possible_ellipsoidal 
_reflns_shell.pdbx_percent_possible_spherical 
_reflns_shell.pdbx_percent_possible_ellipsoidal_anomalous 
_reflns_shell.pdbx_percent_possible_spherical_anomalous 
_reflns_shell.pdbx_redundancy_anomalous 
_reflns_shell.pdbx_CC_half_anomalous 
_reflns_shell.pdbx_absDiff_over_sigma_anomalous 
_reflns_shell.pdbx_percent_possible_anomalous 
1.670 1.700  ? ? ? ? ? ? 460 88.500  ? ? ? ? 0.318 ? ? ? ? ? ? ? ? 29.000 ? 0.997 ? ? 0.323 0.056 ? 1  1 0.989 ? ? ? ? ? ? ? ? ? ? 
1.700 1.730  ? ? ? ? ? ? 473 92.900  ? ? ? ? 0.283 ? ? ? ? ? ? ? ? 29.700 ? 0.987 ? ? 0.288 0.049 ? 2  1 0.991 ? ? ? ? ? ? ? ? ? ? 
1.730 1.760  ? ? ? ? ? ? 498 95.000  ? ? ? ? 0.269 ? ? ? ? ? ? ? ? 32.100 ? 0.981 ? ? 0.273 0.047 ? 3  1 0.993 ? ? ? ? ? ? ? ? ? ? 
1.760 1.800  ? ? ? ? ? ? 522 98.100  ? ? ? ? 0.240 ? ? ? ? ? ? ? ? 32.600 ? 1.046 ? ? 0.244 0.042 ? 4  1 0.995 ? ? ? ? ? ? ? ? ? ? 
1.800 1.840  ? ? ? ? ? ? 510 99.400  ? ? ? ? 0.200 ? ? ? ? ? ? ? ? 33.300 ? 1.036 ? ? 0.203 0.034 ? 5  1 0.997 ? ? ? ? ? ? ? ? ? ? 
1.840 1.880  ? ? ? ? ? ? 525 100.000 ? ? ? ? 0.182 ? ? ? ? ? ? ? ? 38.200 ? 1.053 ? ? 0.184 0.029 ? 6  1 0.997 ? ? ? ? ? ? ? ? ? ? 
1.880 1.930  ? ? ? ? ? ? 518 100.000 ? ? ? ? 0.160 ? ? ? ? ? ? ? ? 38.600 ? 1.012 ? ? 0.162 0.026 ? 7  1 0.998 ? ? ? ? ? ? ? ? ? ? 
1.930 1.980  ? ? ? ? ? ? 529 100.000 ? ? ? ? 0.126 ? ? ? ? ? ? ? ? 38.300 ? 0.995 ? ? 0.128 0.021 ? 8  1 0.999 ? ? ? ? ? ? ? ? ? ? 
1.980 2.040  ? ? ? ? ? ? 512 100.000 ? ? ? ? 0.112 ? ? ? ? ? ? ? ? 37.700 ? 0.978 ? ? 0.113 0.018 ? 9  1 0.999 ? ? ? ? ? ? ? ? ? ? 
2.040 2.100  ? ? ? ? ? ? 538 100.000 ? ? ? ? 0.099 ? ? ? ? ? ? ? ? 36.800 ? 0.963 ? ? 0.101 0.017 ? 10 1 0.999 ? ? ? ? ? ? ? ? ? ? 
2.100 2.180  ? ? ? ? ? ? 537 99.800  ? ? ? ? 0.087 ? ? ? ? ? ? ? ? 34.200 ? 0.938 ? ? 0.089 0.015 ? 11 1 0.999 ? ? ? ? ? ? ? ? ? ? 
2.180 2.270  ? ? ? ? ? ? 524 100.000 ? ? ? ? 0.078 ? ? ? ? ? ? ? ? 37.600 ? 0.968 ? ? 0.079 0.013 ? 12 1 0.999 ? ? ? ? ? ? ? ? ? ? 
2.270 2.370  ? ? ? ? ? ? 534 100.000 ? ? ? ? 0.070 ? ? ? ? ? ? ? ? 38.400 ? 0.910 ? ? 0.071 0.011 ? 13 1 0.999 ? ? ? ? ? ? ? ? ? ? 
2.370 2.490  ? ? ? ? ? ? 533 100.000 ? ? ? ? 0.060 ? ? ? ? ? ? ? ? 37.900 ? 0.905 ? ? 0.060 0.010 ? 14 1 0.999 ? ? ? ? ? ? ? ? ? ? 
2.490 2.650  ? ? ? ? ? ? 531 100.000 ? ? ? ? 0.055 ? ? ? ? ? ? ? ? 37.400 ? 0.875 ? ? 0.055 0.009 ? 15 1 0.999 ? ? ? ? ? ? ? ? ? ? 
2.650 2.860  ? ? ? ? ? ? 550 99.800  ? ? ? ? 0.050 ? ? ? ? ? ? ? ? 34.100 ? 0.829 ? ? 0.051 0.009 ? 16 1 0.999 ? ? ? ? ? ? ? ? ? ? 
2.860 3.140  ? ? ? ? ? ? 548 100.000 ? ? ? ? 0.044 ? ? ? ? ? ? ? ? 38.100 ? 0.820 ? ? 0.045 0.007 ? 17 1 1.000 ? ? ? ? ? ? ? ? ? ? 
3.140 3.600  ? ? ? ? ? ? 550 100.000 ? ? ? ? 0.041 ? ? ? ? ? ? ? ? 37.200 ? 0.866 ? ? 0.041 0.007 ? 18 1 1.000 ? ? ? ? ? ? ? ? ? ? 
3.600 4.530  ? ? ? ? ? ? 578 99.800  ? ? ? ? 0.043 ? ? ? ? ? ? ? ? 33.500 ? 0.917 ? ? 0.043 0.007 ? 19 1 0.999 ? ? ? ? ? ? ? ? ? ? 
4.530 50.000 ? ? ? ? ? ? 641 99.800  ? ? ? ? 0.044 ? ? ? ? ? ? ? ? 31.700 ? 0.982 ? ? 0.045 0.008 ? 20 1 0.999 ? ? ? ? ? ? ? ? ? ? 
# 
_refine.aniso_B[1][1]                            ? 
_refine.aniso_B[1][2]                            ? 
_refine.aniso_B[1][3]                            ? 
_refine.aniso_B[2][2]                            ? 
_refine.aniso_B[2][3]                            ? 
_refine.aniso_B[3][3]                            ? 
_refine.B_iso_max                                80.310 
_refine.B_iso_mean                               28.7786 
_refine.B_iso_min                                9.720 
_refine.correlation_coeff_Fo_to_Fc               ? 
_refine.correlation_coeff_Fo_to_Fc_free          ? 
_refine.details                                  ? 
_refine.diff_density_max                         ? 
_refine.diff_density_max_esd                     ? 
_refine.diff_density_min                         ? 
_refine.diff_density_min_esd                     ? 
_refine.diff_density_rms                         ? 
_refine.diff_density_rms_esd                     ? 
_refine.entry_id                                 7YOA 
_refine.pdbx_refine_id                           'X-RAY DIFFRACTION' 
_refine.ls_abs_structure_details                 ? 
_refine.ls_abs_structure_Flack                   ? 
_refine.ls_abs_structure_Flack_esd               ? 
_refine.ls_abs_structure_Rogers                  ? 
_refine.ls_abs_structure_Rogers_esd              ? 
_refine.ls_d_res_high                            1.6700 
_refine.ls_d_res_low                             27.2200 
_refine.ls_extinction_coef                       ? 
_refine.ls_extinction_coef_esd                   ? 
_refine.ls_extinction_expression                 ? 
_refine.ls_extinction_method                     ? 
_refine.ls_goodness_of_fit_all                   ? 
_refine.ls_goodness_of_fit_all_esd               ? 
_refine.ls_goodness_of_fit_obs                   ? 
_refine.ls_goodness_of_fit_obs_esd               ? 
_refine.ls_hydrogen_treatment                    ? 
_refine.ls_matrix_type                           ? 
_refine.ls_number_constraints                    ? 
_refine.ls_number_parameters                     ? 
_refine.ls_number_reflns_all                     ? 
_refine.ls_number_reflns_obs                     17321 
_refine.ls_number_reflns_R_free                  863 
_refine.ls_number_reflns_R_work                  16458 
_refine.ls_number_restraints                     ? 
_refine.ls_percent_reflns_obs                    90.5500 
_refine.ls_percent_reflns_R_free                 4.9800 
_refine.ls_R_factor_all                          ? 
_refine.ls_R_factor_obs                          0.2241 
_refine.ls_R_factor_R_free                       0.2544 
_refine.ls_R_factor_R_free_error                 ? 
_refine.ls_R_factor_R_free_error_details         ? 
_refine.ls_R_factor_R_work                       0.2226 
_refine.ls_R_Fsqd_factor_obs                     ? 
_refine.ls_R_I_factor_obs                        ? 
_refine.ls_redundancy_reflns_all                 ? 
_refine.ls_redundancy_reflns_obs                 ? 
_refine.ls_restrained_S_all                      ? 
_refine.ls_restrained_S_obs                      ? 
_refine.ls_shift_over_esd_max                    ? 
_refine.ls_shift_over_esd_mean                   ? 
_refine.ls_structure_factor_coef                 ? 
_refine.ls_weighting_details                     ? 
_refine.ls_weighting_scheme                      ? 
_refine.ls_wR_factor_all                         ? 
_refine.ls_wR_factor_obs                         ? 
_refine.ls_wR_factor_R_free                      ? 
_refine.ls_wR_factor_R_work                      ? 
_refine.occupancy_max                            ? 
_refine.occupancy_min                            ? 
_refine.solvent_model_details                    'FLAT BULK SOLVENT MODEL' 
_refine.solvent_model_param_bsol                 ? 
_refine.solvent_model_param_ksol                 ? 
_refine.pdbx_R_complete                          ? 
_refine.ls_R_factor_gt                           ? 
_refine.ls_goodness_of_fit_gt                    ? 
_refine.ls_goodness_of_fit_ref                   ? 
_refine.ls_shift_over_su_max                     ? 
_refine.ls_shift_over_su_max_lt                  ? 
_refine.ls_shift_over_su_mean                    ? 
_refine.ls_shift_over_su_mean_lt                 ? 
_refine.pdbx_ls_sigma_I                          ? 
_refine.pdbx_ls_sigma_F                          0.340 
_refine.pdbx_ls_sigma_Fsqd                       ? 
_refine.pdbx_data_cutoff_high_absF               ? 
_refine.pdbx_data_cutoff_high_rms_absF           ? 
_refine.pdbx_data_cutoff_low_absF                ? 
_refine.pdbx_isotropic_thermal_model             ? 
_refine.pdbx_ls_cross_valid_method               THROUGHOUT 
_refine.pdbx_method_to_determine_struct          'MOLECULAR REPLACEMENT' 
_refine.pdbx_starting_model                      2GW9 
_refine.pdbx_stereochemistry_target_values       ML 
_refine.pdbx_R_Free_selection_details            RANDOM 
_refine.pdbx_stereochem_target_val_spec_case     ? 
_refine.pdbx_overall_ESU_R                       ? 
_refine.pdbx_overall_ESU_R_Free                  ? 
_refine.pdbx_solvent_vdw_probe_radii             1.1100 
_refine.pdbx_solvent_ion_probe_radii             ? 
_refine.pdbx_solvent_shrinkage_radii             0.9000 
_refine.pdbx_real_space_R                        ? 
_refine.pdbx_density_correlation                 ? 
_refine.pdbx_pd_number_of_powder_patterns        ? 
_refine.pdbx_pd_number_of_points                 ? 
_refine.pdbx_pd_meas_number_of_points            ? 
_refine.pdbx_pd_proc_ls_prof_R_factor            ? 
_refine.pdbx_pd_proc_ls_prof_wR_factor           ? 
_refine.pdbx_pd_Marquardt_correlation_coeff      ? 
_refine.pdbx_pd_Fsqrd_R_factor                   ? 
_refine.pdbx_pd_ls_matrix_band_width             ? 
_refine.pdbx_overall_phase_error                 27.1500 
_refine.pdbx_overall_SU_R_free_Cruickshank_DPI   ? 
_refine.pdbx_overall_SU_R_free_Blow_DPI          ? 
_refine.pdbx_overall_SU_R_Blow_DPI               ? 
_refine.pdbx_TLS_residual_ADP_flag               ? 
_refine.pdbx_diffrn_id                           1 
_refine.overall_SU_B                             ? 
_refine.overall_SU_ML                            0.1700 
_refine.overall_SU_R_Cruickshank_DPI             ? 
_refine.overall_SU_R_free                        ? 
_refine.overall_FOM_free_R_set                   ? 
_refine.overall_FOM_work_R_set                   ? 
_refine.pdbx_average_fsc_overall                 ? 
_refine.pdbx_average_fsc_work                    ? 
_refine.pdbx_average_fsc_free                    ? 
# 
_refine_hist.pdbx_refine_id                   'X-RAY DIFFRACTION' 
_refine_hist.cycle_id                         final 
_refine_hist.details                          ? 
_refine_hist.d_res_high                       1.6700 
_refine_hist.d_res_low                        27.2200 
_refine_hist.number_atoms_solvent             31 
_refine_hist.number_atoms_total               594 
_refine_hist.number_reflns_all                ? 
_refine_hist.number_reflns_obs                ? 
_refine_hist.number_reflns_R_free             ? 
_refine_hist.number_reflns_R_work             ? 
_refine_hist.R_factor_all                     ? 
_refine_hist.R_factor_obs                     ? 
_refine_hist.R_factor_R_free                  ? 
_refine_hist.R_factor_R_work                  ? 
_refine_hist.pdbx_number_residues_total       66 
_refine_hist.pdbx_B_iso_mean_ligand           46.08 
_refine_hist.pdbx_B_iso_mean_solvent          31.31 
_refine_hist.pdbx_number_atoms_protein        538 
_refine_hist.pdbx_number_atoms_nucleic_acid   0 
_refine_hist.pdbx_number_atoms_ligand         25 
_refine_hist.pdbx_number_atoms_lipid          ? 
_refine_hist.pdbx_number_atoms_carb           ? 
_refine_hist.pdbx_pseudo_atom_details         ? 
# 
loop_
_refine_ls_shell.pdbx_refine_id 
_refine_ls_shell.d_res_high 
_refine_ls_shell.d_res_low 
_refine_ls_shell.number_reflns_all 
_refine_ls_shell.number_reflns_obs 
_refine_ls_shell.number_reflns_R_free 
_refine_ls_shell.number_reflns_R_work 
_refine_ls_shell.percent_reflns_obs 
_refine_ls_shell.percent_reflns_R_free 
_refine_ls_shell.R_factor_all 
_refine_ls_shell.R_factor_obs 
_refine_ls_shell.R_factor_R_free 
_refine_ls_shell.R_factor_R_free_error 
_refine_ls_shell.R_factor_R_work 
_refine_ls_shell.redundancy_reflns_all 
_refine_ls_shell.redundancy_reflns_obs 
_refine_ls_shell.wR_factor_all 
_refine_ls_shell.wR_factor_obs 
_refine_ls_shell.wR_factor_R_free 
_refine_ls_shell.wR_factor_R_work 
_refine_ls_shell.pdbx_R_complete 
_refine_ls_shell.pdbx_total_number_of_bins_used 
_refine_ls_shell.pdbx_phase_error 
_refine_ls_shell.pdbx_fsc_work 
_refine_ls_shell.pdbx_fsc_free 
'X-RAY DIFFRACTION' 1.6700 1.7800  1987 . 113 1874 62.0000  . . . 0.3054 0.0000 0.2784 . . . . . . . 6 . . . 
'X-RAY DIFFRACTION' 1.7800 1.9100  2690 . 109 2581 85.0000  . . . 0.3157 0.0000 0.2717 . . . . . . . 6 . . . 
'X-RAY DIFFRACTION' 1.9100 2.1000  3095 . 173 2922 97.0000  . . . 0.2914 0.0000 0.2419 . . . . . . . 6 . . . 
'X-RAY DIFFRACTION' 2.1100 2.4100  3168 . 144 3024 100.0000 . . . 0.2853 0.0000 0.2513 . . . . . . . 6 . . . 
'X-RAY DIFFRACTION' 2.4100 3.0300  3197 . 176 3021 100.0000 . . . 0.2209 0.0000 0.2310 . . . . . . . 6 . . . 
'X-RAY DIFFRACTION' 3.0400 27.2200 3184 . 148 3036 100.0000 . . . 0.2289 0.0000 0.1797 . . . . . . . 6 . . . 
# 
_struct.entry_id                     7YOA 
_struct.title                        'High-resolution crystal structure of the mouse alpha-defensin cryptdin 14' 
_struct.pdbx_model_details           ? 
_struct.pdbx_formula_weight          ? 
_struct.pdbx_formula_weight_method   ? 
_struct.pdbx_model_type_details      ? 
_struct.pdbx_CASP_flag               N 
# 
_struct_keywords.entry_id        7YOA 
_struct_keywords.text            'defensin, antimicrobial peptide, dimer, ANTIBIOTIC' 
_struct_keywords.pdbx_keywords   ANTIBIOTIC 
# 
loop_
_struct_asym.id 
_struct_asym.pdbx_blank_PDB_chainid_flag 
_struct_asym.pdbx_modified 
_struct_asym.entity_id 
_struct_asym.details 
A N N 1 ? 
B N N 1 ? 
C N N 2 ? 
D N N 2 ? 
E N N 2 ? 
F N N 2 ? 
G N N 2 ? 
H N N 3 ? 
I N N 3 ? 
# 
_struct_ref.id                         1 
_struct_ref.db_name                    UNP 
_struct_ref.db_code                    DFA14_MOUSE 
_struct_ref.pdbx_db_accession          P50712 
_struct_ref.pdbx_db_isoform            ? 
_struct_ref.entity_id                  1 
_struct_ref.pdbx_seq_one_letter_code   LRDLVCYCRTRGCKRRERMNGTCRKGHLMHTLCCR 
_struct_ref.pdbx_align_begin           51 
# 
loop_
_struct_ref_seq.align_id 
_struct_ref_seq.ref_id 
_struct_ref_seq.pdbx_PDB_id_code 
_struct_ref_seq.pdbx_strand_id 
_struct_ref_seq.seq_align_beg 
_struct_ref_seq.pdbx_seq_align_beg_ins_code 
_struct_ref_seq.seq_align_end 
_struct_ref_seq.pdbx_seq_align_end_ins_code 
_struct_ref_seq.pdbx_db_accession 
_struct_ref_seq.db_align_beg 
_struct_ref_seq.pdbx_db_align_beg_ins_code 
_struct_ref_seq.db_align_end 
_struct_ref_seq.pdbx_db_align_end_ins_code 
_struct_ref_seq.pdbx_auth_seq_align_beg 
_struct_ref_seq.pdbx_auth_seq_align_end 
1 1 7YOA A 1 ? 35 ? P50712 51 ? 85 ? 1 35 
2 1 7YOA B 1 ? 35 ? P50712 51 ? 85 ? 1 35 
# 
_pdbx_struct_assembly.id                   1 
_pdbx_struct_assembly.details              author_and_software_defined_assembly 
_pdbx_struct_assembly.method_details       PISA 
_pdbx_struct_assembly.oligomeric_details   dimeric 
_pdbx_struct_assembly.oligomeric_count     2 
# 
loop_
_pdbx_struct_assembly_prop.biol_id 
_pdbx_struct_assembly_prop.type 
_pdbx_struct_assembly_prop.value 
_pdbx_struct_assembly_prop.details 
1 'ABSA (A^2)' 1980 ? 
1 MORE         -86  ? 
1 'SSA (A^2)'  5170 ? 
# 
_pdbx_struct_assembly_gen.assembly_id       1 
_pdbx_struct_assembly_gen.oper_expression   1 
_pdbx_struct_assembly_gen.asym_id_list      A,B,C,D,E,F,G,H,I 
# 
_pdbx_struct_assembly_auth_evidence.id                     1 
_pdbx_struct_assembly_auth_evidence.assembly_id            1 
_pdbx_struct_assembly_auth_evidence.experimental_support   none 
_pdbx_struct_assembly_auth_evidence.details                ? 
# 
_pdbx_struct_oper_list.id                   1 
_pdbx_struct_oper_list.type                 'identity operation' 
_pdbx_struct_oper_list.name                 1_555 
_pdbx_struct_oper_list.symmetry_operation   x,y,z 
_pdbx_struct_oper_list.matrix[1][1]         1.0000000000 
_pdbx_struct_oper_list.matrix[1][2]         0.0000000000 
_pdbx_struct_oper_list.matrix[1][3]         0.0000000000 
_pdbx_struct_oper_list.vector[1]            0.0000000000 
_pdbx_struct_oper_list.matrix[2][1]         0.0000000000 
_pdbx_struct_oper_list.matrix[2][2]         1.0000000000 
_pdbx_struct_oper_list.matrix[2][3]         0.0000000000 
_pdbx_struct_oper_list.vector[2]            0.0000000000 
_pdbx_struct_oper_list.matrix[3][1]         0.0000000000 
_pdbx_struct_oper_list.matrix[3][2]         0.0000000000 
_pdbx_struct_oper_list.matrix[3][3]         1.0000000000 
_pdbx_struct_oper_list.vector[3]            0.0000000000 
# 
loop_
_struct_conn.id 
_struct_conn.conn_type_id 
_struct_conn.pdbx_leaving_atom_flag 
_struct_conn.pdbx_PDB_id 
_struct_conn.ptnr1_label_asym_id 
_struct_conn.ptnr1_label_comp_id 
_struct_conn.ptnr1_label_seq_id 
_struct_conn.ptnr1_label_atom_id 
_struct_conn.pdbx_ptnr1_label_alt_id 
_struct_conn.pdbx_ptnr1_PDB_ins_code 
_struct_conn.pdbx_ptnr1_standard_comp_id 
_struct_conn.ptnr1_symmetry 
_struct_conn.ptnr2_label_asym_id 
_struct_conn.ptnr2_label_comp_id 
_struct_conn.ptnr2_label_seq_id 
_struct_conn.ptnr2_label_atom_id 
_struct_conn.pdbx_ptnr2_label_alt_id 
_struct_conn.pdbx_ptnr2_PDB_ins_code 
_struct_conn.ptnr1_auth_asym_id 
_struct_conn.ptnr1_auth_comp_id 
_struct_conn.ptnr1_auth_seq_id 
_struct_conn.ptnr2_auth_asym_id 
_struct_conn.ptnr2_auth_comp_id 
_struct_conn.ptnr2_auth_seq_id 
_struct_conn.ptnr2_symmetry 
_struct_conn.pdbx_ptnr3_label_atom_id 
_struct_conn.pdbx_ptnr3_label_seq_id 
_struct_conn.pdbx_ptnr3_label_comp_id 
_struct_conn.pdbx_ptnr3_label_asym_id 
_struct_conn.pdbx_ptnr3_label_alt_id 
_struct_conn.pdbx_ptnr3_PDB_ins_code 
_struct_conn.details 
_struct_conn.pdbx_dist_value 
_struct_conn.pdbx_value_order 
_struct_conn.pdbx_role 
disulf1 disulf ? ? A CYS 6  SG ? ? ? 1_555 A CYS 34 SG ? ? A CYS 6  A CYS 34 1_555 ? ? ? ? ? ? ? 2.011 ? ? 
disulf2 disulf ? ? A CYS 8  SG ? ? ? 1_555 A CYS 23 SG ? ? A CYS 8  A CYS 23 1_555 ? ? ? ? ? ? ? 2.059 ? ? 
disulf3 disulf ? ? A CYS 13 SG ? ? ? 1_555 A CYS 33 SG ? ? A CYS 13 A CYS 33 1_555 ? ? ? ? ? ? ? 2.042 ? ? 
disulf4 disulf ? ? B CYS 6  SG ? ? ? 1_555 B CYS 34 SG ? ? B CYS 6  B CYS 34 1_555 ? ? ? ? ? ? ? 2.068 ? ? 
disulf5 disulf ? ? B CYS 8  SG ? ? ? 1_555 B CYS 23 SG ? ? B CYS 8  B CYS 23 1_555 ? ? ? ? ? ? ? 2.025 ? ? 
disulf6 disulf ? ? B CYS 13 SG ? ? ? 1_555 B CYS 33 SG ? ? B CYS 13 B CYS 33 1_555 ? ? ? ? ? ? ? 2.060 ? ? 
# 
_struct_conn_type.id          disulf 
_struct_conn_type.criteria    ? 
_struct_conn_type.reference   ? 
# 
loop_
_pdbx_modification_feature.ordinal 
_pdbx_modification_feature.label_comp_id 
_pdbx_modification_feature.label_asym_id 
_pdbx_modification_feature.label_seq_id 
_pdbx_modification_feature.label_alt_id 
_pdbx_modification_feature.modified_residue_label_comp_id 
_pdbx_modification_feature.modified_residue_label_asym_id 
_pdbx_modification_feature.modified_residue_label_seq_id 
_pdbx_modification_feature.modified_residue_label_alt_id 
_pdbx_modification_feature.auth_comp_id 
_pdbx_modification_feature.auth_asym_id 
_pdbx_modification_feature.auth_seq_id 
_pdbx_modification_feature.PDB_ins_code 
_pdbx_modification_feature.symmetry 
_pdbx_modification_feature.modified_residue_auth_comp_id 
_pdbx_modification_feature.modified_residue_auth_asym_id 
_pdbx_modification_feature.modified_residue_auth_seq_id 
_pdbx_modification_feature.modified_residue_PDB_ins_code 
_pdbx_modification_feature.modified_residue_symmetry 
_pdbx_modification_feature.comp_id_linking_atom 
_pdbx_modification_feature.modified_residue_id_linking_atom 
_pdbx_modification_feature.modified_residue_id 
_pdbx_modification_feature.ref_pcm_id 
_pdbx_modification_feature.ref_comp_id 
_pdbx_modification_feature.type 
_pdbx_modification_feature.category 
1 CYS A 6  ? CYS A 34 ? CYS A 6  ? 1_555 CYS A 34 ? 1_555 SG SG . . . None 'Disulfide bridge' 
2 CYS A 8  ? CYS A 23 ? CYS A 8  ? 1_555 CYS A 23 ? 1_555 SG SG . . . None 'Disulfide bridge' 
3 CYS A 13 ? CYS A 33 ? CYS A 13 ? 1_555 CYS A 33 ? 1_555 SG SG . . . None 'Disulfide bridge' 
4 CYS B 6  ? CYS B 34 ? CYS B 6  ? 1_555 CYS B 34 ? 1_555 SG SG . . . None 'Disulfide bridge' 
5 CYS B 8  ? CYS B 23 ? CYS B 8  ? 1_555 CYS B 23 ? 1_555 SG SG . . . None 'Disulfide bridge' 
6 CYS B 13 ? CYS B 33 ? CYS B 13 ? 1_555 CYS B 33 ? 1_555 SG SG . . . None 'Disulfide bridge' 
# 
_struct_sheet.id               AA1 
_struct_sheet.type             ? 
_struct_sheet.number_strands   6 
_struct_sheet.details          ? 
# 
loop_
_struct_sheet_order.sheet_id 
_struct_sheet_order.range_id_1 
_struct_sheet_order.range_id_2 
_struct_sheet_order.offset 
_struct_sheet_order.sense 
AA1 1 2 ? anti-parallel 
AA1 2 3 ? anti-parallel 
AA1 3 4 ? parallel      
AA1 4 5 ? anti-parallel 
AA1 5 6 ? anti-parallel 
# 
loop_
_struct_sheet_range.sheet_id 
_struct_sheet_range.id 
_struct_sheet_range.beg_label_comp_id 
_struct_sheet_range.beg_label_asym_id 
_struct_sheet_range.beg_label_seq_id 
_struct_sheet_range.pdbx_beg_PDB_ins_code 
_struct_sheet_range.end_label_comp_id 
_struct_sheet_range.end_label_asym_id 
_struct_sheet_range.end_label_seq_id 
_struct_sheet_range.pdbx_end_PDB_ins_code 
_struct_sheet_range.beg_auth_comp_id 
_struct_sheet_range.beg_auth_asym_id 
_struct_sheet_range.beg_auth_seq_id 
_struct_sheet_range.end_auth_comp_id 
_struct_sheet_range.end_auth_asym_id 
_struct_sheet_range.end_auth_seq_id 
AA1 1 ARG A 18 ? LYS A 25 ? ARG A 18 LYS A 25 
AA1 2 LEU A 28 ? ARG A 35 ? LEU A 28 ARG A 35 
AA1 3 VAL A 5  ? ARG A 9  ? VAL A 5  ARG A 9  
AA1 4 LEU B 4  ? ARG B 9  ? LEU B 4  ARG B 9  
AA1 5 LEU B 28 ? ARG B 35 ? LEU B 28 ARG B 35 
AA1 6 ARG B 18 ? LYS B 25 ? ARG B 18 LYS B 25 
# 
loop_
_pdbx_struct_sheet_hbond.sheet_id 
_pdbx_struct_sheet_hbond.range_id_1 
_pdbx_struct_sheet_hbond.range_id_2 
_pdbx_struct_sheet_hbond.range_1_label_atom_id 
_pdbx_struct_sheet_hbond.range_1_label_comp_id 
_pdbx_struct_sheet_hbond.range_1_label_asym_id 
_pdbx_struct_sheet_hbond.range_1_label_seq_id 
_pdbx_struct_sheet_hbond.range_1_PDB_ins_code 
_pdbx_struct_sheet_hbond.range_1_auth_atom_id 
_pdbx_struct_sheet_hbond.range_1_auth_comp_id 
_pdbx_struct_sheet_hbond.range_1_auth_asym_id 
_pdbx_struct_sheet_hbond.range_1_auth_seq_id 
_pdbx_struct_sheet_hbond.range_2_label_atom_id 
_pdbx_struct_sheet_hbond.range_2_label_comp_id 
_pdbx_struct_sheet_hbond.range_2_label_asym_id 
_pdbx_struct_sheet_hbond.range_2_label_seq_id 
_pdbx_struct_sheet_hbond.range_2_PDB_ins_code 
_pdbx_struct_sheet_hbond.range_2_auth_atom_id 
_pdbx_struct_sheet_hbond.range_2_auth_comp_id 
_pdbx_struct_sheet_hbond.range_2_auth_asym_id 
_pdbx_struct_sheet_hbond.range_2_auth_seq_id 
AA1 1 2 N ARG A 18 ? N ARG A 18 O CYS A 34 ? O CYS A 34 
AA1 2 3 O THR A 31 ? O THR A 31 N ARG A 9  ? N ARG A 9  
AA1 3 4 N CYS A 8  ? N CYS A 8  O CYS B 6  ? O CYS B 6  
AA1 4 5 N TYR B 7  ? N TYR B 7  O CYS B 33 ? O CYS B 33 
AA1 5 6 O HIS B 30 ? O HIS B 30 N CYS B 23 ? N CYS B 23 
# 
_pdbx_entry_details.entry_id                   7YOA 
_pdbx_entry_details.nonpolymer_details         ? 
_pdbx_entry_details.sequence_details           ? 
_pdbx_entry_details.compound_details           ? 
_pdbx_entry_details.source_details             ? 
_pdbx_entry_details.has_ligand_of_interest     N 
_pdbx_entry_details.has_protein_modification   Y 
# 
_pdbx_validate_close_contact.id               1 
_pdbx_validate_close_contact.PDB_model_num    1 
_pdbx_validate_close_contact.auth_atom_id_1   O 
_pdbx_validate_close_contact.auth_asym_id_1   B 
_pdbx_validate_close_contact.auth_comp_id_1   HOH 
_pdbx_validate_close_contact.auth_seq_id_1    209 
_pdbx_validate_close_contact.PDB_ins_code_1   ? 
_pdbx_validate_close_contact.label_alt_id_1   ? 
_pdbx_validate_close_contact.auth_atom_id_2   O 
_pdbx_validate_close_contact.auth_asym_id_2   B 
_pdbx_validate_close_contact.auth_comp_id_2   HOH 
_pdbx_validate_close_contact.auth_seq_id_2    214 
_pdbx_validate_close_contact.PDB_ins_code_2   ? 
_pdbx_validate_close_contact.label_alt_id_2   ? 
_pdbx_validate_close_contact.dist             1.98 
# 
loop_
_pdbx_validate_torsion.id 
_pdbx_validate_torsion.PDB_model_num 
_pdbx_validate_torsion.auth_comp_id 
_pdbx_validate_torsion.auth_asym_id 
_pdbx_validate_torsion.auth_seq_id 
_pdbx_validate_torsion.PDB_ins_code 
_pdbx_validate_torsion.label_alt_id 
_pdbx_validate_torsion.phi 
_pdbx_validate_torsion.psi 
1 1 ARG A 11 ? ? -120.82 -133.57 
2 1 ASN B 20 ? ? -145.49 58.50   
# 
loop_
_pdbx_refine_tls.id 
_pdbx_refine_tls.pdbx_refine_id 
_pdbx_refine_tls.details 
_pdbx_refine_tls.method 
_pdbx_refine_tls.origin_x 
_pdbx_refine_tls.origin_y 
_pdbx_refine_tls.origin_z 
_pdbx_refine_tls.T[1][1] 
_pdbx_refine_tls.T[1][1]_esd 
_pdbx_refine_tls.T[1][2] 
_pdbx_refine_tls.T[1][2]_esd 
_pdbx_refine_tls.T[1][3] 
_pdbx_refine_tls.T[1][3]_esd 
_pdbx_refine_tls.T[2][2] 
_pdbx_refine_tls.T[2][2]_esd 
_pdbx_refine_tls.T[2][3] 
_pdbx_refine_tls.T[2][3]_esd 
_pdbx_refine_tls.T[3][3] 
_pdbx_refine_tls.T[3][3]_esd 
_pdbx_refine_tls.L[1][1] 
_pdbx_refine_tls.L[1][1]_esd 
_pdbx_refine_tls.L[1][2] 
_pdbx_refine_tls.L[1][2]_esd 
_pdbx_refine_tls.L[1][3] 
_pdbx_refine_tls.L[1][3]_esd 
_pdbx_refine_tls.L[2][2] 
_pdbx_refine_tls.L[2][2]_esd 
_pdbx_refine_tls.L[2][3] 
_pdbx_refine_tls.L[2][3]_esd 
_pdbx_refine_tls.L[3][3] 
_pdbx_refine_tls.L[3][3]_esd 
_pdbx_refine_tls.S[1][1] 
_pdbx_refine_tls.S[1][1]_esd 
_pdbx_refine_tls.S[1][2] 
_pdbx_refine_tls.S[1][2]_esd 
_pdbx_refine_tls.S[1][3] 
_pdbx_refine_tls.S[1][3]_esd 
_pdbx_refine_tls.S[2][1] 
_pdbx_refine_tls.S[2][1]_esd 
_pdbx_refine_tls.S[2][2] 
_pdbx_refine_tls.S[2][2]_esd 
_pdbx_refine_tls.S[2][3] 
_pdbx_refine_tls.S[2][3]_esd 
_pdbx_refine_tls.S[3][1] 
_pdbx_refine_tls.S[3][1]_esd 
_pdbx_refine_tls.S[3][2] 
_pdbx_refine_tls.S[3][2]_esd 
_pdbx_refine_tls.S[3][3] 
_pdbx_refine_tls.S[3][3]_esd 
1 'X-RAY DIFFRACTION' ? refined 4.6684  3.1006  3.0626  0.1231 ? -0.0744 ? -0.0078 ? 0.1364 ? -0.1239 ? 0.2006 ? 2.6294 ? 0.4233 ? 1.2626 ? 3.8908 ? -0.4793 ? 3.9986 ? -0.0557 ? 0.2803 ? -0.2199 ? -0.2609 ? 0.1569  ? -0.3985 ? 0.2990  ? 0.1584  ? -0.0822 ? 
2 'X-RAY DIFFRACTION' ? refined -4.9201 -3.0473 -3.2106 0.0719 ? -0.0469 ? -0.0118 ? 0.1200 ? -0.1427 ? 0.1801 ? 2.4207 ? 0.7782 ? 0.9158 ? 6.7819 ? 1.0732  ? 4.2664 ? 0.1305  ? 0.0251 ? -0.1371 ? 0.2653  ? -0.1058 ? 0.0138  ? -0.0158 ? -0.0515 ? -0.0252 ? 
# 
loop_
_pdbx_refine_tls_group.id 
_pdbx_refine_tls_group.pdbx_refine_id 
_pdbx_refine_tls_group.refine_tls_id 
_pdbx_refine_tls_group.beg_label_asym_id 
_pdbx_refine_tls_group.beg_label_seq_id 
_pdbx_refine_tls_group.beg_auth_asym_id 
_pdbx_refine_tls_group.beg_auth_seq_id 
_pdbx_refine_tls_group.beg_PDB_ins_code 
_pdbx_refine_tls_group.end_label_asym_id 
_pdbx_refine_tls_group.end_label_seq_id 
_pdbx_refine_tls_group.end_auth_asym_id 
_pdbx_refine_tls_group.end_auth_seq_id 
_pdbx_refine_tls_group.end_PDB_ins_code 
_pdbx_refine_tls_group.selection 
_pdbx_refine_tls_group.selection_details 
1 'X-RAY DIFFRACTION' 1 ? ? A 3 ? ? ? A 35 ? ? 
;(chain 'A' and resid 3 through 35)
;
2 'X-RAY DIFFRACTION' 2 ? ? B 3 ? ? ? B 35 ? ? 
;(chain 'B' and resid 3 through 35)
;
# 
loop_
_pdbx_unobs_or_zero_occ_residues.id 
_pdbx_unobs_or_zero_occ_residues.PDB_model_num 
_pdbx_unobs_or_zero_occ_residues.polymer_flag 
_pdbx_unobs_or_zero_occ_residues.occupancy_flag 
_pdbx_unobs_or_zero_occ_residues.auth_asym_id 
_pdbx_unobs_or_zero_occ_residues.auth_comp_id 
_pdbx_unobs_or_zero_occ_residues.auth_seq_id 
_pdbx_unobs_or_zero_occ_residues.PDB_ins_code 
_pdbx_unobs_or_zero_occ_residues.label_asym_id 
_pdbx_unobs_or_zero_occ_residues.label_comp_id 
_pdbx_unobs_or_zero_occ_residues.label_seq_id 
1 1 Y 1 A LEU 1 ? A LEU 1 
2 1 Y 1 A ARG 2 ? A ARG 2 
3 1 Y 1 B LEU 1 ? B LEU 1 
4 1 Y 1 B ARG 2 ? B ARG 2 
# 
loop_
_chem_comp_atom.comp_id 
_chem_comp_atom.atom_id 
_chem_comp_atom.type_symbol 
_chem_comp_atom.pdbx_aromatic_flag 
_chem_comp_atom.pdbx_stereo_config 
_chem_comp_atom.pdbx_ordinal 
ARG N    N N N 1   
ARG CA   C N S 2   
ARG C    C N N 3   
ARG O    O N N 4   
ARG CB   C N N 5   
ARG CG   C N N 6   
ARG CD   C N N 7   
ARG NE   N N N 8   
ARG CZ   C N N 9   
ARG NH1  N N N 10  
ARG NH2  N N N 11  
ARG OXT  O N N 12  
ARG H    H N N 13  
ARG H2   H N N 14  
ARG HA   H N N 15  
ARG HB2  H N N 16  
ARG HB3  H N N 17  
ARG HG2  H N N 18  
ARG HG3  H N N 19  
ARG HD2  H N N 20  
ARG HD3  H N N 21  
ARG HE   H N N 22  
ARG HH11 H N N 23  
ARG HH12 H N N 24  
ARG HH21 H N N 25  
ARG HH22 H N N 26  
ARG HXT  H N N 27  
ASN N    N N N 28  
ASN CA   C N S 29  
ASN C    C N N 30  
ASN O    O N N 31  
ASN CB   C N N 32  
ASN CG   C N N 33  
ASN OD1  O N N 34  
ASN ND2  N N N 35  
ASN OXT  O N N 36  
ASN H    H N N 37  
ASN H2   H N N 38  
ASN HA   H N N 39  
ASN HB2  H N N 40  
ASN HB3  H N N 41  
ASN HD21 H N N 42  
ASN HD22 H N N 43  
ASN HXT  H N N 44  
ASP N    N N N 45  
ASP CA   C N S 46  
ASP C    C N N 47  
ASP O    O N N 48  
ASP CB   C N N 49  
ASP CG   C N N 50  
ASP OD1  O N N 51  
ASP OD2  O N N 52  
ASP OXT  O N N 53  
ASP H    H N N 54  
ASP H2   H N N 55  
ASP HA   H N N 56  
ASP HB2  H N N 57  
ASP HB3  H N N 58  
ASP HD2  H N N 59  
ASP HXT  H N N 60  
CYS N    N N N 61  
CYS CA   C N R 62  
CYS C    C N N 63  
CYS O    O N N 64  
CYS CB   C N N 65  
CYS SG   S N N 66  
CYS OXT  O N N 67  
CYS H    H N N 68  
CYS H2   H N N 69  
CYS HA   H N N 70  
CYS HB2  H N N 71  
CYS HB3  H N N 72  
CYS HG   H N N 73  
CYS HXT  H N N 74  
GLU N    N N N 75  
GLU CA   C N S 76  
GLU C    C N N 77  
GLU O    O N N 78  
GLU CB   C N N 79  
GLU CG   C N N 80  
GLU CD   C N N 81  
GLU OE1  O N N 82  
GLU OE2  O N N 83  
GLU OXT  O N N 84  
GLU H    H N N 85  
GLU H2   H N N 86  
GLU HA   H N N 87  
GLU HB2  H N N 88  
GLU HB3  H N N 89  
GLU HG2  H N N 90  
GLU HG3  H N N 91  
GLU HE2  H N N 92  
GLU HXT  H N N 93  
GLY N    N N N 94  
GLY CA   C N N 95  
GLY C    C N N 96  
GLY O    O N N 97  
GLY OXT  O N N 98  
GLY H    H N N 99  
GLY H2   H N N 100 
GLY HA2  H N N 101 
GLY HA3  H N N 102 
GLY HXT  H N N 103 
HIS N    N N N 104 
HIS CA   C N S 105 
HIS C    C N N 106 
HIS O    O N N 107 
HIS CB   C N N 108 
HIS CG   C Y N 109 
HIS ND1  N Y N 110 
HIS CD2  C Y N 111 
HIS CE1  C Y N 112 
HIS NE2  N Y N 113 
HIS OXT  O N N 114 
HIS H    H N N 115 
HIS H2   H N N 116 
HIS HA   H N N 117 
HIS HB2  H N N 118 
HIS HB3  H N N 119 
HIS HD1  H N N 120 
HIS HD2  H N N 121 
HIS HE1  H N N 122 
HIS HE2  H N N 123 
HIS HXT  H N N 124 
HOH O    O N N 125 
HOH H1   H N N 126 
HOH H2   H N N 127 
LEU N    N N N 128 
LEU CA   C N S 129 
LEU C    C N N 130 
LEU O    O N N 131 
LEU CB   C N N 132 
LEU CG   C N N 133 
LEU CD1  C N N 134 
LEU CD2  C N N 135 
LEU OXT  O N N 136 
LEU H    H N N 137 
LEU H2   H N N 138 
LEU HA   H N N 139 
LEU HB2  H N N 140 
LEU HB3  H N N 141 
LEU HG   H N N 142 
LEU HD11 H N N 143 
LEU HD12 H N N 144 
LEU HD13 H N N 145 
LEU HD21 H N N 146 
LEU HD22 H N N 147 
LEU HD23 H N N 148 
LEU HXT  H N N 149 
LYS N    N N N 150 
LYS CA   C N S 151 
LYS C    C N N 152 
LYS O    O N N 153 
LYS CB   C N N 154 
LYS CG   C N N 155 
LYS CD   C N N 156 
LYS CE   C N N 157 
LYS NZ   N N N 158 
LYS OXT  O N N 159 
LYS H    H N N 160 
LYS H2   H N N 161 
LYS HA   H N N 162 
LYS HB2  H N N 163 
LYS HB3  H N N 164 
LYS HG2  H N N 165 
LYS HG3  H N N 166 
LYS HD2  H N N 167 
LYS HD3  H N N 168 
LYS HE2  H N N 169 
LYS HE3  H N N 170 
LYS HZ1  H N N 171 
LYS HZ2  H N N 172 
LYS HZ3  H N N 173 
LYS HXT  H N N 174 
MET N    N N N 175 
MET CA   C N S 176 
MET C    C N N 177 
MET O    O N N 178 
MET CB   C N N 179 
MET CG   C N N 180 
MET SD   S N N 181 
MET CE   C N N 182 
MET OXT  O N N 183 
MET H    H N N 184 
MET H2   H N N 185 
MET HA   H N N 186 
MET HB2  H N N 187 
MET HB3  H N N 188 
MET HG2  H N N 189 
MET HG3  H N N 190 
MET HE1  H N N 191 
MET HE2  H N N 192 
MET HE3  H N N 193 
MET HXT  H N N 194 
SO4 S    S N N 195 
SO4 O1   O N N 196 
SO4 O2   O N N 197 
SO4 O3   O N N 198 
SO4 O4   O N N 199 
THR N    N N N 200 
THR CA   C N S 201 
THR C    C N N 202 
THR O    O N N 203 
THR CB   C N R 204 
THR OG1  O N N 205 
THR CG2  C N N 206 
THR OXT  O N N 207 
THR H    H N N 208 
THR H2   H N N 209 
THR HA   H N N 210 
THR HB   H N N 211 
THR HG1  H N N 212 
THR HG21 H N N 213 
THR HG22 H N N 214 
THR HG23 H N N 215 
THR HXT  H N N 216 
TYR N    N N N 217 
TYR CA   C N S 218 
TYR C    C N N 219 
TYR O    O N N 220 
TYR CB   C N N 221 
TYR CG   C Y N 222 
TYR CD1  C Y N 223 
TYR CD2  C Y N 224 
TYR CE1  C Y N 225 
TYR CE2  C Y N 226 
TYR CZ   C Y N 227 
TYR OH   O N N 228 
TYR OXT  O N N 229 
TYR H    H N N 230 
TYR H2   H N N 231 
TYR HA   H N N 232 
TYR HB2  H N N 233 
TYR HB3  H N N 234 
TYR HD1  H N N 235 
TYR HD2  H N N 236 
TYR HE1  H N N 237 
TYR HE2  H N N 238 
TYR HH   H N N 239 
TYR HXT  H N N 240 
VAL N    N N N 241 
VAL CA   C N S 242 
VAL C    C N N 243 
VAL O    O N N 244 
VAL CB   C N N 245 
VAL CG1  C N N 246 
VAL CG2  C N N 247 
VAL OXT  O N N 248 
VAL H    H N N 249 
VAL H2   H N N 250 
VAL HA   H N N 251 
VAL HB   H N N 252 
VAL HG11 H N N 253 
VAL HG12 H N N 254 
VAL HG13 H N N 255 
VAL HG21 H N N 256 
VAL HG22 H N N 257 
VAL HG23 H N N 258 
VAL HXT  H N N 259 
# 
loop_
_chem_comp_bond.comp_id 
_chem_comp_bond.atom_id_1 
_chem_comp_bond.atom_id_2 
_chem_comp_bond.value_order 
_chem_comp_bond.pdbx_aromatic_flag 
_chem_comp_bond.pdbx_stereo_config 
_chem_comp_bond.pdbx_ordinal 
ARG N   CA   sing N N 1   
ARG N   H    sing N N 2   
ARG N   H2   sing N N 3   
ARG CA  C    sing N N 4   
ARG CA  CB   sing N N 5   
ARG CA  HA   sing N N 6   
ARG C   O    doub N N 7   
ARG C   OXT  sing N N 8   
ARG CB  CG   sing N N 9   
ARG CB  HB2  sing N N 10  
ARG CB  HB3  sing N N 11  
ARG CG  CD   sing N N 12  
ARG CG  HG2  sing N N 13  
ARG CG  HG3  sing N N 14  
ARG CD  NE   sing N N 15  
ARG CD  HD2  sing N N 16  
ARG CD  HD3  sing N N 17  
ARG NE  CZ   sing N N 18  
ARG NE  HE   sing N N 19  
ARG CZ  NH1  sing N N 20  
ARG CZ  NH2  doub N N 21  
ARG NH1 HH11 sing N N 22  
ARG NH1 HH12 sing N N 23  
ARG NH2 HH21 sing N N 24  
ARG NH2 HH22 sing N N 25  
ARG OXT HXT  sing N N 26  
ASN N   CA   sing N N 27  
ASN N   H    sing N N 28  
ASN N   H2   sing N N 29  
ASN CA  C    sing N N 30  
ASN CA  CB   sing N N 31  
ASN CA  HA   sing N N 32  
ASN C   O    doub N N 33  
ASN C   OXT  sing N N 34  
ASN CB  CG   sing N N 35  
ASN CB  HB2  sing N N 36  
ASN CB  HB3  sing N N 37  
ASN CG  OD1  doub N N 38  
ASN CG  ND2  sing N N 39  
ASN ND2 HD21 sing N N 40  
ASN ND2 HD22 sing N N 41  
ASN OXT HXT  sing N N 42  
ASP N   CA   sing N N 43  
ASP N   H    sing N N 44  
ASP N   H2   sing N N 45  
ASP CA  C    sing N N 46  
ASP CA  CB   sing N N 47  
ASP CA  HA   sing N N 48  
ASP C   O    doub N N 49  
ASP C   OXT  sing N N 50  
ASP CB  CG   sing N N 51  
ASP CB  HB2  sing N N 52  
ASP CB  HB3  sing N N 53  
ASP CG  OD1  doub N N 54  
ASP CG  OD2  sing N N 55  
ASP OD2 HD2  sing N N 56  
ASP OXT HXT  sing N N 57  
CYS N   CA   sing N N 58  
CYS N   H    sing N N 59  
CYS N   H2   sing N N 60  
CYS CA  C    sing N N 61  
CYS CA  CB   sing N N 62  
CYS CA  HA   sing N N 63  
CYS C   O    doub N N 64  
CYS C   OXT  sing N N 65  
CYS CB  SG   sing N N 66  
CYS CB  HB2  sing N N 67  
CYS CB  HB3  sing N N 68  
CYS SG  HG   sing N N 69  
CYS OXT HXT  sing N N 70  
GLU N   CA   sing N N 71  
GLU N   H    sing N N 72  
GLU N   H2   sing N N 73  
GLU CA  C    sing N N 74  
GLU CA  CB   sing N N 75  
GLU CA  HA   sing N N 76  
GLU C   O    doub N N 77  
GLU C   OXT  sing N N 78  
GLU CB  CG   sing N N 79  
GLU CB  HB2  sing N N 80  
GLU CB  HB3  sing N N 81  
GLU CG  CD   sing N N 82  
GLU CG  HG2  sing N N 83  
GLU CG  HG3  sing N N 84  
GLU CD  OE1  doub N N 85  
GLU CD  OE2  sing N N 86  
GLU OE2 HE2  sing N N 87  
GLU OXT HXT  sing N N 88  
GLY N   CA   sing N N 89  
GLY N   H    sing N N 90  
GLY N   H2   sing N N 91  
GLY CA  C    sing N N 92  
GLY CA  HA2  sing N N 93  
GLY CA  HA3  sing N N 94  
GLY C   O    doub N N 95  
GLY C   OXT  sing N N 96  
GLY OXT HXT  sing N N 97  
HIS N   CA   sing N N 98  
HIS N   H    sing N N 99  
HIS N   H2   sing N N 100 
HIS CA  C    sing N N 101 
HIS CA  CB   sing N N 102 
HIS CA  HA   sing N N 103 
HIS C   O    doub N N 104 
HIS C   OXT  sing N N 105 
HIS CB  CG   sing N N 106 
HIS CB  HB2  sing N N 107 
HIS CB  HB3  sing N N 108 
HIS CG  ND1  sing Y N 109 
HIS CG  CD2  doub Y N 110 
HIS ND1 CE1  doub Y N 111 
HIS ND1 HD1  sing N N 112 
HIS CD2 NE2  sing Y N 113 
HIS CD2 HD2  sing N N 114 
HIS CE1 NE2  sing Y N 115 
HIS CE1 HE1  sing N N 116 
HIS NE2 HE2  sing N N 117 
HIS OXT HXT  sing N N 118 
HOH O   H1   sing N N 119 
HOH O   H2   sing N N 120 
LEU N   CA   sing N N 121 
LEU N   H    sing N N 122 
LEU N   H2   sing N N 123 
LEU CA  C    sing N N 124 
LEU CA  CB   sing N N 125 
LEU CA  HA   sing N N 126 
LEU C   O    doub N N 127 
LEU C   OXT  sing N N 128 
LEU CB  CG   sing N N 129 
LEU CB  HB2  sing N N 130 
LEU CB  HB3  sing N N 131 
LEU CG  CD1  sing N N 132 
LEU CG  CD2  sing N N 133 
LEU CG  HG   sing N N 134 
LEU CD1 HD11 sing N N 135 
LEU CD1 HD12 sing N N 136 
LEU CD1 HD13 sing N N 137 
LEU CD2 HD21 sing N N 138 
LEU CD2 HD22 sing N N 139 
LEU CD2 HD23 sing N N 140 
LEU OXT HXT  sing N N 141 
LYS N   CA   sing N N 142 
LYS N   H    sing N N 143 
LYS N   H2   sing N N 144 
LYS CA  C    sing N N 145 
LYS CA  CB   sing N N 146 
LYS CA  HA   sing N N 147 
LYS C   O    doub N N 148 
LYS C   OXT  sing N N 149 
LYS CB  CG   sing N N 150 
LYS CB  HB2  sing N N 151 
LYS CB  HB3  sing N N 152 
LYS CG  CD   sing N N 153 
LYS CG  HG2  sing N N 154 
LYS CG  HG3  sing N N 155 
LYS CD  CE   sing N N 156 
LYS CD  HD2  sing N N 157 
LYS CD  HD3  sing N N 158 
LYS CE  NZ   sing N N 159 
LYS CE  HE2  sing N N 160 
LYS CE  HE3  sing N N 161 
LYS NZ  HZ1  sing N N 162 
LYS NZ  HZ2  sing N N 163 
LYS NZ  HZ3  sing N N 164 
LYS OXT HXT  sing N N 165 
MET N   CA   sing N N 166 
MET N   H    sing N N 167 
MET N   H2   sing N N 168 
MET CA  C    sing N N 169 
MET CA  CB   sing N N 170 
MET CA  HA   sing N N 171 
MET C   O    doub N N 172 
MET C   OXT  sing N N 173 
MET CB  CG   sing N N 174 
MET CB  HB2  sing N N 175 
MET CB  HB3  sing N N 176 
MET CG  SD   sing N N 177 
MET CG  HG2  sing N N 178 
MET CG  HG3  sing N N 179 
MET SD  CE   sing N N 180 
MET CE  HE1  sing N N 181 
MET CE  HE2  sing N N 182 
MET CE  HE3  sing N N 183 
MET OXT HXT  sing N N 184 
SO4 S   O1   doub N N 185 
SO4 S   O2   doub N N 186 
SO4 S   O3   sing N N 187 
SO4 S   O4   sing N N 188 
THR N   CA   sing N N 189 
THR N   H    sing N N 190 
THR N   H2   sing N N 191 
THR CA  C    sing N N 192 
THR CA  CB   sing N N 193 
THR CA  HA   sing N N 194 
THR C   O    doub N N 195 
THR C   OXT  sing N N 196 
THR CB  OG1  sing N N 197 
THR CB  CG2  sing N N 198 
THR CB  HB   sing N N 199 
THR OG1 HG1  sing N N 200 
THR CG2 HG21 sing N N 201 
THR CG2 HG22 sing N N 202 
THR CG2 HG23 sing N N 203 
THR OXT HXT  sing N N 204 
TYR N   CA   sing N N 205 
TYR N   H    sing N N 206 
TYR N   H2   sing N N 207 
TYR CA  C    sing N N 208 
TYR CA  CB   sing N N 209 
TYR CA  HA   sing N N 210 
TYR C   O    doub N N 211 
TYR C   OXT  sing N N 212 
TYR CB  CG   sing N N 213 
TYR CB  HB2  sing N N 214 
TYR CB  HB3  sing N N 215 
TYR CG  CD1  doub Y N 216 
TYR CG  CD2  sing Y N 217 
TYR CD1 CE1  sing Y N 218 
TYR CD1 HD1  sing N N 219 
TYR CD2 CE2  doub Y N 220 
TYR CD2 HD2  sing N N 221 
TYR CE1 CZ   doub Y N 222 
TYR CE1 HE1  sing N N 223 
TYR CE2 CZ   sing Y N 224 
TYR CE2 HE2  sing N N 225 
TYR CZ  OH   sing N N 226 
TYR OH  HH   sing N N 227 
TYR OXT HXT  sing N N 228 
VAL N   CA   sing N N 229 
VAL N   H    sing N N 230 
VAL N   H2   sing N N 231 
VAL CA  C    sing N N 232 
VAL CA  CB   sing N N 233 
VAL CA  HA   sing N N 234 
VAL C   O    doub N N 235 
VAL C   OXT  sing N N 236 
VAL CB  CG1  sing N N 237 
VAL CB  CG2  sing N N 238 
VAL CB  HB   sing N N 239 
VAL CG1 HG11 sing N N 240 
VAL CG1 HG12 sing N N 241 
VAL CG1 HG13 sing N N 242 
VAL CG2 HG21 sing N N 243 
VAL CG2 HG22 sing N N 244 
VAL CG2 HG23 sing N N 245 
VAL OXT HXT  sing N N 246 
# 
_pdbx_audit_support.funding_organization   'National Natural Science Foundation of China (NSFC)' 
_pdbx_audit_support.country                China 
_pdbx_audit_support.grant_number           ? 
_pdbx_audit_support.ordinal                1 
# 
_pdbx_initial_refinement_model.id               1 
_pdbx_initial_refinement_model.entity_id_list   ? 
_pdbx_initial_refinement_model.type             'experimental model' 
_pdbx_initial_refinement_model.source_name      PDB 
_pdbx_initial_refinement_model.accession_code   2GW9 
_pdbx_initial_refinement_model.details          ? 
# 
_atom_sites.entry_id                    7YOA 
_atom_sites.Cartn_transf_matrix[1][1]   ? 
_atom_sites.Cartn_transf_matrix[1][2]   ? 
_atom_sites.Cartn_transf_matrix[1][3]   ? 
_atom_sites.Cartn_transf_matrix[2][1]   ? 
_atom_sites.Cartn_transf_matrix[2][2]   ? 
_atom_sites.Cartn_transf_matrix[2][3]   ? 
_atom_sites.Cartn_transf_matrix[3][1]   ? 
_atom_sites.Cartn_transf_matrix[3][2]   ? 
_atom_sites.Cartn_transf_matrix[3][3]   ? 
_atom_sites.Cartn_transf_vector[1]      ? 
_atom_sites.Cartn_transf_vector[2]      ? 
_atom_sites.Cartn_transf_vector[3]      ? 
_atom_sites.fract_transf_matrix[1][1]   0.01856390 
_atom_sites.fract_transf_matrix[1][2]   0.00400282 
_atom_sites.fract_transf_matrix[1][3]   0.00945004 
_atom_sites.fract_transf_matrix[2][1]   0.01076727 
_atom_sites.fract_transf_matrix[2][2]   -0.01572378 
_atom_sites.fract_transf_matrix[2][3]   0.00931545 
_atom_sites.fract_transf_matrix[3][1]   0.00479645 
_atom_sites.fract_transf_matrix[3][2]   -0.00183675 
_atom_sites.fract_transf_matrix[3][3]   -0.00864427 
_atom_sites.fract_transf_vector[1]      -0.194057 
_atom_sites.fract_transf_vector[2]      -0.466589 
_atom_sites.fract_transf_vector[3]      0.001753 
_atom_sites.solution_primary            ? 
_atom_sites.solution_secondary          ? 
_atom_sites.solution_hydrogens          ? 
_atom_sites.special_details             ? 
# 
loop_
_atom_type.symbol 
C 
N 
O 
S 
# 
loop_
_atom_site.group_PDB 
_atom_site.id 
_atom_site.type_symbol 
_atom_site.label_atom_id 
_atom_site.label_alt_id 
_atom_site.label_comp_id 
_atom_site.label_asym_id 
_atom_site.label_entity_id 
_atom_site.label_seq_id 
_atom_site.pdbx_PDB_ins_code 
_atom_site.Cartn_x 
_atom_site.Cartn_y 
_atom_site.Cartn_z 
_atom_site.occupancy 
_atom_site.B_iso_or_equiv 
_atom_site.pdbx_formal_charge 
_atom_site.auth_seq_id 
_atom_site.auth_comp_id 
_atom_site.auth_asym_id 
_atom_site.auth_atom_id 
_atom_site.pdbx_PDB_model_num 
ATOM   1   N N   . ASP A 1 3  ? 5.301   12.878  -10.118 1.00 60.16 ? 3   ASP A N   1 
ATOM   2   C CA  . ASP A 1 3  ? 4.539   12.464  -8.927  1.00 70.29 ? 3   ASP A CA  1 
ATOM   3   C C   . ASP A 1 3  ? 5.287   11.391  -8.132  1.00 70.87 ? 3   ASP A C   1 
ATOM   4   O O   . ASP A 1 3  ? 6.505   11.264  -8.291  1.00 76.57 ? 3   ASP A O   1 
ATOM   5   C CB  . ASP A 1 3  ? 3.156   11.950  -9.330  1.00 30.00 ? 3   ASP A CB  1 
ATOM   6   C CG  . ASP A 1 3  ? 2.240   13.057  -9.812  1.00 30.00 ? 3   ASP A CG  1 
ATOM   7   O OD1 . ASP A 1 3  ? 2.560   14.240  -9.573  1.00 30.00 ? 3   ASP A OD1 1 
ATOM   8   O OD2 . ASP A 1 3  ? 1.180   12.840  -10.437 1.00 30.00 ? 3   ASP A OD2 1 
ATOM   9   N N   . LEU A 1 4  ? 4.578   10.632  -7.316  1.00 52.93 ? 4   LEU A N   1 
ATOM   10  C CA  . LEU A 1 4  ? 5.183   9.710   -6.378  1.00 44.16 ? 4   LEU A CA  1 
ATOM   11  C C   . LEU A 1 4  ? 4.240   8.526   -6.304  1.00 31.43 ? 4   LEU A C   1 
ATOM   12  O O   . LEU A 1 4  ? 3.027   8.734   -6.279  1.00 35.35 ? 4   LEU A O   1 
ATOM   13  C CB  . LEU A 1 4  ? 5.308   10.366  -5.004  1.00 42.95 ? 4   LEU A CB  1 
ATOM   14  C CG  . LEU A 1 4  ? 6.707   10.632  -4.477  1.00 44.19 ? 4   LEU A CG  1 
ATOM   15  C CD1 . LEU A 1 4  ? 6.586   11.132  -3.070  1.00 30.00 ? 4   LEU A CD1 1 
ATOM   16  C CD2 . LEU A 1 4  ? 7.606   9.400   -4.593  1.00 40.83 ? 4   LEU A CD2 1 
ATOM   17  N N   . VAL A 1 5  ? 4.767   7.303   -6.272  1.00 30.21 ? 5   VAL A N   1 
ATOM   18  C CA  . VAL A 1 5  ? 3.928   6.134   -5.977  1.00 25.37 ? 5   VAL A CA  1 
ATOM   19  C C   . VAL A 1 5  ? 4.257   5.673   -4.563  1.00 22.31 ? 5   VAL A C   1 
ATOM   20  O O   . VAL A 1 5  ? 5.419   5.367   -4.257  1.00 22.90 ? 5   VAL A O   1 
ATOM   21  C CB  . VAL A 1 5  ? 4.147   4.991   -6.965  1.00 27.03 ? 5   VAL A CB  1 
ATOM   22  C CG1 . VAL A 1 5  ? 3.346   3.760   -6.502  1.00 21.15 ? 5   VAL A CG1 1 
ATOM   23  C CG2 . VAL A 1 5  ? 3.787   5.439   -8.368  1.00 25.97 ? 5   VAL A CG2 1 
ATOM   24  N N   . CYS A 1 6  ? 3.238   5.579   -3.712  1.00 16.12 ? 6   CYS A N   1 
ATOM   25  C CA  . CYS A 1 6  ? 3.438   5.248   -2.309  1.00 14.77 ? 6   CYS A CA  1 
ATOM   26  C C   . CYS A 1 6  ? 2.642   3.999   -1.948  1.00 14.52 ? 6   CYS A C   1 
ATOM   27  O O   . CYS A 1 6  ? 1.522   3.814   -2.421  1.00 15.58 ? 6   CYS A O   1 
ATOM   28  C CB  . CYS A 1 6  ? 3.013   6.394   -1.409  1.00 16.07 ? 6   CYS A CB  1 
ATOM   29  S SG  . CYS A 1 6  ? 3.903   7.941   -1.773  1.00 20.54 ? 6   CYS A SG  1 
ATOM   30  N N   . TYR A 1 7  ? 3.237   3.165   -1.102  1.00 14.33 ? 7   TYR A N   1 
ATOM   31  C CA  . TYR A 1 7  ? 2.642   1.952   -0.559  1.00 14.30 ? 7   TYR A CA  1 
ATOM   32  C C   . TYR A 1 7  ? 2.426   2.157   0.927   1.00 12.99 ? 7   TYR A C   1 
ATOM   33  O O   . TYR A 1 7  ? 3.313   2.682   1.626   1.00 12.52 ? 7   TYR A O   1 
ATOM   34  C CB  . TYR A 1 7  ? 3.556   0.760   -0.817  1.00 15.70 ? 7   TYR A CB  1 
ATOM   35  C CG  . TYR A 1 7  ? 3.856   0.627   -2.282  1.00 17.39 ? 7   TYR A CG  1 
ATOM   36  C CD1 . TYR A 1 7  ? 3.035   -0.113  -3.090  1.00 19.94 ? 7   TYR A CD1 1 
ATOM   37  C CD2 . TYR A 1 7  ? 4.944   1.297   -2.868  1.00 23.43 ? 7   TYR A CD2 1 
ATOM   38  C CE1 . TYR A 1 7  ? 3.293   -0.237  -4.458  1.00 23.20 ? 7   TYR A CE1 1 
ATOM   39  C CE2 . TYR A 1 7  ? 5.204   1.195   -4.234  1.00 25.51 ? 7   TYR A CE2 1 
ATOM   40  C CZ  . TYR A 1 7  ? 4.377   0.434   -5.017  1.00 27.58 ? 7   TYR A CZ  1 
ATOM   41  O OH  . TYR A 1 7  ? 4.630   0.325   -6.374  1.00 39.67 ? 7   TYR A OH  1 
ATOM   42  N N   . CYS A 1 8  ? 1.246   1.823   1.412   1.00 12.87 ? 8   CYS A N   1 
ATOM   43  C CA  . CYS A 1 8  ? 0.959   1.930   2.847   1.00 12.16 ? 8   CYS A CA  1 
ATOM   44  C C   . CYS A 1 8  ? 1.211   0.565   3.466   1.00 12.75 ? 8   CYS A C   1 
ATOM   45  O O   . CYS A 1 8  ? 0.418   -0.365  3.271   1.00 13.54 ? 8   CYS A O   1 
ATOM   46  C CB  . CYS A 1 8  ? -0.473  2.386   3.084   1.00 11.95 ? 8   CYS A CB  1 
ATOM   47  S SG  . CYS A 1 8  ? -0.883  2.755   4.805   1.00 13.32 ? 8   CYS A SG  1 
ATOM   48  N N   . ARG A 1 9  ? 2.342   0.432   4.166   1.00 12.64 ? 9   ARG A N   1 
ATOM   49  C CA  . ARG A 1 9  ? 2.902   -0.858  4.537   1.00 13.53 ? 9   ARG A CA  1 
ATOM   50  C C   . ARG A 1 9  ? 2.745   -1.145  6.025   1.00 15.70 ? 9   ARG A C   1 
ATOM   51  O O   . ARG A 1 9  ? 2.823   -0.247  6.878   1.00 13.47 ? 9   ARG A O   1 
ATOM   52  C CB  . ARG A 1 9  ? 4.389   -0.943  4.173   1.00 14.24 ? 9   ARG A CB  1 
ATOM   53  C CG  . ARG A 1 9  ? 4.757   -0.648  2.713   1.00 14.88 ? 9   ARG A CG  1 
ATOM   54  C CD  . ARG A 1 9  ? 6.039   -1.401  2.312   1.00 17.72 ? 9   ARG A CD  1 
ATOM   55  N NE  . ARG A 1 9  ? 6.389   -1.231  0.904   1.00 17.75 ? 9   ARG A NE  1 
ATOM   56  C CZ  . ARG A 1 9  ? 5.997   -2.066  -0.060  1.00 22.97 ? 9   ARG A CZ  1 
ATOM   57  N NH1 . ARG A 1 9  ? 5.231   -3.105  0.202   1.00 24.88 ? 9   ARG A NH1 1 
ATOM   58  N NH2 . ARG A 1 9  ? 6.378   -1.847  -1.316  1.00 22.48 ? 9   ARG A NH2 1 
ATOM   59  N N   . THR A 1 10 ? 2.616   -2.440  6.330   1.00 16.70 ? 10  THR A N   1 
ATOM   60  C CA  . THR A 1 10 ? 2.352   -2.875  7.699   1.00 17.56 ? 10  THR A CA  1 
ATOM   61  C C   . THR A 1 10 ? 3.605   -2.813  8.540   1.00 18.94 ? 10  THR A C   1 
ATOM   62  O O   . THR A 1 10 ? 3.525   -2.587  9.755   1.00 26.09 ? 10  THR A O   1 
ATOM   63  C CB  . THR A 1 10 ? 1.807   -4.300  7.691   1.00 21.71 ? 10  THR A CB  1 
ATOM   64  O OG1 . THR A 1 10 ? 0.717   -4.375  6.763   1.00 32.12 ? 10  THR A OG1 1 
ATOM   65  C CG2 . THR A 1 10 ? 1.301   -4.669  9.061   1.00 20.62 ? 10  THR A CG2 1 
ATOM   66  N N   . ARG A 1 11 ? 4.767   -2.997  7.915   1.00 18.52 ? 11  ARG A N   1 
ATOM   67  C CA  . ARG A 1 11 ? 6.036   -2.847  8.605   1.00 29.31 ? 11  ARG A CA  1 
ATOM   68  C C   . ARG A 1 11 ? 6.863   -1.766  7.917   1.00 25.70 ? 11  ARG A C   1 
ATOM   69  O O   . ARG A 1 11 ? 6.347   -0.685  7.608   1.00 22.00 ? 11  ARG A O   1 
ATOM   70  C CB  . ARG A 1 11 ? 6.762   -4.190  8.657   1.00 33.36 ? 11  ARG A CB  1 
ATOM   71  C CG  . ARG A 1 11 ? 5.950   -5.238  9.428   1.00 35.97 ? 11  ARG A CG  1 
ATOM   72  C CD  . ARG A 1 11 ? 6.826   -6.270  10.110  1.00 47.31 ? 11  ARG A CD  1 
ATOM   73  N NE  . ARG A 1 11 ? 7.798   -5.597  10.964  1.00 68.14 ? 11  ARG A NE  1 
ATOM   74  C CZ  . ARG A 1 11 ? 7.984   -5.857  12.249  1.00 64.40 ? 11  ARG A CZ  1 
ATOM   75  N NH1 . ARG A 1 11 ? 7.233   -6.743  12.890  1.00 54.48 ? 11  ARG A NH1 1 
ATOM   76  N NH2 . ARG A 1 11 ? 8.928   -5.192  12.916  1.00 59.68 ? 11  ARG A NH2 1 
ATOM   77  N N   . GLY A 1 12 ? 8.129   -2.030  7.670   1.00 29.54 ? 12  GLY A N   1 
ATOM   78  C CA  . GLY A 1 12 ? 9.000   -0.980  7.200   1.00 26.32 ? 12  GLY A CA  1 
ATOM   79  C C   . GLY A 1 12 ? 9.073   -0.913  5.695   1.00 26.75 ? 12  GLY A C   1 
ATOM   80  O O   . GLY A 1 12 ? 8.463   -1.704  4.966   1.00 26.17 ? 12  GLY A O   1 
ATOM   81  N N   . CYS A 1 13 ? 9.833   0.066   5.224   1.00 23.59 ? 13  CYS A N   1 
ATOM   82  C CA  . CYS A 1 13 ? 9.879   0.328   3.796   1.00 24.26 ? 13  CYS A CA  1 
ATOM   83  C C   . CYS A 1 13 ? 10.846  -0.621  3.090   1.00 31.74 ? 13  CYS A C   1 
ATOM   84  O O   . CYS A 1 13 ? 11.829  -1.103  3.670   1.00 33.74 ? 13  CYS A O   1 
ATOM   85  C CB  . CYS A 1 13 ? 10.292  1.769   3.550   1.00 18.66 ? 13  CYS A CB  1 
ATOM   86  S SG  . CYS A 1 13 ? 9.024   2.969   3.956   1.00 18.89 ? 13  CYS A SG  1 
ATOM   87  N N   . LYS A 1 14 ? 10.570  -0.864  1.814   1.00 25.48 ? 14  LYS A N   1 
ATOM   88  C CA  . LYS A 1 14 ? 11.379  -1.750  0.993   1.00 36.05 ? 14  LYS A CA  1 
ATOM   89  C C   . LYS A 1 14 ? 12.639  -1.034  0.520   1.00 32.46 ? 14  LYS A C   1 
ATOM   90  O O   . LYS A 1 14 ? 12.898  0.143   0.823   1.00 32.72 ? 14  LYS A O   1 
ATOM   91  C CB  . LYS A 1 14 ? 10.594  -2.229  -0.231  1.00 34.07 ? 14  LYS A CB  1 
ATOM   92  C CG  . LYS A 1 14 ? 9.992   -3.597  -0.149  1.00 35.72 ? 14  LYS A CG  1 
ATOM   93  C CD  . LYS A 1 14 ? 9.427   -3.924  1.224   1.00 39.47 ? 14  LYS A CD  1 
ATOM   94  C CE  . LYS A 1 14 ? 8.666   -5.260  1.136   1.00 41.76 ? 14  LYS A CE  1 
ATOM   95  N NZ  . LYS A 1 14 ? 7.487   -5.332  2.048   1.00 44.41 ? 14  LYS A NZ  1 
ATOM   96  N N   . ARG A 1 15 ? 13.401  -1.773  -0.275  1.00 52.58 ? 15  ARG A N   1 
ATOM   97  C CA  . ARG A 1 15 ? 14.619  -1.285  -0.889  1.00 54.76 ? 15  ARG A CA  1 
ATOM   98  C C   . ARG A 1 15 ? 14.312  -0.149  -1.856  1.00 51.37 ? 15  ARG A C   1 
ATOM   99  O O   . ARG A 1 15 ? 13.420  -0.262  -2.700  1.00 52.72 ? 15  ARG A O   1 
ATOM   100 C CB  . ARG A 1 15 ? 15.300  -2.431  -1.638  1.00 61.53 ? 15  ARG A CB  1 
ATOM   101 C CG  . ARG A 1 15 ? 14.307  -3.470  -2.219  1.00 61.22 ? 15  ARG A CG  1 
ATOM   102 C CD  . ARG A 1 15 ? 14.149  -4.741  -1.362  1.00 68.24 ? 15  ARG A CD  1 
ATOM   103 N NE  . ARG A 1 15 ? 13.656  -4.480  -0.013  1.00 58.80 ? 15  ARG A NE  1 
ATOM   104 C CZ  . ARG A 1 15 ? 14.195  -4.973  1.094   1.00 61.86 ? 15  ARG A CZ  1 
ATOM   105 N NH1 . ARG A 1 15 ? 15.256  -5.764  1.054   1.00 71.96 ? 15  ARG A NH1 1 
ATOM   106 N NH2 . ARG A 1 15 ? 13.662  -4.663  2.271   1.00 60.09 ? 15  ARG A NH2 1 
ATOM   107 N N   . ARG A 1 16 ? 15.054  0.957   -1.734  1.00 34.50 ? 16  ARG A N   1 
ATOM   108 C CA  . ARG A 1 16 ? 14.900  2.105   -2.677  1.00 49.18 ? 16  ARG A CA  1 
ATOM   109 C C   . ARG A 1 16 ? 13.599  2.876   -2.422  1.00 45.57 ? 16  ARG A C   1 
ATOM   110 O O   . ARG A 1 16 ? 13.311  3.795   -3.214  1.00 44.91 ? 16  ARG A O   1 
ATOM   111 C CB  . ARG A 1 16 ? 14.988  1.639   -4.136  1.00 57.83 ? 16  ARG A CB  1 
ATOM   112 C CG  . ARG A 1 16 ? 16.261  0.874   -4.467  1.00 60.99 ? 16  ARG A CG  1 
ATOM   113 C CD  . ARG A 1 16 ? 17.505  1.660   -4.102  1.00 64.73 ? 16  ARG A CD  1 
ATOM   114 N NE  . ARG A 1 16 ? 17.466  3.019   -4.624  1.00 68.65 ? 16  ARG A NE  1 
ATOM   115 C CZ  . ARG A 1 16 ? 17.516  4.113   -3.875  1.00 78.08 ? 16  ARG A CZ  1 
ATOM   116 N NH1 . ARG A 1 16 ? 17.611  4.013   -2.560  1.00 63.93 ? 16  ARG A NH1 1 
ATOM   117 N NH2 . ARG A 1 16 ? 17.472  5.305   -4.443  1.00 62.67 ? 16  ARG A NH2 1 
ATOM   118 N N   . GLU A 1 17 ? 12.841  2.534   -1.376  1.00 35.56 ? 17  GLU A N   1 
ATOM   119 C CA  . GLU A 1 17 ? 11.661  3.331   -1.066  1.00 22.18 ? 17  GLU A CA  1 
ATOM   120 C C   . GLU A 1 17 ? 11.979  4.319   0.046   1.00 26.08 ? 17  GLU A C   1 
ATOM   121 O O   . GLU A 1 17 ? 12.766  4.025   0.951   1.00 31.16 ? 17  GLU A O   1 
ATOM   122 C CB  . GLU A 1 17 ? 10.468  2.484   -0.640  1.00 24.44 ? 17  GLU A CB  1 
ATOM   123 C CG  . GLU A 1 17 ? 10.055  1.384   -1.627  1.00 28.69 ? 17  GLU A CG  1 
ATOM   124 C CD  . GLU A 1 17 ? 8.832   0.629   -1.147  1.00 22.22 ? 17  GLU A CD  1 
ATOM   125 O OE1 . GLU A 1 17 ? 8.710   0.412   0.077   1.00 21.28 ? 17  GLU A OE1 1 
ATOM   126 O OE2 . GLU A 1 17 ? 8.002   0.219   -1.992  1.00 25.99 ? 17  GLU A OE2 1 
ATOM   127 N N   . ARG A 1 18 ? 11.335  5.483   -0.023  1.00 19.78 ? 18  ARG A N   1 
ATOM   128 C CA  . ARG A 1 18 ? 11.497  6.551   0.970   1.00 20.15 ? 18  ARG A CA  1 
ATOM   129 C C   . ARG A 1 18 ? 10.411  6.396   2.037   1.00 17.56 ? 18  ARG A C   1 
ATOM   130 O O   . ARG A 1 18 ? 9.267   6.096   1.705   1.00 16.84 ? 18  ARG A O   1 
ATOM   131 C CB  . ARG A 1 18 ? 11.319  7.923   0.312   1.00 22.46 ? 18  ARG A CB  1 
ATOM   132 C CG  . ARG A 1 18 ? 12.424  8.447   -0.575  1.00 23.86 ? 18  ARG A CG  1 
ATOM   133 C CD  . ARG A 1 18 ? 13.818  8.166   -0.065  1.00 23.24 ? 18  ARG A CD  1 
ATOM   134 N NE  . ARG A 1 18 ? 14.823  8.728   -0.963  1.00 25.94 ? 18  ARG A NE  1 
ATOM   135 C CZ  . ARG A 1 18 ? 14.991  10.019  -1.260  1.00 32.31 ? 18  ARG A CZ  1 
ATOM   136 N NH1 . ARG A 1 18 ? 14.334  10.986  -0.628  1.00 25.03 ? 18  ARG A NH1 1 
ATOM   137 N NH2 . ARG A 1 18 ? 15.879  10.352  -2.185  1.00 34.28 ? 18  ARG A NH2 1 
ATOM   138 N N   . MET A 1 19 ? 10.767  6.617   3.300   1.00 16.79 ? 19  MET A N   1 
ATOM   139 C CA  . MET A 1 19 ? 9.757   6.682   4.363   1.00 14.54 ? 19  MET A CA  1 
ATOM   140 C C   . MET A 1 19 ? 9.155   8.079   4.415   1.00 19.49 ? 19  MET A C   1 
ATOM   141 O O   . MET A 1 19 ? 9.806   9.052   4.807   1.00 15.79 ? 19  MET A O   1 
ATOM   142 C CB  . MET A 1 19 ? 10.356  6.191   5.673   1.00 14.80 ? 19  MET A CB  1 
ATOM   143 C CG  . MET A 1 19 ? 9.385   6.105   6.852   1.00 13.47 ? 19  MET A CG  1 
ATOM   144 S SD  . MET A 1 19 ? 9.019   7.767   7.588   1.00 12.94 ? 19  MET A SD  1 
ATOM   145 C CE  . MET A 1 19 ? 8.269   7.155   9.079   1.00 18.77 ? 19  MET A CE  1 
ATOM   146 N N   . ASN A 1 20 ? 7.901   8.185   3.975   1.00 16.60 ? 20  ASN A N   1 
ATOM   147 C CA  . ASN A 1 20 ? 7.288   9.490   3.755   1.00 12.80 ? 20  ASN A CA  1 
ATOM   148 C C   . ASN A 1 20 ? 6.197   9.725   4.786   1.00 11.70 ? 20  ASN A C   1 
ATOM   149 O O   . ASN A 1 20 ? 5.079   10.121  4.422   1.00 14.83 ? 20  ASN A O   1 
ATOM   150 C CB  . ASN A 1 20 ? 6.749   9.615   2.336   1.00 14.13 ? 20  ASN A CB  1 
ATOM   151 C CG  . ASN A 1 20 ? 6.511   11.068  1.911   1.00 21.11 ? 20  ASN A CG  1 
ATOM   152 O OD1 . ASN A 1 20 ? 7.044   12.019  2.516   1.00 19.36 ? 20  ASN A OD1 1 
ATOM   153 N ND2 . ASN A 1 20 ? 5.724   11.249  0.859   1.00 20.74 ? 20  ASN A ND2 1 
ATOM   154 N N   . GLY A 1 21 ? 6.515   9.441   6.033   1.00 11.64 ? 21  GLY A N   1 
ATOM   155 C CA  . GLY A 1 21 ? 5.590   9.610   7.143   1.00 19.69 ? 21  GLY A CA  1 
ATOM   156 C C   . GLY A 1 21 ? 4.764   8.345   7.309   1.00 11.70 ? 21  GLY A C   1 
ATOM   157 O O   . GLY A 1 21 ? 5.163   7.266   6.849   1.00 10.66 ? 21  GLY A O   1 
ATOM   158 N N   . THR A 1 22 ? 3.604   8.474   7.957   1.00 10.21 ? 22  THR A N   1 
ATOM   159 C CA  . THR A 1 22 ? 2.771   7.321   8.240   1.00 9.94  ? 22  THR A CA  1 
ATOM   160 C C   . THR A 1 22 ? 1.450   7.440   7.475   1.00 9.72  ? 22  THR A C   1 
ATOM   161 O O   . THR A 1 22 ? 1.120   8.464   6.861   1.00 9.74  ? 22  THR A O   1 
ATOM   162 C CB  . THR A 1 22 ? 2.514   7.210   9.746   1.00 13.46 ? 22  THR A CB  1 
ATOM   163 O OG1 . THR A 1 22 ? 2.109   8.497   10.242  1.00 15.01 ? 22  THR A OG1 1 
ATOM   164 C CG2 . THR A 1 22 ? 3.855   6.903   10.425  1.00 14.32 ? 22  THR A CG2 1 
ATOM   165 N N   . CYS A 1 23 ? 0.708   6.347   7.503   1.00 9.74  ? 23  CYS A N   1 
ATOM   166 C CA  . CYS A 1 23 ? -0.614  6.292   6.902   1.00 9.83  ? 23  CYS A CA  1 
ATOM   167 C C   . CYS A 1 23 ? -1.458  5.399   7.787   1.00 13.57 ? 23  CYS A C   1 
ATOM   168 O O   . CYS A 1 23 ? -0.959  4.826   8.762   1.00 11.47 ? 23  CYS A O   1 
ATOM   169 C CB  . CYS A 1 23 ? -0.512  5.789   5.456   1.00 10.09 ? 23  CYS A CB  1 
ATOM   170 S SG  . CYS A 1 23 ? 0.452   4.221   5.360   1.00 10.44 ? 23  CYS A SG  1 
ATOM   171 N N   . ARG A 1 24 ? -2.764  5.337   7.504   1.00 10.68 ? 24  ARG A N   1 
ATOM   172 C CA  . ARG A 1 24 ? -3.679  4.504   8.265   1.00 13.53 ? 24  ARG A CA  1 
ATOM   173 C C   . ARG A 1 24 ? -4.223  3.399   7.379   1.00 13.54 ? 24  ARG A C   1 
ATOM   174 O O   . ARG A 1 24 ? -4.611  3.648   6.234   1.00 15.61 ? 24  ARG A O   1 
ATOM   175 C CB  . ARG A 1 24 ? -4.890  5.309   8.780   1.00 22.81 ? 24  ARG A CB  1 
ATOM   176 C CG  . ARG A 1 24 ? -4.543  6.674   9.293   1.00 37.28 ? 24  ARG A CG  1 
ATOM   177 C CD  . ARG A 1 24 ? -3.622  6.547   10.495  1.00 33.75 ? 24  ARG A CD  1 
ATOM   178 N NE  . ARG A 1 24 ? -4.307  6.023   11.668  1.00 41.64 ? 24  ARG A NE  1 
ATOM   179 C CZ  . ARG A 1 24 ? -3.789  6.005   12.888  1.00 43.96 ? 24  ARG A CZ  1 
ATOM   180 N NH1 . ARG A 1 24 ? -2.550  6.432   13.122  1.00 38.72 ? 24  ARG A NH1 1 
ATOM   181 N NH2 . ARG A 1 24 ? -4.538  5.559   13.901  1.00 39.33 ? 24  ARG A NH2 1 
ATOM   182 N N   . LYS A 1 25 ? -4.306  2.200   7.933   1.00 13.46 ? 25  LYS A N   1 
ATOM   183 C CA  . LYS A 1 25 ? -5.010  1.096   7.298   1.00 14.06 ? 25  LYS A CA  1 
ATOM   184 C C   . LYS A 1 25 ? -5.804  0.387   8.373   1.00 24.51 ? 25  LYS A C   1 
ATOM   185 O O   . LYS A 1 25 ? -5.253  0.075   9.431   1.00 20.51 ? 25  LYS A O   1 
ATOM   186 C CB  . LYS A 1 25 ? -4.014  0.170   6.604   1.00 18.54 ? 25  LYS A CB  1 
ATOM   187 C CG  . LYS A 1 25 ? -4.526  -0.571  5.345   1.00 24.37 ? 25  LYS A CG  1 
ATOM   188 C CD  . LYS A 1 25 ? -4.167  -2.013  5.493   1.00 19.77 ? 25  LYS A CD  1 
ATOM   189 C CE  . LYS A 1 25 ? -4.920  -2.949  4.565   1.00 24.85 ? 25  LYS A CE  1 
ATOM   190 N NZ  . LYS A 1 25 ? -4.841  -4.247  5.246   1.00 26.73 ? 25  LYS A NZ  1 
ATOM   191 N N   . GLY A 1 26 ? -7.096  0.176   8.125   1.00 26.98 ? 26  GLY A N   1 
ATOM   192 C CA  . GLY A 1 26 ? -7.947  -0.336  9.195   1.00 31.55 ? 26  GLY A CA  1 
ATOM   193 C C   . GLY A 1 26 ? -7.835  0.449   10.487  1.00 32.82 ? 26  GLY A C   1 
ATOM   194 O O   . GLY A 1 26 ? -7.833  -0.146  11.574  1.00 31.35 ? 26  GLY A O   1 
ATOM   195 N N   . HIS A 1 27 ? -7.753  1.784   10.389  1.00 20.98 ? 27  HIS A N   1 
ATOM   196 C CA  . HIS A 1 27 ? -7.631  2.701   11.533  1.00 27.89 ? 27  HIS A CA  1 
ATOM   197 C C   . HIS A 1 27 ? -6.431  2.365   12.418  1.00 31.30 ? 27  HIS A C   1 
ATOM   198 O O   . HIS A 1 27 ? -6.427  2.657   13.616  1.00 29.94 ? 27  HIS A O   1 
ATOM   199 C CB  . HIS A 1 27 ? -8.911  2.759   12.382  1.00 35.95 ? 27  HIS A CB  1 
ATOM   200 C CG  . HIS A 1 27 ? -10.170 2.986   11.600  1.00 42.34 ? 27  HIS A CG  1 
ATOM   201 N ND1 . HIS A 1 27 ? -10.725 2.032   10.774  1.00 49.09 ? 27  HIS A ND1 1 
ATOM   202 C CD2 . HIS A 1 27 ? -10.989 4.063   11.528  1.00 48.36 ? 27  HIS A CD2 1 
ATOM   203 C CE1 . HIS A 1 27 ? -11.829 2.508   10.226  1.00 49.52 ? 27  HIS A CE1 1 
ATOM   204 N NE2 . HIS A 1 27 ? -12.010 3.741   10.666  1.00 48.24 ? 27  HIS A NE2 1 
ATOM   205 N N   . LEU A 1 28 ? -5.380  1.796   11.825  1.00 24.50 ? 28  LEU A N   1 
ATOM   206 C CA  . LEU A 1 28 ? -4.145  1.441   12.514  1.00 21.77 ? 28  LEU A CA  1 
ATOM   207 C C   . LEU A 1 28 ? -2.974  2.099   11.792  1.00 21.34 ? 28  LEU A C   1 
ATOM   208 O O   . LEU A 1 28 ? -2.994  2.236   10.569  1.00 16.46 ? 28  LEU A O   1 
ATOM   209 C CB  . LEU A 1 28 ? -3.993  -0.082  12.512  1.00 25.76 ? 28  LEU A CB  1 
ATOM   210 C CG  . LEU A 1 28 ? -4.863  -0.891  13.472  1.00 32.11 ? 28  LEU A CG  1 
ATOM   211 C CD1 . LEU A 1 28 ? -4.120  -2.153  13.803  1.00 36.41 ? 28  LEU A CD1 1 
ATOM   212 C CD2 . LEU A 1 28 ? -5.078  -0.077  14.770  1.00 28.84 ? 28  LEU A CD2 1 
ATOM   213 N N   . MET A 1 29 ? -1.935  2.485   12.530  1.00 18.07 ? 29  MET A N   1 
ATOM   214 C CA  . MET A 1 29 ? -0.822  3.171   11.904  1.00 12.65 ? 29  MET A CA  1 
ATOM   215 C C   . MET A 1 29 ? -0.017  2.197   11.037  1.00 17.27 ? 29  MET A C   1 
ATOM   216 O O   . MET A 1 29 ? 0.207   1.042   11.419  1.00 18.32 ? 29  MET A O   1 
ATOM   217 C CB  . MET A 1 29 ? 0.058   3.833   12.986  1.00 12.10 ? 29  MET A CB  1 
ATOM   218 C CG  . MET A 1 29 ? 1.295   4.508   12.407  1.00 11.23 ? 29  MET A CG  1 
ATOM   219 S SD  . MET A 1 29 ? 2.387   5.236   13.661  1.00 14.41 ? 29  MET A SD  1 
ATOM   220 C CE  . MET A 1 29 ? 1.285   6.372   14.497  1.00 17.55 ? 29  MET A CE  1 
ATOM   221 N N   . HIS A 1 30 ? 0.362   2.656   9.841   1.00 10.89 ? 30  HIS A N   1 
ATOM   222 C CA  . HIS A 1 30 ? 1.174   1.976   8.842   1.00 11.04 ? 30  HIS A CA  1 
ATOM   223 C C   . HIS A 1 30 ? 2.218   2.966   8.337   1.00 10.68 ? 30  HIS A C   1 
ATOM   224 O O   . HIS A 1 30 ? 2.168   4.166   8.663   1.00 11.75 ? 30  HIS A O   1 
ATOM   225 C CB  . HIS A 1 30 ? 0.312   1.467   7.654   1.00 11.43 ? 30  HIS A CB  1 
ATOM   226 C CG  . HIS A 1 30 ? -0.355  0.146   7.896   1.00 16.13 ? 30  HIS A CG  1 
ATOM   227 N ND1 . HIS A 1 30 ? -0.943  -0.191  9.098   1.00 27.15 ? 30  HIS A ND1 1 
ATOM   228 C CD2 . HIS A 1 30 ? -0.546  -0.913  7.073   1.00 18.25 ? 30  HIS A CD2 1 
ATOM   229 C CE1 . HIS A 1 30 ? -1.456  -1.408  9.009   1.00 20.15 ? 30  HIS A CE1 1 
ATOM   230 N NE2 . HIS A 1 30 ? -1.232  -1.866  7.792   1.00 17.76 ? 30  HIS A NE2 1 
ATOM   231 N N   . THR A 1 31 ? 3.214   2.465   7.600   1.00 11.02 ? 31  THR A N   1 
ATOM   232 C CA  . THR A 1 31 ? 4.283   3.288   7.042   1.00 10.98 ? 31  THR A CA  1 
ATOM   233 C C   . THR A 1 31 ? 3.980   3.680   5.606   1.00 13.14 ? 31  THR A C   1 
ATOM   234 O O   . THR A 1 31 ? 3.597   2.828   4.798   1.00 11.33 ? 31  THR A O   1 
ATOM   235 C CB  . THR A 1 31 ? 5.643   2.562   7.063   1.00 15.76 ? 31  THR A CB  1 
ATOM   236 O OG1 . THR A 1 31 ? 5.832   1.899   8.315   1.00 16.80 ? 31  THR A OG1 1 
ATOM   237 C CG2 . THR A 1 31 ? 6.784   3.569   6.880   1.00 17.47 ? 31  THR A CG2 1 
ATOM   238 N N   . LEU A 1 32 ? 4.140   4.964   5.271   1.00 10.69 ? 32  LEU A N   1 
ATOM   239 C CA  . LEU A 1 32 ? 3.958   5.413   3.895   1.00 10.86 ? 32  LEU A CA  1 
ATOM   240 C C   . LEU A 1 32 ? 5.318   5.348   3.199   1.00 17.20 ? 32  LEU A C   1 
ATOM   241 O O   . LEU A 1 32 ? 6.215   6.121   3.535   1.00 15.32 ? 32  LEU A O   1 
ATOM   242 C CB  . LEU A 1 32 ? 3.357   6.822   3.846   1.00 10.56 ? 32  LEU A CB  1 
ATOM   243 C CG  . LEU A 1 32 ? 2.873   7.156   2.429   1.00 12.76 ? 32  LEU A CG  1 
ATOM   244 C CD1 . LEU A 1 32 ? 1.720   6.238   2.032   1.00 14.96 ? 32  LEU A CD1 1 
ATOM   245 C CD2 . LEU A 1 32 ? 2.474   8.641   2.222   1.00 15.60 ? 32  LEU A CD2 1 
ATOM   246 N N   . CYS A 1 33 ? 5.474   4.416   2.252   1.00 12.46 ? 33  CYS A N   1 
ATOM   247 C CA  . CYS A 1 33 ? 6.762   4.155   1.598   1.00 15.46 ? 33  CYS A CA  1 
ATOM   248 C C   . CYS A 1 33 ? 6.661   4.527   0.138   1.00 15.51 ? 33  CYS A C   1 
ATOM   249 O O   . CYS A 1 33 ? 5.866   3.939   -0.605  1.00 15.03 ? 33  CYS A O   1 
ATOM   250 C CB  . CYS A 1 33 ? 7.177   2.696   1.739   1.00 14.82 ? 33  CYS A CB  1 
ATOM   251 S SG  . CYS A 1 33 ? 7.221   2.169   3.427   1.00 14.14 ? 33  CYS A SG  1 
ATOM   252 N N   . CYS A 1 34 ? 7.478   5.471   -0.292  1.00 16.69 ? 34  CYS A N   1 
ATOM   253 C CA  . CYS A 1 34 ? 7.280   6.033   -1.610  1.00 19.33 ? 34  CYS A CA  1 
ATOM   254 C C   . CYS A 1 34 ? 8.514   5.834   -2.480  1.00 29.50 ? 34  CYS A C   1 
ATOM   255 O O   . CYS A 1 34 ? 9.649   5.752   -1.994  1.00 21.03 ? 34  CYS A O   1 
ATOM   256 C CB  . CYS A 1 34 ? 6.937   7.525   -1.532  1.00 19.97 ? 34  CYS A CB  1 
ATOM   257 S SG  . CYS A 1 34 ? 5.479   7.934   -0.523  1.00 17.45 ? 34  CYS A SG  1 
ATOM   258 N N   . ARG A 1 35 ? 8.268   5.752   -3.774  1.00 24.05 ? 35  ARG A N   1 
ATOM   259 C CA  . ARG A 1 35 ? 9.371   5.740   -4.726  1.00 37.39 ? 35  ARG A CA  1 
ATOM   260 C C   . ARG A 1 35 ? 8.887   6.505   -5.949  1.00 44.28 ? 35  ARG A C   1 
ATOM   261 O O   . ARG A 1 35 ? 7.674   6.535   -6.254  1.00 48.85 ? 35  ARG A O   1 
ATOM   262 C CB  . ARG A 1 35 ? 9.797   4.303   -5.030  1.00 32.52 ? 35  ARG A CB  1 
ATOM   263 C CG  . ARG A 1 35 ? 10.483  4.049   -6.360  1.00 53.78 ? 35  ARG A CG  1 
ATOM   264 C CD  . ARG A 1 35 ? 10.942  2.585   -6.449  1.00 62.37 ? 35  ARG A CD  1 
ATOM   265 N NE  . ARG A 1 35 ? 10.966  2.081   -7.821  1.00 73.42 ? 35  ARG A NE  1 
ATOM   266 C CZ  . ARG A 1 35 ? 10.906  0.796   -8.157  1.00 69.73 ? 35  ARG A CZ  1 
ATOM   267 N NH1 . ARG A 1 35 ? 10.799  -0.156  -7.243  1.00 68.44 ? 35  ARG A NH1 1 
ATOM   268 N NH2 . ARG A 1 35 ? 10.944  0.459   -9.446  1.00 76.41 ? 35  ARG A NH2 1 
ATOM   269 O OXT . ARG A 1 35 ? 9.693   7.158   -6.619  1.00 53.01 ? 35  ARG A OXT 1 
ATOM   270 N N   . ASP B 1 3  ? -0.209  12.317  -6.801  1.00 50.21 ? 3   ASP B N   1 
ATOM   271 C CA  . ASP B 1 3  ? 0.382   11.218  -6.032  1.00 51.52 ? 3   ASP B CA  1 
ATOM   272 C C   . ASP B 1 3  ? -0.607  10.068  -5.804  1.00 44.48 ? 3   ASP B C   1 
ATOM   273 O O   . ASP B 1 3  ? -1.809  10.282  -5.615  1.00 52.90 ? 3   ASP B O   1 
ATOM   274 C CB  . ASP B 1 3  ? 0.891   11.724  -4.685  1.00 45.57 ? 3   ASP B CB  1 
ATOM   275 C CG  . ASP B 1 3  ? 1.606   13.045  -4.805  1.00 61.43 ? 3   ASP B CG  1 
ATOM   276 O OD1 . ASP B 1 3  ? 2.827   13.027  -5.076  1.00 62.98 ? 3   ASP B OD1 1 
ATOM   277 O OD2 . ASP B 1 3  ? 0.937   14.095  -4.661  1.00 61.03 ? 3   ASP B OD2 1 
ATOM   278 N N   . LEU B 1 4  ? -0.078  8.851   -5.811  1.00 29.22 ? 4   LEU B N   1 
ATOM   279 C CA  . LEU B 1 4  ? -0.862  7.630   -5.677  1.00 20.24 ? 4   LEU B CA  1 
ATOM   280 C C   . LEU B 1 4  ? -0.502  6.954   -4.356  1.00 24.03 ? 4   LEU B C   1 
ATOM   281 O O   . LEU B 1 4  ? 0.684   6.861   -4.014  1.00 20.98 ? 4   LEU B O   1 
ATOM   282 C CB  . LEU B 1 4  ? -0.562  6.696   -6.846  1.00 24.57 ? 4   LEU B CB  1 
ATOM   283 C CG  . LEU B 1 4  ? -1.528  5.609   -7.288  1.00 27.87 ? 4   LEU B CG  1 
ATOM   284 C CD1 . LEU B 1 4  ? -2.879  6.165   -7.699  1.00 29.69 ? 4   LEU B CD1 1 
ATOM   285 C CD2 . LEU B 1 4  ? -0.906  4.847   -8.427  1.00 24.64 ? 4   LEU B CD2 1 
ATOM   286 N N   . VAL B 1 5  ? -1.510  6.474   -3.620  1.00 14.16 ? 5   VAL B N   1 
ATOM   287 C CA  . VAL B 1 5  ? -1.265  5.706   -2.404  1.00 13.64 ? 5   VAL B CA  1 
ATOM   288 C C   . VAL B 1 5  ? -1.908  4.353   -2.628  1.00 12.48 ? 5   VAL B C   1 
ATOM   289 O O   . VAL B 1 5  ? -3.072  4.285   -3.049  1.00 12.24 ? 5   VAL B O   1 
ATOM   290 C CB  . VAL B 1 5  ? -1.825  6.382   -1.140  1.00 14.32 ? 5   VAL B CB  1 
ATOM   291 C CG1 . VAL B 1 5  ? -1.548  5.496   0.103   1.00 14.43 ? 5   VAL B CG1 1 
ATOM   292 C CG2 . VAL B 1 5  ? -1.182  7.788   -0.931  1.00 16.10 ? 5   VAL B CG2 1 
ATOM   293 N N   . CYS B 1 6  ? -1.132  3.305   -2.420  1.00 12.36 ? 6   CYS B N   1 
ATOM   294 C CA  . CYS B 1 6  ? -1.547  1.937   -2.692  1.00 11.57 ? 6   CYS B CA  1 
ATOM   295 C C   . CYS B 1 6  ? -1.560  1.110   -1.425  1.00 11.76 ? 6   CYS B C   1 
ATOM   296 O O   . CYS B 1 6  ? -0.636  1.198   -0.615  1.00 12.63 ? 6   CYS B O   1 
ATOM   297 C CB  . CYS B 1 6  ? -0.617  1.270   -3.684  1.00 12.98 ? 6   CYS B CB  1 
ATOM   298 S SG  . CYS B 1 6  ? -0.585  2.186   -5.288  1.00 14.59 ? 6   CYS B SG  1 
ATOM   299 N N   . TYR B 1 7  ? -2.592  0.242   -1.308  1.00 11.24 ? 7   TYR B N   1 
ATOM   300 C CA  . TYR B 1 7  ? -2.755  -0.682  -0.199  1.00 11.63 ? 7   TYR B CA  1 
ATOM   301 C C   . TYR B 1 7  ? -2.809  -2.082  -0.771  1.00 11.31 ? 7   TYR B C   1 
ATOM   302 O O   . TYR B 1 7  ? -3.493  -2.298  -1.778  1.00 10.72 ? 7   TYR B O   1 
ATOM   303 C CB  . TYR B 1 7  ? -4.032  -0.432  0.587   1.00 11.86 ? 7   TYR B CB  1 
ATOM   304 C CG  . TYR B 1 7  ? -4.162  0.988   1.107   1.00 12.44 ? 7   TYR B CG  1 
ATOM   305 C CD1 . TYR B 1 7  ? -4.599  2.009   0.261   1.00 18.07 ? 7   TYR B CD1 1 
ATOM   306 C CD2 . TYR B 1 7  ? -3.905  1.289   2.424   1.00 17.42 ? 7   TYR B CD2 1 
ATOM   307 C CE1 . TYR B 1 7  ? -4.737  3.303   0.688   1.00 23.11 ? 7   TYR B CE1 1 
ATOM   308 C CE2 . TYR B 1 7  ? -4.044  2.626   2.869   1.00 14.42 ? 7   TYR B CE2 1 
ATOM   309 C CZ  . TYR B 1 7  ? -4.463  3.609   1.978   1.00 14.07 ? 7   TYR B CZ  1 
ATOM   310 O OH  . TYR B 1 7  ? -4.629  4.950   2.372   1.00 29.83 ? 7   TYR B OH  1 
ATOM   311 N N   . CYS B 1 8  ? -2.105  -3.001  -0.139  1.00 11.98 ? 8   CYS B N   1 
ATOM   312 C CA  . CYS B 1 8  ? -2.201  -4.422  -0.499  1.00 12.04 ? 8   CYS B CA  1 
ATOM   313 C C   . CYS B 1 8  ? -3.334  -5.017  0.344   1.00 13.36 ? 8   CYS B C   1 
ATOM   314 O O   . CYS B 1 8  ? -3.169  -5.209  1.558   1.00 14.03 ? 8   CYS B O   1 
ATOM   315 C CB  . CYS B 1 8  ? -0.881  -5.129  -0.230  1.00 14.62 ? 8   CYS B CB  1 
ATOM   316 S SG  . CYS B 1 8  ? -0.870  -6.802  -0.891  1.00 19.51 ? 8   CYS B SG  1 
ATOM   317 N N   . ARG B 1 9  ? -4.501  -5.237  -0.265  1.00 11.92 ? 9   ARG B N   1 
ATOM   318 C CA  . ARG B 1 9  ? -5.712  -5.496  0.501   1.00 12.50 ? 9   ARG B CA  1 
ATOM   319 C C   . ARG B 1 9  ? -6.085  -6.973  0.478   1.00 18.46 ? 9   ARG B C   1 
ATOM   320 O O   . ARG B 1 9  ? -6.113  -7.594  -0.589  1.00 19.06 ? 9   ARG B O   1 
ATOM   321 C CB  . ARG B 1 9  ? -6.885  -4.663  -0.014  1.00 12.17 ? 9   ARG B CB  1 
ATOM   322 C CG  . ARG B 1 9  ? -6.647  -3.114  0.174   1.00 13.57 ? 9   ARG B CG  1 
ATOM   323 C CD  . ARG B 1 9  ? -7.915  -2.378  0.118   1.00 12.40 ? 9   ARG B CD  1 
ATOM   324 N NE  . ARG B 1 9  ? -7.767  -0.956  0.406   1.00 13.78 ? 9   ARG B NE  1 
ATOM   325 C CZ  . ARG B 1 9  ? -7.692  -0.414  1.617   1.00 17.74 ? 9   ARG B CZ  1 
ATOM   326 N NH1 . ARG B 1 9  ? -7.735  -1.152  2.718   1.00 17.19 ? 9   ARG B NH1 1 
ATOM   327 N NH2 . ARG B 1 9  ? -7.630  0.911   1.723   1.00 13.88 ? 9   ARG B NH2 1 
ATOM   328 N N   . THR B 1 10 ? -6.379  -7.515  1.664   1.00 17.53 ? 10  THR B N   1 
ATOM   329 C CA  . THR B 1 10 ? -6.725  -8.936  1.746   1.00 26.14 ? 10  THR B CA  1 
ATOM   330 C C   . THR B 1 10 ? -8.053  -9.209  1.056   1.00 24.75 ? 10  THR B C   1 
ATOM   331 O O   . THR B 1 10 ? -8.225  -10.234 0.374   1.00 28.54 ? 10  THR B O   1 
ATOM   332 C CB  . THR B 1 10 ? -6.765  -9.371  3.213   1.00 25.74 ? 10  THR B CB  1 
ATOM   333 O OG1 . THR B 1 10 ? -5.513  -9.069  3.845   1.00 34.59 ? 10  THR B OG1 1 
ATOM   334 C CG2 . THR B 1 10 ? -7.064  -10.878 3.322   1.00 32.43 ? 10  THR B CG2 1 
ATOM   335 N N   . ARG B 1 11 ? -9.006  -8.303  1.196   1.00 22.43 ? 11  ARG B N   1 
ATOM   336 C CA  . ARG B 1 11 ? -10.343 -8.570  0.671   1.00 23.24 ? 11  ARG B CA  1 
ATOM   337 C C   . ARG B 1 11 ? -10.606 -7.986  -0.714  1.00 28.95 ? 11  ARG B C   1 
ATOM   338 O O   . ARG B 1 11 ? -11.607 -8.361  -1.349  1.00 19.06 ? 11  ARG B O   1 
ATOM   339 C CB  . ARG B 1 11 ? -11.390 -8.083  1.679   1.00 27.00 ? 11  ARG B CB  1 
ATOM   340 C CG  . ARG B 1 11 ? -11.174 -8.749  3.052   1.00 33.43 ? 11  ARG B CG  1 
ATOM   341 C CD  . ARG B 1 11 ? -11.977 -8.165  4.218   1.00 38.81 ? 11  ARG B CD  1 
ATOM   342 N NE  . ARG B 1 11 ? -11.992 -6.705  4.281   1.00 43.76 ? 11  ARG B NE  1 
ATOM   343 C CZ  . ARG B 1 11 ? -11.524 -6.004  5.310   1.00 44.23 ? 11  ARG B CZ  1 
ATOM   344 N NH1 . ARG B 1 11 ? -10.992 -6.598  6.367   1.00 51.34 ? 11  ARG B NH1 1 
ATOM   345 N NH2 . ARG B 1 11 ? -11.588 -4.676  5.281   1.00 40.78 ? 11  ARG B NH2 1 
ATOM   346 N N   . GLY B 1 12 ? -9.720  -7.149  -1.233  1.00 14.23 ? 12  GLY B N   1 
ATOM   347 C CA  . GLY B 1 12 ? -9.948  -6.482  -2.497  1.00 13.52 ? 12  GLY B CA  1 
ATOM   348 C C   . GLY B 1 12 ? -10.121 -4.983  -2.324  1.00 16.94 ? 12  GLY B C   1 
ATOM   349 O O   . GLY B 1 12 ? -10.036 -4.439  -1.220  1.00 14.83 ? 12  GLY B O   1 
ATOM   350 N N   . CYS B 1 13 ? -10.308 -4.314  -3.466  1.00 12.75 ? 13  CYS B N   1 
ATOM   351 C CA  . CYS B 1 13 ? -10.228 -2.854  -3.526  1.00 13.68 ? 13  CYS B CA  1 
ATOM   352 C C   . CYS B 1 13 ? -11.549 -2.184  -3.157  1.00 16.74 ? 13  CYS B C   1 
ATOM   353 O O   . CYS B 1 13 ? -12.637 -2.648  -3.525  1.00 16.63 ? 13  CYS B O   1 
ATOM   354 C CB  . CYS B 1 13 ? -9.780  -2.375  -4.917  1.00 11.90 ? 13  CYS B CB  1 
ATOM   355 S SG  . CYS B 1 13 ? -8.246  -3.077  -5.446  1.00 12.65 ? 13  CYS B SG  1 
ATOM   356 N N   . LYS B 1 14 ? -11.447 -1.085  -2.394  1.00 15.35 ? 14  LYS B N   1 
ATOM   357 C CA  . LYS B 1 14 ? -12.597 -0.210  -2.156  1.00 17.95 ? 14  LYS B CA  1 
ATOM   358 C C   . LYS B 1 14 ? -13.198 0.315   -3.442  1.00 20.44 ? 14  LYS B C   1 
ATOM   359 O O   . LYS B 1 14 ? -12.498 0.451   -4.439  1.00 19.56 ? 14  LYS B O   1 
ATOM   360 C CB  . LYS B 1 14 ? -12.210 1.058   -1.381  1.00 20.36 ? 14  LYS B CB  1 
ATOM   361 C CG  . LYS B 1 14 ? -11.563 0.950   -0.067  1.00 31.77 ? 14  LYS B CG  1 
ATOM   362 C CD  . LYS B 1 14 ? -11.840 -0.286  0.662   1.00 26.80 ? 14  LYS B CD  1 
ATOM   363 C CE  . LYS B 1 14 ? -11.365 -0.025  2.090   1.00 30.42 ? 14  LYS B CE  1 
ATOM   364 N NZ  . LYS B 1 14 ? -11.662 1.365   2.517   1.00 41.95 ? 14  LYS B NZ  1 
ATOM   365 N N   . ARG B 1 15 ? -14.461 0.755   -3.400  1.00 26.85 ? 15  ARG B N   1 
ATOM   366 C CA  . ARG B 1 15 ? -15.096 1.238   -4.620  1.00 28.37 ? 15  ARG B CA  1 
ATOM   367 C C   . ARG B 1 15 ? -14.370 2.456   -5.187  1.00 26.66 ? 15  ARG B C   1 
ATOM   368 O O   . ARG B 1 15 ? -14.316 2.641   -6.410  1.00 26.27 ? 15  ARG B O   1 
ATOM   369 C CB  . ARG B 1 15 ? -16.578 1.544   -4.351  1.00 36.89 ? 15  ARG B CB  1 
ATOM   370 C CG  . ARG B 1 15 ? -17.255 2.405   -5.409  1.00 45.38 ? 15  ARG B CG  1 
ATOM   371 C CD  . ARG B 1 15 ? -18.782 2.249   -5.403  1.00 51.11 ? 15  ARG B CD  1 
ATOM   372 N NE  . ARG B 1 15 ? -19.326 2.168   -6.758  1.00 76.20 ? 15  ARG B NE  1 
ATOM   373 C CZ  . ARG B 1 15 ? -19.571 1.038   -7.412  1.00 66.79 ? 15  ARG B CZ  1 
ATOM   374 N NH1 . ARG B 1 15 ? -19.327 -0.144  -6.866  1.00 54.66 ? 15  ARG B NH1 1 
ATOM   375 N NH2 . ARG B 1 15 ? -20.070 1.097   -8.646  1.00 69.77 ? 15  ARG B NH2 1 
ATOM   376 N N   . ARG B 1 16 ? -13.777 3.278   -4.321  1.00 24.88 ? 16  ARG B N   1 
ATOM   377 C CA  . ARG B 1 16 ? -13.096 4.462   -4.826  1.00 30.80 ? 16  ARG B CA  1 
ATOM   378 C C   . ARG B 1 16 ? -11.646 4.192   -5.239  1.00 27.89 ? 16  ARG B C   1 
ATOM   379 O O   . ARG B 1 16 ? -10.985 5.102   -5.758  1.00 29.66 ? 16  ARG B O   1 
ATOM   380 C CB  . ARG B 1 16 ? -13.173 5.578   -3.775  1.00 37.56 ? 16  ARG B CB  1 
ATOM   381 C CG  . ARG B 1 16 ? -14.465 6.438   -3.878  1.00 41.58 ? 16  ARG B CG  1 
ATOM   382 C CD  . ARG B 1 16 ? -14.326 7.696   -3.003  1.00 59.96 ? 16  ARG B CD  1 
ATOM   383 N NE  . ARG B 1 16 ? -15.522 8.154   -2.298  1.00 70.01 ? 16  ARG B NE  1 
ATOM   384 C CZ  . ARG B 1 16 ? -15.647 9.369   -1.770  1.00 61.38 ? 16  ARG B CZ  1 
ATOM   385 N NH1 . ARG B 1 16 ? -14.650 10.240  -1.808  1.00 59.72 ? 16  ARG B NH1 1 
ATOM   386 N NH2 . ARG B 1 16 ? -16.793 9.716   -1.184  1.00 48.33 ? 16  ARG B NH2 1 
ATOM   387 N N   . GLU B 1 17 ? -11.143 2.977   -5.027  1.00 19.35 ? 17  GLU B N   1 
ATOM   388 C CA  . GLU B 1 17 ? -9.794  2.580   -5.401  1.00 19.77 ? 17  GLU B CA  1 
ATOM   389 C C   . GLU B 1 17 ? -9.849  1.828   -6.722  1.00 19.60 ? 17  GLU B C   1 
ATOM   390 O O   . GLU B 1 17 ? -10.917 1.426   -7.196  1.00 17.23 ? 17  GLU B O   1 
ATOM   391 C CB  . GLU B 1 17 ? -9.170  1.688   -4.319  1.00 14.96 ? 17  GLU B CB  1 
ATOM   392 C CG  . GLU B 1 17 ? -9.154  2.330   -2.952  1.00 13.67 ? 17  GLU B CG  1 
ATOM   393 C CD  . GLU B 1 17 ? -8.593  1.442   -1.887  1.00 21.20 ? 17  GLU B CD  1 
ATOM   394 O OE1 . GLU B 1 17 ? -8.874  0.208   -1.902  1.00 13.12 ? 17  GLU B OE1 1 
ATOM   395 O OE2 . GLU B 1 17 ? -7.991  1.984   -0.940  1.00 18.96 ? 17  GLU B OE2 1 
ATOM   396 N N   . ARG B 1 18 ? -8.685  1.598   -7.301  1.00 13.04 ? 18  ARG B N   1 
ATOM   397 C CA  . ARG B 1 18 ? -8.623  0.771   -8.494  1.00 20.29 ? 18  ARG B CA  1 
ATOM   398 C C   . ARG B 1 18 ? -7.482  -0.206  -8.324  1.00 16.13 ? 18  ARG B C   1 
ATOM   399 O O   . ARG B 1 18 ? -6.434  0.147   -7.765  1.00 15.12 ? 18  ARG B O   1 
ATOM   400 C CB  . ARG B 1 18 ? -8.426  1.621   -9.755  1.00 22.37 ? 18  ARG B CB  1 
ATOM   401 C CG  . ARG B 1 18 ? -9.649  2.459   -10.078 1.00 31.55 ? 18  ARG B CG  1 
ATOM   402 C CD  . ARG B 1 18 ? -9.609  3.064   -11.464 1.00 38.10 ? 18  ARG B CD  1 
ATOM   403 N NE  . ARG B 1 18 ? -9.651  2.063   -12.518 1.00 44.65 ? 18  ARG B NE  1 
ATOM   404 C CZ  . ARG B 1 18 ? -10.687 1.884   -13.331 1.00 40.60 ? 18  ARG B CZ  1 
ATOM   405 N NH1 . ARG B 1 18 ? -11.781 2.617   -13.224 1.00 61.24 ? 18  ARG B NH1 1 
ATOM   406 N NH2 . ARG B 1 18 ? -10.623 0.944   -14.273 1.00 29.62 ? 18  ARG B NH2 1 
ATOM   407 N N   . MET B 1 19 ? -7.695  -1.438  -8.777  1.00 13.59 ? 19  MET B N   1 
ATOM   408 C CA  . MET B 1 19 ? -6.612  -2.385  -8.799  1.00 19.56 ? 19  MET B CA  1 
ATOM   409 C C   . MET B 1 19 ? -5.443  -1.740  -9.543  1.00 26.57 ? 19  MET B C   1 
ATOM   410 O O   . MET B 1 19 ? -5.605  -0.767  -10.308 1.00 21.27 ? 19  MET B O   1 
ATOM   411 C CB  . MET B 1 19 ? -7.080  -3.677  -9.473  1.00 27.10 ? 19  MET B CB  1 
ATOM   412 C CG  . MET B 1 19 ? -6.309  -4.925  -9.069  1.00 26.94 ? 19  MET B CG  1 
ATOM   413 S SD  . MET B 1 19 ? -7.111  -6.429  -9.725  1.00 28.00 ? 19  MET B SD  1 
ATOM   414 C CE  . MET B 1 19 ? -5.802  -7.662  -9.589  1.00 28.17 ? 19  MET B CE  1 
ATOM   415 N N   . ASN B 1 20 ? -4.250  -2.169  -9.199  1.00 11.20 ? 20  ASN B N   1 
ATOM   416 C CA  . ASN B 1 20 ? -3.090  -1.713  -9.915  1.00 15.71 ? 20  ASN B CA  1 
ATOM   417 C C   . ASN B 1 20 ? -2.106  -2.866  -9.958  1.00 22.04 ? 20  ASN B C   1 
ATOM   418 O O   . ASN B 1 20 ? -1.003  -2.794  -9.426  1.00 23.62 ? 20  ASN B O   1 
ATOM   419 C CB  . ASN B 1 20 ? -2.508  -0.494  -9.224  1.00 17.60 ? 20  ASN B CB  1 
ATOM   420 C CG  . ASN B 1 20 ? -1.816  0.457   -10.177 1.00 28.33 ? 20  ASN B CG  1 
ATOM   421 O OD1 . ASN B 1 20 ? -0.913  0.078   -10.925 1.00 37.27 ? 20  ASN B OD1 1 
ATOM   422 N ND2 . ASN B 1 20 ? -2.221  1.699   -10.137 1.00 34.93 ? 20  ASN B ND2 1 
ATOM   423 N N   . GLY B 1 21 ? -2.528  -3.964  -10.515 1.00 20.88 ? 21  GLY B N   1 
ATOM   424 C CA  . GLY B 1 21 ? -1.788  -5.204  -10.341 1.00 21.94 ? 21  GLY B CA  1 
ATOM   425 C C   . GLY B 1 21 ? -2.022  -5.922  -9.015  1.00 22.51 ? 21  GLY B C   1 
ATOM   426 O O   . GLY B 1 21 ? -3.008  -5.713  -8.274  1.00 18.68 ? 21  GLY B O   1 
ATOM   427 N N   . THR B 1 22 ? -1.098  -6.834  -8.731  1.00 16.48 ? 22  THR B N   1 
ATOM   428 C CA  . THR B 1 22 ? -1.159  -7.654  -7.534  1.00 13.01 ? 22  THR B CA  1 
ATOM   429 C C   . THR B 1 22 ? -0.020  -7.282  -6.587  1.00 14.57 ? 22  THR B C   1 
ATOM   430 O O   . THR B 1 22 ? 0.897   -6.523  -6.916  1.00 21.78 ? 22  THR B O   1 
ATOM   431 C CB  . THR B 1 22 ? -1.081  -9.158  -7.859  1.00 18.74 ? 22  THR B CB  1 
ATOM   432 O OG1 . THR B 1 22 ? 0.098   -9.421  -8.625  1.00 20.09 ? 22  THR B OG1 1 
ATOM   433 C CG2 . THR B 1 22 ? -2.274  -9.602  -8.653  1.00 18.72 ? 22  THR B CG2 1 
ATOM   434 N N   . CYS B 1 23 ? -0.090  -7.852  -5.390  1.00 18.19 ? 23  CYS B N   1 
ATOM   435 C CA  . CYS B 1 23 ? 0.929   -7.665  -4.373  1.00 20.16 ? 23  CYS B CA  1 
ATOM   436 C C   . CYS B 1 23 ? 0.954   -8.919  -3.513  1.00 27.69 ? 23  CYS B C   1 
ATOM   437 O O   . CYS B 1 23 ? 0.022   -9.715  -3.537  1.00 24.00 ? 23  CYS B O   1 
ATOM   438 C CB  . CYS B 1 23 ? 0.626   -6.437  -3.527  1.00 19.77 ? 23  CYS B CB  1 
ATOM   439 S SG  . CYS B 1 23 ? -1.029  -6.436  -2.876  1.00 16.12 ? 23  CYS B SG  1 
ATOM   440 N N   . ARG B 1 24 ? 2.025   -9.107  -2.746  1.00 26.01 ? 24  ARG B N   1 
ATOM   441 C CA  . ARG B 1 24 ? 2.148   -10.264 -1.868  1.00 32.21 ? 24  ARG B CA  1 
ATOM   442 C C   . ARG B 1 24 ? 2.000   -9.856  -0.405  1.00 39.07 ? 24  ARG B C   1 
ATOM   443 O O   . ARG B 1 24 ? 2.479   -8.790  0.017   1.00 38.57 ? 24  ARG B O   1 
ATOM   444 C CB  . ARG B 1 24 ? 3.485   -10.990 -2.083  1.00 38.72 ? 24  ARG B CB  1 
ATOM   445 C CG  . ARG B 1 24 ? 3.907   -11.112 -3.550  1.00 47.09 ? 24  ARG B CG  1 
ATOM   446 C CD  . ARG B 1 24 ? 4.591   -12.461 -3.840  1.00 54.38 ? 24  ARG B CD  1 
ATOM   447 N NE  . ARG B 1 24 ? 3.858   -13.593 -3.275  1.00 64.50 ? 24  ARG B NE  1 
ATOM   448 C CZ  . ARG B 1 24 ? 3.055   -14.404 -3.956  1.00 56.26 ? 24  ARG B CZ  1 
ATOM   449 N NH1 . ARG B 1 24 ? 2.895   -14.285 -5.266  1.00 57.44 ? 24  ARG B NH1 1 
ATOM   450 N NH2 . ARG B 1 24 ? 2.404   -15.368 -3.309  1.00 44.65 ? 24  ARG B NH2 1 
ATOM   451 N N   . LYS B 1 25 ? 1.347   -10.722 0.367   1.00 37.07 ? 25  LYS B N   1 
ATOM   452 C CA  . LYS B 1 25 ? 1.037   -10.462 1.768   1.00 39.30 ? 25  LYS B CA  1 
ATOM   453 C C   . LYS B 1 25 ? 0.913   -11.799 2.484   1.00 38.87 ? 25  LYS B C   1 
ATOM   454 O O   . LYS B 1 25 ? 0.037   -12.605 2.156   1.00 43.18 ? 25  LYS B O   1 
ATOM   455 C CB  . LYS B 1 25 ? -0.243  -9.628  1.889   1.00 43.29 ? 25  LYS B CB  1 
ATOM   456 C CG  . LYS B 1 25 ? -0.836  -9.507  3.287   1.00 47.89 ? 25  LYS B CG  1 
ATOM   457 C CD  . LYS B 1 25 ? -2.023  -8.535  3.293   1.00 50.96 ? 25  LYS B CD  1 
ATOM   458 C CE  . LYS B 1 25 ? -1.564  -7.113  3.574   1.00 41.86 ? 25  LYS B CE  1 
ATOM   459 N NZ  . LYS B 1 25 ? -0.311  -7.095  4.391   1.00 51.83 ? 25  LYS B NZ  1 
ATOM   460 N N   . GLY B 1 26 ? 1.814   -12.055 3.426   1.00 42.39 ? 26  GLY B N   1 
ATOM   461 C CA  . GLY B 1 26 ? 1.806   -13.331 4.122   1.00 42.86 ? 26  GLY B CA  1 
ATOM   462 C C   . GLY B 1 26 ? 2.030   -14.502 3.195   1.00 46.59 ? 26  GLY B C   1 
ATOM   463 O O   . GLY B 1 26 ? 1.417   -15.563 3.381   1.00 48.14 ? 26  GLY B O   1 
ATOM   464 N N   . HIS B 1 27 ? 2.897   -14.325 2.189   1.00 54.68 ? 27  HIS B N   1 
ATOM   465 C CA  . HIS B 1 27 ? 3.186   -15.302 1.135   1.00 53.57 ? 27  HIS B CA  1 
ATOM   466 C C   . HIS B 1 27 ? 1.956   -15.641 0.289   1.00 48.59 ? 27  HIS B C   1 
ATOM   467 O O   . HIS B 1 27 ? 1.950   -16.648 -0.426  1.00 47.27 ? 27  HIS B O   1 
ATOM   468 C CB  . HIS B 1 27 ? 3.815   -16.575 1.713   1.00 58.74 ? 27  HIS B CB  1 
ATOM   469 C CG  . HIS B 1 27 ? 4.660   -16.322 2.927   1.00 69.48 ? 27  HIS B CG  1 
ATOM   470 N ND1 . HIS B 1 27 ? 5.606   -15.316 2.979   1.00 62.41 ? 27  HIS B ND1 1 
ATOM   471 C CD2 . HIS B 1 27 ? 4.709   -16.945 4.131   1.00 68.43 ? 27  HIS B CD2 1 
ATOM   472 C CE1 . HIS B 1 27 ? 6.187   -15.322 4.166   1.00 61.67 ? 27  HIS B CE1 1 
ATOM   473 N NE2 . HIS B 1 27 ? 5.665   -16.304 4.883   1.00 64.54 ? 27  HIS B NE2 1 
ATOM   474 N N   . LEU B 1 28 ? 0.917   -14.808 0.336   1.00 38.08 ? 28  LEU B N   1 
ATOM   475 C CA  . LEU B 1 28 ? -0.279  -15.020 -0.462  1.00 34.79 ? 28  LEU B CA  1 
ATOM   476 C C   . LEU B 1 28 ? -0.483  -13.827 -1.383  1.00 31.93 ? 28  LEU B C   1 
ATOM   477 O O   . LEU B 1 28 ? -0.117  -12.697 -1.049  1.00 31.55 ? 28  LEU B O   1 
ATOM   478 C CB  . LEU B 1 28 ? -1.518  -15.212 0.430   1.00 35.01 ? 28  LEU B CB  1 
ATOM   479 C CG  . LEU B 1 28 ? -1.554  -16.551 1.176   1.00 38.92 ? 28  LEU B CG  1 
ATOM   480 C CD1 . LEU B 1 28 ? -2.850  -16.727 1.977   1.00 38.71 ? 28  LEU B CD1 1 
ATOM   481 C CD2 . LEU B 1 28 ? -1.285  -17.745 0.248   1.00 36.68 ? 28  LEU B CD2 1 
ATOM   482 N N   . MET B 1 29 ? -1.099  -14.069 -2.539  1.00 24.42 ? 29  MET B N   1 
ATOM   483 C CA  . MET B 1 29 ? -1.272  -13.016 -3.530  1.00 25.92 ? 29  MET B CA  1 
ATOM   484 C C   . MET B 1 29 ? -2.582  -12.263 -3.275  1.00 19.44 ? 29  MET B C   1 
ATOM   485 O O   . MET B 1 29 ? -3.609  -12.861 -2.931  1.00 18.35 ? 29  MET B O   1 
ATOM   486 C CB  . MET B 1 29 ? -1.258  -13.606 -4.951  1.00 24.52 ? 29  MET B CB  1 
ATOM   487 C CG  . MET B 1 29 ? -1.292  -12.548 -6.059  1.00 17.89 ? 29  MET B CG  1 
ATOM   488 S SD  . MET B 1 29 ? -1.508  -13.343 -7.667  1.00 19.18 ? 29  MET B SD  1 
ATOM   489 C CE  . MET B 1 29 ? -0.081  -14.448 -7.803  1.00 22.17 ? 29  MET B CE  1 
ATOM   490 N N   . HIS B 1 30 ? -2.536  -10.946 -3.453  1.00 23.80 ? 30  HIS B N   1 
ATOM   491 C CA  . HIS B 1 30 ? -3.664  -10.084 -3.146  1.00 16.22 ? 30  HIS B CA  1 
ATOM   492 C C   . HIS B 1 30 ? -3.733  -8.981  -4.200  1.00 12.51 ? 30  HIS B C   1 
ATOM   493 O O   . HIS B 1 30 ? -2.821  -8.806  -5.003  1.00 12.78 ? 30  HIS B O   1 
ATOM   494 C CB  . HIS B 1 30 ? -3.526  -9.539  -1.707  1.00 16.21 ? 30  HIS B CB  1 
ATOM   495 C CG  . HIS B 1 30 ? -3.791  -10.572 -0.650  1.00 22.87 ? 30  HIS B CG  1 
ATOM   496 N ND1 . HIS B 1 30 ? -5.039  -11.114 -0.433  1.00 22.00 ? 30  HIS B ND1 1 
ATOM   497 C CD2 . HIS B 1 30 ? -2.961  -11.183 0.231   1.00 27.61 ? 30  HIS B CD2 1 
ATOM   498 C CE1 . HIS B 1 30 ? -4.975  -11.995 0.549   1.00 28.83 ? 30  HIS B CE1 1 
ATOM   499 N NE2 . HIS B 1 30 ? -3.723  -12.061 0.965   1.00 27.60 ? 30  HIS B NE2 1 
ATOM   500 N N   . THR B 1 31 ? -4.853  -8.265  -4.224  1.00 12.00 ? 31  THR B N   1 
ATOM   501 C CA  . THR B 1 31 ? -4.989  -7.079  -5.052  1.00 11.30 ? 31  THR B CA  1 
ATOM   502 C C   . THR B 1 31 ? -4.173  -5.927  -4.456  1.00 10.85 ? 31  THR B C   1 
ATOM   503 O O   . THR B 1 31 ? -4.334  -5.617  -3.268  1.00 12.07 ? 31  THR B O   1 
ATOM   504 C CB  . THR B 1 31 ? -6.427  -6.614  -5.067  1.00 11.27 ? 31  THR B CB  1 
ATOM   505 O OG1 . THR B 1 31 ? -6.875  -6.551  -3.708  1.00 15.23 ? 31  THR B OG1 1 
ATOM   506 C CG2 . THR B 1 31 ? -7.289  -7.631  -5.794  1.00 12.04 ? 31  THR B CG2 1 
ATOM   507 N N   . LEU B 1 32 ? -3.450  -5.209  -5.310  1.00 10.66 ? 32  LEU B N   1 
ATOM   508 C CA  . LEU B 1 32 ? -2.905  -3.894  -4.932  1.00 10.44 ? 32  LEU B CA  1 
ATOM   509 C C   . LEU B 1 32 ? -3.941  -2.841  -5.347  1.00 10.11 ? 32  LEU B C   1 
ATOM   510 O O   . LEU B 1 32 ? -4.348  -2.787  -6.506  1.00 10.20 ? 32  LEU B O   1 
ATOM   511 C CB  . LEU B 1 32 ? -1.557  -3.606  -5.605  1.00 10.82 ? 32  LEU B CB  1 
ATOM   512 C CG  . LEU B 1 32 ? -0.851  -2.302  -5.196  1.00 12.23 ? 32  LEU B CG  1 
ATOM   513 C CD1 . LEU B 1 32 ? -0.279  -2.450  -3.777  1.00 11.50 ? 32  LEU B CD1 1 
ATOM   514 C CD2 . LEU B 1 32 ? 0.194   -1.979  -6.220  1.00 13.20 ? 32  LEU B CD2 1 
ATOM   515 N N   . CYS B 1 33 ? -4.334  -1.971  -4.425  1.00 10.03 ? 33  CYS B N   1 
ATOM   516 C CA  . CYS B 1 33 ? -5.458  -1.075  -4.617  1.00 10.04 ? 33  CYS B CA  1 
ATOM   517 C C   . CYS B 1 33 ? -4.997  0.332   -4.376  1.00 14.73 ? 33  CYS B C   1 
ATOM   518 O O   . CYS B 1 33 ? -4.507  0.599   -3.294  1.00 10.38 ? 33  CYS B O   1 
ATOM   519 C CB  . CYS B 1 33 ? -6.565  -1.401  -3.622  1.00 11.69 ? 33  CYS B CB  1 
ATOM   520 S SG  . CYS B 1 33 ? -7.049  -3.135  -3.770  1.00 10.72 ? 33  CYS B SG  1 
ATOM   521 N N   . CYS B 1 34 ? -5.158  1.215   -5.359  1.00 10.43 ? 34  CYS B N   1 
ATOM   522 C CA  . CYS B 1 34 ? -4.574  2.546   -5.273  1.00 10.88 ? 34  CYS B CA  1 
ATOM   523 C C   . CYS B 1 34 ? -5.636  3.609   -5.506  1.00 14.06 ? 34  CYS B C   1 
ATOM   524 O O   . CYS B 1 34 ? -6.620  3.382   -6.221  1.00 17.11 ? 34  CYS B O   1 
ATOM   525 C CB  . CYS B 1 34 ? -3.436  2.724   -6.298  1.00 11.33 ? 34  CYS B CB  1 
ATOM   526 S SG  . CYS B 1 34 ? -2.214  1.433   -6.317  1.00 14.36 ? 34  CYS B SG  1 
ATOM   527 N N   . ARG B 1 35 ? -5.385  4.773   -4.922  1.00 18.35 ? 35  ARG B N   1 
ATOM   528 C CA  . ARG B 1 35 ? -6.209  5.977   -5.100  1.00 21.81 ? 35  ARG B CA  1 
ATOM   529 C C   . ARG B 1 35 ? -5.337  7.227   -4.974  1.00 28.65 ? 35  ARG B C   1 
ATOM   530 O O   . ARG B 1 35 ? -4.274  7.207   -4.350  1.00 22.59 ? 35  ARG B O   1 
ATOM   531 C CB  . ARG B 1 35 ? -7.364  6.009   -4.095  1.00 25.84 ? 35  ARG B CB  1 
ATOM   532 C CG  . ARG B 1 35 ? -8.407  7.052   -4.418  1.00 32.97 ? 35  ARG B CG  1 
ATOM   533 C CD  . ARG B 1 35 ? -9.167  7.440   -3.162  1.00 46.16 ? 35  ARG B CD  1 
ATOM   534 N NE  . ARG B 1 35 ? -10.509 7.940   -3.432  1.00 51.97 ? 35  ARG B NE  1 
ATOM   535 C CZ  . ARG B 1 35 ? -10.838 9.210   -3.215  1.00 63.72 ? 35  ARG B CZ  1 
ATOM   536 N NH1 . ARG B 1 35 ? -9.964  10.070  -2.709  1.00 55.47 ? 35  ARG B NH1 1 
ATOM   537 N NH2 . ARG B 1 35 ? -12.063 9.634   -3.528  1.00 54.83 ? 35  ARG B NH2 1 
ATOM   538 O OXT . ARG B 1 35 ? -5.668  8.297   -5.495  1.00 30.20 ? 35  ARG B OXT 1 
HETATM 539 S S   . SO4 C 2 .  ? 14.034  14.773  -1.969  1.00 25.90 ? 101 SO4 A S   1 
HETATM 540 O O1  . SO4 C 2 .  ? 13.964  15.967  -1.154  1.00 56.04 ? 101 SO4 A O1  1 
HETATM 541 O O2  . SO4 C 2 .  ? 12.753  14.048  -1.965  1.00 36.75 ? 101 SO4 A O2  1 
HETATM 542 O O3  . SO4 C 2 .  ? 14.413  15.139  -3.339  1.00 37.28 ? 101 SO4 A O3  1 
HETATM 543 O O4  . SO4 C 2 .  ? 15.028  13.807  -1.512  1.00 25.97 ? 101 SO4 A O4  1 
HETATM 544 S S   . SO4 D 2 .  ? -2.285  -5.349  7.494   1.00 43.69 ? 102 SO4 A S   1 
HETATM 545 O O1  . SO4 D 2 .  ? -1.839  -5.003  8.845   1.00 44.84 ? 102 SO4 A O1  1 
HETATM 546 O O2  . SO4 D 2 .  ? -3.735  -5.206  7.424   1.00 43.30 ? 102 SO4 A O2  1 
HETATM 547 O O3  . SO4 D 2 .  ? -1.652  -4.453  6.536   1.00 37.61 ? 102 SO4 A O3  1 
HETATM 548 O O4  . SO4 D 2 .  ? -1.871  -6.718  7.193   1.00 46.85 ? 102 SO4 A O4  1 
HETATM 549 S S   . SO4 E 2 .  ? 3.091   -4.722  3.270   1.00 46.83 ? 103 SO4 A S   1 
HETATM 550 O O1  . SO4 E 2 .  ? 4.514   -4.544  3.575   1.00 32.21 ? 103 SO4 A O1  1 
HETATM 551 O O2  . SO4 E 2 .  ? 2.276   -4.363  4.419   1.00 31.17 ? 103 SO4 A O2  1 
HETATM 552 O O3  . SO4 E 2 .  ? 2.654   -3.917  2.118   1.00 42.39 ? 103 SO4 A O3  1 
HETATM 553 O O4  . SO4 E 2 .  ? 2.848   -6.147  2.963   1.00 48.18 ? 103 SO4 A O4  1 
HETATM 554 S S   . SO4 F 2 .  ? 6.561   -14.324 -0.916  1.00 80.31 ? 101 SO4 B S   1 
HETATM 555 O O1  . SO4 F 2 .  ? 6.667   -15.334 0.140   1.00 65.79 ? 101 SO4 B O1  1 
HETATM 556 O O2  . SO4 F 2 .  ? 5.418   -13.456 -0.615  1.00 61.68 ? 101 SO4 B O2  1 
HETATM 557 O O3  . SO4 F 2 .  ? 7.786   -13.522 -0.953  1.00 72.16 ? 101 SO4 B O3  1 
HETATM 558 O O4  . SO4 F 2 .  ? 6.374   -14.969 -2.223  1.00 61.59 ? 101 SO4 B O4  1 
HETATM 559 S S   . SO4 G 2 .  ? -9.085  1.450   5.489   1.00 47.40 ? 102 SO4 B S   1 
HETATM 560 O O1  . SO4 G 2 .  ? -8.725  2.375   6.562   1.00 45.05 ? 102 SO4 B O1  1 
HETATM 561 O O2  . SO4 G 2 .  ? -10.112 0.535   5.989   1.00 47.77 ? 102 SO4 B O2  1 
HETATM 562 O O3  . SO4 G 2 .  ? -9.550  2.212   4.328   1.00 41.71 ? 102 SO4 B O3  1 
HETATM 563 O O4  . SO4 G 2 .  ? -7.921  0.678   5.096   1.00 29.55 ? 102 SO4 B O4  1 
HETATM 564 O O   . HOH H 3 .  ? 17.239  12.115  -2.467  1.00 35.69 ? 201 HOH A O   1 
HETATM 565 O O   . HOH H 3 .  ? 5.504   12.667  -12.408 1.00 47.39 ? 202 HOH A O   1 
HETATM 566 O O   . HOH H 3 .  ? -2.693  -9.012  7.370   1.00 45.20 ? 203 HOH A O   1 
HETATM 567 O O   . HOH H 3 .  ? -0.784  -2.345  2.424   1.00 22.88 ? 204 HOH A O   1 
HETATM 568 O O   . HOH H 3 .  ? -0.601  9.539   5.293   1.00 17.65 ? 205 HOH A O   1 
HETATM 569 O O   . HOH H 3 .  ? -0.341  -4.119  4.184   1.00 29.98 ? 206 HOH A O   1 
HETATM 570 O O   . HOH H 3 .  ? -3.222  3.592   15.094  1.00 32.61 ? 207 HOH A O   1 
HETATM 571 O O   . HOH H 3 .  ? -0.239  -0.515  13.588  1.00 24.99 ? 208 HOH A O   1 
HETATM 572 O O   . HOH H 3 .  ? 10.227  -3.857  8.228   1.00 36.75 ? 209 HOH A O   1 
HETATM 573 O O   . HOH H 3 .  ? -6.944  4.378   4.662   1.00 31.99 ? 210 HOH A O   1 
HETATM 574 O O   . HOH H 3 .  ? 10.825  2.173   7.232   1.00 28.36 ? 211 HOH A O   1 
HETATM 575 O O   . HOH H 3 .  ? 2.579   -4.035  -1.339  1.00 26.60 ? 212 HOH A O   1 
HETATM 576 O O   . HOH H 3 .  ? -0.719  -2.548  12.399  1.00 35.36 ? 213 HOH A O   1 
HETATM 577 O O   . HOH H 3 .  ? 3.694   -4.135  -3.270  1.00 40.36 ? 214 HOH A O   1 
HETATM 578 O O   . HOH H 3 .  ? -8.079  5.826   9.362   1.00 36.99 ? 215 HOH A O   1 
HETATM 579 O O   . HOH I 3 .  ? 0.699   -11.223 -10.307 1.00 25.67 ? 201 HOH B O   1 
HETATM 580 O O   . HOH I 3 .  ? 2.062   -9.770  -7.008  1.00 32.74 ? 202 HOH B O   1 
HETATM 581 O O   . HOH I 3 .  ? -8.324  -12.662 -0.533  1.00 23.31 ? 203 HOH B O   1 
HETATM 582 O O   . HOH I 3 .  ? -6.753  -9.622  -2.123  1.00 17.76 ? 204 HOH B O   1 
HETATM 583 O O   . HOH I 3 .  ? -13.610 1.000   -14.329 1.00 38.99 ? 205 HOH B O   1 
HETATM 584 O O   . HOH I 3 .  ? -4.469  -15.278 -2.125  1.00 27.11 ? 206 HOH B O   1 
HETATM 585 O O   . HOH I 3 .  ? -8.559  4.604   -0.416  1.00 28.02 ? 207 HOH B O   1 
HETATM 586 O O   . HOH I 3 .  ? -15.126 -2.282  -4.680  1.00 30.86 ? 208 HOH B O   1 
HETATM 587 O O   . HOH I 3 .  ? 1.500   -6.971  -9.908  1.00 33.54 ? 209 HOH B O   1 
HETATM 588 O O   . HOH I 3 .  ? -12.643 3.099   -8.869  1.00 35.78 ? 210 HOH B O   1 
HETATM 589 O O   . HOH I 3 .  ? -10.470 -2.305  -9.590  1.00 14.56 ? 211 HOH B O   1 
HETATM 590 O O   . HOH I 3 .  ? -12.257 -1.307  -7.155  1.00 23.93 ? 212 HOH B O   1 
HETATM 591 O O   . HOH I 3 .  ? 4.464   14.719  -3.075  1.00 53.67 ? 213 HOH B O   1 
HETATM 592 O O   . HOH I 3 .  ? 0.697   -7.130  -11.710 1.00 30.42 ? 214 HOH B O   1 
HETATM 593 O O   . HOH I 3 .  ? 1.085   -9.517  -12.517 1.00 30.26 ? 215 HOH B O   1 
HETATM 594 O O   . HOH I 3 .  ? -14.982 -1.777  -6.986  1.00 31.14 ? 216 HOH B O   1 
# 
loop_
_atom_site_anisotrop.id 
_atom_site_anisotrop.type_symbol 
_atom_site_anisotrop.pdbx_label_atom_id 
_atom_site_anisotrop.pdbx_label_alt_id 
_atom_site_anisotrop.pdbx_label_comp_id 
_atom_site_anisotrop.pdbx_label_asym_id 
_atom_site_anisotrop.pdbx_label_seq_id 
_atom_site_anisotrop.pdbx_PDB_ins_code 
_atom_site_anisotrop.U[1][1] 
_atom_site_anisotrop.U[2][2] 
_atom_site_anisotrop.U[3][3] 
_atom_site_anisotrop.U[1][2] 
_atom_site_anisotrop.U[1][3] 
_atom_site_anisotrop.U[2][3] 
_atom_site_anisotrop.pdbx_auth_seq_id 
_atom_site_anisotrop.pdbx_auth_comp_id 
_atom_site_anisotrop.pdbx_auth_asym_id 
_atom_site_anisotrop.pdbx_auth_atom_id 
1   N N   . ASP A 3  ? 0.8386 0.8266 0.6207 -0.2244 0.0447  -0.0233 3  ASP A N   
2   C CA  . ASP A 3  ? 0.9534 0.9440 0.7733 -0.2048 0.0305  -0.0341 3  ASP A CA  
3   C C   . ASP A 3  ? 0.9395 0.9541 0.7990 -0.1932 0.0475  -0.0516 3  ASP A C   
4   O O   . ASP A 3  ? 1.0006 1.0357 0.8731 -0.1980 0.0694  -0.0547 3  ASP A O   
9   N N   . LEU A 4  ? 0.7063 0.7196 0.5852 -0.1777 0.0364  -0.0623 4  LEU A N   
10  C CA  . LEU A 4  ? 0.5780 0.6071 0.4929 -0.1639 0.0453  -0.0777 4  LEU A CA  
11  C C   . LEU A 4  ? 0.4222 0.4420 0.3301 -0.1476 0.0379  -0.0837 4  LEU A C   
12  O O   . LEU A 4  ? 0.4777 0.4862 0.3792 -0.1411 0.0203  -0.0720 4  LEU A O   
13  C CB  . LEU A 4  ? 0.5488 0.5807 0.5025 -0.1457 0.0337  -0.0676 4  LEU A CB  
14  C CG  . LEU A 4  ? 0.5480 0.5978 0.5332 -0.1455 0.0442  -0.0692 4  LEU A CG  
15  C CD1 . LEU A 4  ? 0.3620 0.4047 0.3733 -0.1269 0.0273  -0.0613 4  LEU A CD1 
16  C CD2 . LEU A 4  ? 0.4929 0.5643 0.4940 -0.1449 0.0645  -0.0882 4  LEU A CD2 
17  N N   . VAL A 5  ? 0.4030 0.4278 0.3172 -0.1405 0.0502  -0.0999 5  VAL A N   
18  C CA  . VAL A 5  ? 0.3442 0.3579 0.2620 -0.1243 0.0396  -0.0999 5  VAL A CA  
19  C C   . VAL A 5  ? 0.2901 0.3113 0.2461 -0.1078 0.0367  -0.1008 5  VAL A C   
20  O O   . VAL A 5  ? 0.2873 0.3205 0.2624 -0.1061 0.0497  -0.1134 5  VAL A O   
21  C CB  . VAL A 5  ? 0.3769 0.3803 0.2697 -0.1247 0.0493  -0.1133 5  VAL A CB  
22  C CG1 . VAL A 5  ? 0.3051 0.2939 0.2045 -0.1107 0.0351  -0.1126 5  VAL A CG1 
23  C CG2 . VAL A 5  ? 0.3818 0.3745 0.2305 -0.1397 0.0504  -0.1097 5  VAL A CG2 
24  N N   . CYS A 6  ? 0.2105 0.2252 0.1767 -0.0960 0.0201  -0.0886 6  CYS A N   
25  C CA  . CYS A 6  ? 0.1838 0.2013 0.1761 -0.0823 0.0154  -0.0857 6  CYS A CA  
26  C C   . CYS A 6  ? 0.1859 0.1908 0.1751 -0.0753 0.0063  -0.0841 6  CYS A C   
27  O O   . CYS A 6  ? 0.2062 0.2036 0.1824 -0.0781 -0.0025 -0.0793 6  CYS A O   
28  C CB  . CYS A 6  ? 0.1961 0.2151 0.1995 -0.0766 0.0054  -0.0727 6  CYS A CB  
29  S SG  . CYS A 6  ? 0.2495 0.2757 0.2554 -0.0864 0.0106  -0.0712 6  CYS A SG  
30  N N   . TYR A 7  ? 0.1798 0.1827 0.1820 -0.0678 0.0071  -0.0881 7  TYR A N   
31  C CA  . TYR A 7  ? 0.1857 0.1734 0.1843 -0.0635 -0.0026 -0.0857 7  TYR A CA  
32  C C   . TYR A 7  ? 0.1640 0.1543 0.1753 -0.0574 -0.0093 -0.0751 7  TYR A C   
33  O O   . TYR A 7  ? 0.1503 0.1498 0.1757 -0.0532 -0.0052 -0.0757 7  TYR A O   
34  C CB  . TYR A 7  ? 0.2076 0.1846 0.2045 -0.0606 0.0032  -0.1003 7  TYR A CB  
35  C CG  . TYR A 7  ? 0.2360 0.2096 0.2149 -0.0659 0.0130  -0.1132 7  TYR A CG  
36  C CD1 . TYR A 7  ? 0.2835 0.2369 0.2370 -0.0693 0.0053  -0.1148 7  TYR A CD1 
37  C CD2 . TYR A 7  ? 0.3045 0.2956 0.2903 -0.0692 0.0303  -0.1243 7  TYR A CD2 
38  C CE1 . TYR A 7  ? 0.3356 0.2820 0.2641 -0.0738 0.0141  -0.1267 7  TYR A CE1 
39  C CE2 . TYR A 7  ? 0.3403 0.3272 0.3016 -0.0751 0.0420  -0.1358 7  TYR A CE2 
40  C CZ  . TYR A 7  ? 0.3849 0.3478 0.3150 -0.0764 0.0335  -0.1363 7  TYR A CZ  
41  O OH  . TYR A 7  ? 0.5508 0.5063 0.4501 -0.0808 0.0443  -0.1472 7  TYR A OH  
42  N N   . CYS A 8  ? 0.1646 0.1513 0.1731 -0.0596 -0.0172 -0.0686 8  CYS A N   
43  C CA  . CYS A 8  ? 0.1515 0.1419 0.1685 -0.0569 -0.0205 -0.0620 8  CYS A CA  
44  C C   . CYS A 8  ? 0.1656 0.1398 0.1791 -0.0573 -0.0257 -0.0636 8  CYS A C   
45  O O   . CYS A 8  ? 0.1815 0.1442 0.1886 -0.0625 -0.0336 -0.0628 8  CYS A O   
46  C CB  . CYS A 8  ? 0.1456 0.1441 0.1643 -0.0600 -0.0252 -0.0548 8  CYS A CB  
47  S SG  . CYS A 8  ? 0.1582 0.1637 0.1844 -0.0572 -0.0266 -0.0490 8  CYS A SG  
48  N N   . ARG A 9  ? 0.1628 0.1353 0.1821 -0.0522 -0.0233 -0.0666 9  ARG A N   
49  C CA  . ARG A 9  ? 0.1827 0.1355 0.1962 -0.0519 -0.0272 -0.0706 9  ARG A CA  
50  C C   . ARG A 9  ? 0.2126 0.1602 0.2238 -0.0545 -0.0324 -0.0640 9  ARG A C   
51  O O   . ARG A 9  ? 0.1772 0.1384 0.1962 -0.0518 -0.0315 -0.0600 9  ARG A O   
52  C CB  . ARG A 9  ? 0.1842 0.1422 0.2148 -0.0434 -0.0197 -0.0842 9  ARG A CB  
53  C CG  . ARG A 9  ? 0.1888 0.1550 0.2215 -0.0431 -0.0102 -0.0950 9  ARG A CG  
54  C CD  . ARG A 9  ? 0.2202 0.1843 0.2686 -0.0348 -0.0032 -0.1136 9  ARG A CD  
55  N NE  . ARG A 9  ? 0.2198 0.1905 0.2642 -0.0361 0.0094  -0.1265 9  ARG A NE  
56  C CZ  . ARG A 9  ? 0.3027 0.2502 0.3198 -0.0371 0.0097  -0.1328 9  ARG A CZ  
57  N NH1 . ARG A 9  ? 0.3448 0.2611 0.3394 -0.0385 -0.0033 -0.1274 9  ARG A NH1 
58  N NH2 . ARG A 9  ? 0.2972 0.2509 0.3058 -0.0383 0.0231  -0.1450 9  ARG A NH2 
59  N N   . THR A 10 ? 0.2371 0.1625 0.2351 -0.0610 -0.0362 -0.0654 10 THR A N   
60  C CA  . THR A 10 ? 0.2481 0.1730 0.2462 -0.0667 -0.0361 -0.0626 10 THR A CA  
61  C C   . THR A 10 ? 0.2592 0.1840 0.2765 -0.0545 -0.0409 -0.0675 10 THR A C   
62  O O   . THR A 10 ? 0.3476 0.2762 0.3676 -0.0551 -0.0451 -0.0636 10 THR A O   
63  C CB  . THR A 10 ? 0.3041 0.2168 0.3039 -0.0741 -0.0344 -0.0689 10 THR A CB  
64  O OG1 . THR A 10 ? 0.4264 0.3577 0.4364 -0.0775 -0.0270 -0.0727 10 THR A OG1 
65  C CG2 . THR A 10 ? 0.2865 0.1988 0.2983 -0.0770 -0.0425 -0.0649 10 THR A CG2 
66  N N   . ARG A 11 ? 0.2491 0.1717 0.2829 -0.0421 -0.0419 -0.0769 11 ARG A N   
67  C CA  . ARG A 11 ? 0.3749 0.3035 0.4353 -0.0289 -0.0493 -0.0817 11 ARG A CA  
68  C C   . ARG A 11 ? 0.3128 0.2675 0.3961 -0.0224 -0.0420 -0.0884 11 ARG A C   
69  O O   . ARG A 11 ? 0.2642 0.2332 0.3384 -0.0281 -0.0345 -0.0824 11 ARG A O   
70  C CB  . ARG A 11 ? 0.4308 0.3355 0.5015 -0.0192 -0.0594 -0.0895 11 ARG A CB  
71  C CG  . ARG A 11 ? 0.4806 0.3567 0.5292 -0.0276 -0.0685 -0.0807 11 ARG A CG  
72  C CD  . ARG A 11 ? 0.6295 0.4794 0.6888 -0.0152 -0.0868 -0.0820 11 ARG A CD  
73  N NE  . ARG A 11 ? 0.8806 0.7448 0.9635 -0.0050 -0.0980 -0.0816 11 ARG A NE  
74  C CZ  . ARG A 11 ? 0.8404 0.6877 0.9187 -0.0039 -0.1172 -0.0722 11 ARG A CZ  
75  N NH1 . ARG A 11 ? 0.7343 0.5510 0.7848 -0.0133 -0.1262 -0.0607 11 ARG A NH1 
76  N NH2 . ARG A 11 ? 0.7690 0.6293 0.8694 0.0048  -0.1291 -0.0733 11 ARG A NH2 
77  N N   . GLY A 12 ? 0.3484 0.3099 0.4640 -0.0105 -0.0446 -0.1015 12 GLY A N   
78  C CA  . GLY A 12 ? 0.2882 0.2789 0.4329 -0.0076 -0.0376 -0.1095 12 GLY A CA  
79  C C   . GLY A 12 ? 0.2897 0.2900 0.4366 -0.0094 -0.0218 -0.1210 12 GLY A C   
80  O O   . GLY A 12 ? 0.2967 0.2784 0.4192 -0.0114 -0.0177 -0.1224 12 GLY A O   
81  N N   . CYS A 13 ? 0.2316 0.2595 0.4053 -0.0106 -0.0130 -0.1293 13 CYS A N   
82  C CA  . CYS A 13 ? 0.2370 0.2763 0.4083 -0.0161 0.0046  -0.1402 13 CYS A CA  
83  C C   . CYS A 13 ? 0.3241 0.3659 0.5161 -0.0037 0.0144  -0.1608 13 CYS A C   
84  O O   . CYS A 13 ? 0.3360 0.3839 0.5622 0.0109  0.0087  -0.1679 13 CYS A O   
85  C CB  . CYS A 13 ? 0.1524 0.2177 0.3387 -0.0253 0.0122  -0.1396 13 CYS A CB  
86  S SG  . CYS A 13 ? 0.1741 0.2261 0.3175 -0.0329 0.0057  -0.1126 13 CYS A SG  
87  N N   . LYS A 14 ? 0.2550 0.2915 0.4217 -0.0066 0.0291  -0.1666 14 LYS A N   
88  C CA  . LYS A 14 ? 0.3875 0.4236 0.5585 0.0080  0.0419  -0.1810 14 LYS A CA  
89  C C   . LYS A 14 ? 0.3153 0.3945 0.5237 0.0117  0.0608  -0.1893 14 LYS A C   
90  O O   . LYS A 14 ? 0.3010 0.4087 0.5333 0.0013  0.0630  -0.1844 14 LYS A O   
91  C CB  . LYS A 14 ? 0.3867 0.3983 0.5095 0.0029  0.0496  -0.1829 14 LYS A CB  
92  C CG  . LYS A 14 ? 0.4325 0.4004 0.5243 0.0098  0.0374  -0.1816 14 LYS A CG  
93  C CD  . LYS A 14 ? 0.4848 0.4358 0.5789 0.0075  0.0162  -0.1675 14 LYS A CD  
94  C CE  . LYS A 14 ? 0.5428 0.4460 0.5977 0.0079  0.0061  -0.1652 14 LYS A CE  
95  N NZ  . LYS A 14 ? 0.5881 0.4750 0.6244 -0.0064 -0.0093 -0.1464 14 LYS A NZ  
96  N N   . ARG A 15 ? 0.5684 0.6516 0.7777 0.0264  0.0750  -0.1987 15 ARG A N   
97  C CA  . ARG A 15 ? 0.5723 0.6978 0.8104 0.0306  0.0953  -0.2014 15 ARG A CA  
98  C C   . ARG A 15 ? 0.5309 0.6729 0.7480 0.0098  0.1118  -0.1974 15 ARG A C   
99  O O   . ARG A 15 ? 0.5718 0.6892 0.7423 0.0013  0.1164  -0.2000 15 ARG A O   
100 C CB  . ARG A 15 ? 0.6621 0.7816 0.8944 0.0527  0.1083  -0.2132 15 ARG A CB  
101 C CG  . ARG A 15 ? 0.6939 0.7614 0.8709 0.0560  0.1044  -0.2205 15 ARG A CG  
102 C CD  . ARG A 15 ? 0.7961 0.8251 0.9717 0.0718  0.0839  -0.2220 15 ARG A CD  
103 N NE  . ARG A 15 ? 0.6732 0.6961 0.8646 0.0628  0.0603  -0.2099 15 ARG A NE  
104 C CZ  . ARG A 15 ? 0.7024 0.7233 0.9248 0.0759  0.0442  -0.2069 15 ARG A CZ  
105 N NH1 . ARG A 15 ? 0.8208 0.8468 1.0666 0.0993  0.0479  -0.2146 15 ARG A NH1 
106 N NH2 . ARG A 15 ? 0.6804 0.6937 0.9088 0.0659  0.0235  -0.1953 15 ARG A NH2 
107 N N   . ARG A 16 ? 0.2936 0.4746 0.5426 0.0003  0.1178  -0.1876 16 ARG A N   
108 C CA  . ARG A 16 ? 0.4798 0.6773 0.7117 -0.0212 0.1311  -0.1785 16 ARG A CA  
109 C C   . ARG A 16 ? 0.4539 0.6259 0.6515 -0.0399 0.1208  -0.1739 16 ARG A C   
110 O O   . ARG A 16 ? 0.4560 0.6276 0.6229 -0.0567 0.1304  -0.1684 16 ARG A O   
111 C CB  . ARG A 16 ? 0.5944 0.8009 0.8019 -0.0189 0.1569  -0.1843 16 ARG A CB  
112 C CG  . ARG A 16 ? 0.6662 0.8343 0.8169 -0.0178 0.1609  -0.1951 16 ARG A CG  
113 C CD  . ARG A 16 ? 0.7167 0.8906 0.8520 -0.0025 0.1834  -0.2055 16 ARG A CD  
114 N NE  . ARG A 16 ? 0.7443 0.9405 0.9237 0.0219  0.1885  -0.2115 16 ARG A NE  
115 C CZ  . ARG A 16 ? 0.8648 1.0645 1.0373 0.0429  0.2065  -0.2230 16 ARG A CZ  
116 N NH1 . ARG A 16 ? 0.7103 0.8888 0.8297 0.0427  0.2204  -0.2311 16 ARG A NH1 
117 N NH2 . ARG A 16 ? 0.6461 0.8704 0.8647 0.0656  0.2100  -0.2264 16 ARG A NH2 
118 N N   . GLU A 17 ? 0.3325 0.4840 0.5345 -0.0369 0.1008  -0.1747 17 GLU A N   
119 C CA  . GLU A 17 ? 0.1780 0.3104 0.3545 -0.0535 0.0868  -0.1640 17 GLU A CA  
120 C C   . GLU A 17 ? 0.2134 0.3583 0.4193 -0.0598 0.0706  -0.1495 17 GLU A C   
121 O O   . GLU A 17 ? 0.2652 0.4173 0.5017 -0.0478 0.0609  -0.1484 17 GLU A O   
122 C CB  . GLU A 17 ? 0.2298 0.3219 0.3768 -0.0490 0.0701  -0.1672 17 GLU A CB  
123 C CG  . GLU A 17 ? 0.3031 0.3723 0.4148 -0.0433 0.0759  -0.1736 17 GLU A CG  
124 C CD  . GLU A 17 ? 0.2411 0.2766 0.3266 -0.0415 0.0551  -0.1608 17 GLU A CD  
125 O OE1 . GLU A 17 ? 0.2258 0.2564 0.3265 -0.0358 0.0402  -0.1525 17 GLU A OE1 
126 O OE2 . GLU A 17 ? 0.3084 0.3227 0.3563 -0.0456 0.0537  -0.1580 17 GLU A OE2 
127 N N   . ARG A 18 ? 0.1485 0.2783 0.3247 -0.0723 0.0623  -0.1330 18 ARG A N   
128 C CA  . ARG A 18 ? 0.1563 0.2771 0.3323 -0.0712 0.0443  -0.1132 18 ARG A CA  
129 C C   . ARG A 18 ? 0.1407 0.2324 0.2940 -0.0616 0.0264  -0.1049 18 ARG A C   
130 O O   . ARG A 18 ? 0.1457 0.2219 0.2722 -0.0612 0.0261  -0.1039 18 ARG A O   
131 C CB  . ARG A 18 ? 0.1928 0.3111 0.3493 -0.0857 0.0452  -0.0985 18 ARG A CB  
132 C CG  . ARG A 18 ? 0.1954 0.3420 0.3692 -0.0977 0.0607  -0.0956 18 ARG A CG  
133 C CD  . ARG A 18 ? 0.1639 0.3385 0.3806 -0.0912 0.0625  -0.0964 18 ARG A CD  
134 N NE  . ARG A 18 ? 0.1829 0.3878 0.4149 -0.1025 0.0785  -0.0891 18 ARG A NE  
135 C CZ  . ARG A 18 ? 0.2658 0.4702 0.4915 -0.1192 0.0750  -0.0714 18 ARG A CZ  
136 N NH1 . ARG A 18 ? 0.1893 0.3642 0.3977 -0.1244 0.0537  -0.0593 18 ARG A NH1 
137 N NH2 . ARG A 18 ? 0.2766 0.5107 0.5153 -0.1299 0.0931  -0.0650 18 ARG A NH2 
138 N N   . MET A 19 ? 0.1298 0.2163 0.2919 -0.0549 0.0123  -0.0964 19 MET A N   
139 C CA  . MET A 19 ? 0.1178 0.1806 0.2542 -0.0484 -0.0012 -0.0852 19 MET A CA  
140 C C   . MET A 19 ? 0.1919 0.2428 0.3059 -0.0546 -0.0076 -0.0712 19 MET A C   
141 O O   . MET A 19 ? 0.1428 0.1949 0.2625 -0.0601 -0.0143 -0.0649 19 MET A O   
142 C CB  . MET A 19 ? 0.1165 0.1780 0.2677 -0.0405 -0.0118 -0.0856 19 MET A CB  
143 C CG  . MET A 19 ? 0.1152 0.1566 0.2401 -0.0360 -0.0218 -0.0760 19 MET A CG  
144 S SD  . MET A 19 ? 0.1197 0.1497 0.2221 -0.0419 -0.0296 -0.0638 19 MET A SD  
145 C CE  . MET A 19 ? 0.2026 0.2198 0.2909 -0.0353 -0.0366 -0.0628 19 MET A CE  
146 N N   . ASN A 20 ? 0.1669 0.2063 0.2576 -0.0545 -0.0072 -0.0669 20 ASN A N   
147 C CA  . ASN A 20 ? 0.1270 0.1560 0.2031 -0.0597 -0.0131 -0.0573 20 ASN A CA  
148 C C   . ASN A 20 ? 0.1220 0.1384 0.1840 -0.0533 -0.0203 -0.0539 20 ASN A C   
149 O O   . ASN A 20 ? 0.1677 0.1777 0.2179 -0.0534 -0.0220 -0.0510 20 ASN A O   
150 C CB  . ASN A 20 ? 0.1459 0.1769 0.2141 -0.0664 -0.0063 -0.0591 20 ASN A CB  
151 C CG  . ASN A 20 ? 0.2392 0.2613 0.3016 -0.0743 -0.0132 -0.0512 20 ASN A CG  
152 O OD1 . ASN A 20 ? 0.2173 0.2330 0.2852 -0.0774 -0.0222 -0.0454 20 ASN A OD1 
153 N ND2 . ASN A 20 ? 0.2394 0.2591 0.2896 -0.0796 -0.0106 -0.0512 20 ASN A ND2 
154 N N   . GLY A 21 ? 0.1205 0.1358 0.1862 -0.0484 -0.0238 -0.0555 21 GLY A N   
155 C CA  . GLY A 21 ? 0.2291 0.2358 0.2834 -0.0433 -0.0282 -0.0547 21 GLY A CA  
156 C C   . GLY A 21 ? 0.1280 0.1372 0.1793 -0.0388 -0.0248 -0.0556 21 GLY A C   
157 O O   . GLY A 21 ? 0.1111 0.1249 0.1692 -0.0384 -0.0210 -0.0582 21 GLY A O   
158 N N   . THR A 22 ? 0.1137 0.1193 0.1550 -0.0366 -0.0264 -0.0544 22 THR A N   
159 C CA  . THR A 22 ? 0.1109 0.1181 0.1487 -0.0361 -0.0250 -0.0538 22 THR A CA  
160 C C   . THR A 22 ? 0.1077 0.1193 0.1423 -0.0379 -0.0231 -0.0518 22 THR A C   
161 O O   . THR A 22 ? 0.1081 0.1201 0.1418 -0.0385 -0.0241 -0.0512 22 THR A O   
162 C CB  . THR A 22 ? 0.1600 0.1618 0.1895 -0.0348 -0.0292 -0.0541 22 THR A CB  
163 O OG1 . THR A 22 ? 0.1830 0.1814 0.2059 -0.0326 -0.0313 -0.0561 22 THR A OG1 
164 C CG2 . THR A 22 ? 0.1710 0.1685 0.2044 -0.0342 -0.0332 -0.0556 22 THR A CG2 
165 N N   . CYS A 23 ? 0.1077 0.1217 0.1408 -0.0403 -0.0227 -0.0505 23 CYS A N   
166 C CA  . CYS A 23 ? 0.1063 0.1274 0.1397 -0.0436 -0.0231 -0.0482 23 CYS A CA  
167 C C   . CYS A 23 ? 0.1520 0.1775 0.1859 -0.0470 -0.0246 -0.0468 23 CYS A C   
168 O O   . CYS A 23 ? 0.1286 0.1477 0.1593 -0.0471 -0.0261 -0.0475 23 CYS A O   
169 C CB  . CYS A 23 ? 0.1105 0.1301 0.1428 -0.0474 -0.0221 -0.0481 23 CYS A CB  
170 S SG  . CYS A 23 ? 0.1187 0.1287 0.1492 -0.0487 -0.0209 -0.0512 23 CYS A SG  
171 N N   . ARG A 24 ? 0.1078 0.1492 0.1488 -0.0517 -0.0243 -0.0462 24 ARG A N   
172 C CA  . ARG A 24 ? 0.1376 0.1928 0.1837 -0.0594 -0.0231 -0.0454 24 ARG A CA  
173 C C   . ARG A 24 ? 0.1383 0.1893 0.1867 -0.0663 -0.0270 -0.0397 24 ARG A C   
174 O O   . ARG A 24 ? 0.1634 0.2154 0.2143 -0.0663 -0.0297 -0.0382 24 ARG A O   
175 C CB  . ARG A 24 ? 0.2395 0.3289 0.2981 -0.0610 -0.0186 -0.0491 24 ARG A CB  
176 C CG  . ARG A 24 ? 0.4207 0.5153 0.4805 -0.0509 -0.0175 -0.0602 24 ARG A CG  
177 C CD  . ARG A 24 ? 0.3853 0.4653 0.4318 -0.0488 -0.0172 -0.0662 24 ARG A CD  
178 N NE  . ARG A 24 ? 0.4797 0.5801 0.5226 -0.0545 -0.0116 -0.0665 24 ARG A NE  
179 C CZ  . ARG A 24 ? 0.5206 0.6067 0.5429 -0.0498 -0.0106 -0.0685 24 ARG A CZ  
180 N NH1 . ARG A 24 ? 0.4667 0.5257 0.4788 -0.0444 -0.0192 -0.0763 24 ARG A NH1 
181 N NH2 . ARG A 24 ? 0.4607 0.5615 0.4721 -0.0522 -0.0012 -0.0616 24 ARG A NH2 
182 N N   . LYS A 25 ? 0.1393 0.1852 0.1868 -0.0733 -0.0283 -0.0379 25 LYS A N   
183 C CA  . LYS A 25 ? 0.1464 0.1902 0.1976 -0.0819 -0.0318 -0.0348 25 LYS A CA  
184 C C   . LYS A 25 ? 0.2740 0.3312 0.3260 -0.0955 -0.0290 -0.0289 25 LYS A C   
185 O O   . LYS A 25 ? 0.2286 0.2784 0.2723 -0.0980 -0.0278 -0.0289 25 LYS A O   
186 C CB  . LYS A 25 ? 0.2140 0.2311 0.2595 -0.0779 -0.0372 -0.0394 25 LYS A CB  
187 C CG  . LYS A 25 ? 0.2901 0.3025 0.3334 -0.0849 -0.0406 -0.0419 25 LYS A CG  
188 C CD  . LYS A 25 ? 0.2392 0.2329 0.2790 -0.0899 -0.0438 -0.0459 25 LYS A CD  
189 C CE  . LYS A 25 ? 0.3075 0.2950 0.3416 -0.1015 -0.0481 -0.0471 25 LYS A CE  
190 N NZ  . LYS A 25 ? 0.3382 0.3092 0.3682 -0.1093 -0.0503 -0.0464 25 LYS A NZ  
191 N N   . GLY A 26 ? 0.2953 0.3732 0.3567 -0.1057 -0.0287 -0.0221 26 GLY A N   
192 C CA  . GLY A 26 ? 0.3457 0.4441 0.4090 -0.1205 -0.0242 -0.0122 26 GLY A CA  
193 C C   . GLY A 26 ? 0.3549 0.4755 0.4165 -0.1195 -0.0148 -0.0121 26 GLY A C   
194 O O   . GLY A 26 ? 0.3393 0.4616 0.3902 -0.1315 -0.0113 -0.0054 26 GLY A O   
195 N N   . HIS A 27 ? 0.1965 0.3343 0.2663 -0.1067 -0.0107 -0.0198 27 HIS A N   
196 C CA  . HIS A 27 ? 0.2755 0.4392 0.3449 -0.1026 -0.0006 -0.0257 27 HIS A CA  
197 C C   . HIS A 27 ? 0.3359 0.4712 0.3819 -0.1052 -0.0033 -0.0307 27 HIS A C   
198 O O   . HIS A 27 ? 0.3231 0.4614 0.3531 -0.0978 0.0052  -0.0295 27 HIS A O   
199 C CB  . HIS A 27 ? 0.3568 0.5693 0.4397 -0.1078 0.0137  -0.0159 27 HIS A CB  
200 C CG  . HIS A 27 ? 0.4206 0.6588 0.5292 -0.1039 0.0135  -0.0093 27 HIS A CG  
201 N ND1 . HIS A 27 ? 0.5085 0.7343 0.6223 -0.1156 0.0039  -0.0004 27 HIS A ND1 
202 C CD2 . HIS A 27 ? 0.4771 0.7519 0.6084 -0.0887 0.0206  -0.0113 27 HIS A CD2 
203 C CE1 . HIS A 27 ? 0.4955 0.7509 0.6350 -0.1110 0.0041  0.0033  27 HIS A CE1 
204 N NE2 . HIS A 27 ? 0.4655 0.7504 0.6172 -0.0939 0.0138  -0.0023 27 HIS A NE2 
205 N N   . LEU A 28 ? 0.2671 0.3601 0.3036 -0.1010 -0.0140 -0.0333 28 LEU A N   
206 C CA  . LEU A 28 ? 0.2487 0.3109 0.2677 -0.0988 -0.0203 -0.0373 28 LEU A CA  
207 C C   . LEU A 28 ? 0.2489 0.2897 0.2724 -0.0791 -0.0254 -0.0454 28 LEU A C   
208 O O   . LEU A 28 ? 0.1851 0.2224 0.2180 -0.0725 -0.0264 -0.0442 28 LEU A O   
209 C CB  . LEU A 28 ? 0.3101 0.3469 0.3216 -0.1085 -0.0272 -0.0283 28 LEU A CB  
210 C CG  . LEU A 28 ? 0.3913 0.4380 0.3907 -0.1314 -0.0247 -0.0139 28 LEU A CG  
211 C CD1 . LEU A 28 ? 0.4651 0.4707 0.4477 -0.1362 -0.0363 -0.0084 28 LEU A CD1 
212 C CD2 . LEU A 28 ? 0.3481 0.4146 0.3333 -0.1268 -0.0139 -0.0123 28 LEU A CD2 
213 N N   . MET A 29 ? 0.2155 0.2414 0.2297 -0.0715 -0.0300 -0.0510 29 MET A N   
214 C CA  . MET A 29 ? 0.1507 0.1612 0.1687 -0.0572 -0.0342 -0.0522 29 MET A CA  
215 C C   . MET A 29 ? 0.2152 0.2068 0.2342 -0.0565 -0.0398 -0.0465 29 MET A C   
216 O O   . MET A 29 ? 0.2323 0.2122 0.2515 -0.0588 -0.0455 -0.0457 29 MET A O   
217 C CB  . MET A 29 ? 0.1513 0.1510 0.1574 -0.0517 -0.0392 -0.0569 29 MET A CB  
218 C CG  . MET A 29 ? 0.1428 0.1336 0.1501 -0.0453 -0.0389 -0.0541 29 MET A CG  
219 S SD  . MET A 29 ? 0.1894 0.1716 0.1866 -0.0422 -0.0437 -0.0587 29 MET A SD  
220 C CE  . MET A 29 ? 0.2330 0.2179 0.2161 -0.0373 -0.0437 -0.0677 29 MET A CE  
221 N N   . HIS A 30 ? 0.1337 0.1263 0.1538 -0.0523 -0.0354 -0.0451 30 HIS A N   
222 C CA  . HIS A 30 ? 0.1382 0.1231 0.1581 -0.0522 -0.0338 -0.0469 30 HIS A CA  
223 C C   . HIS A 30 ? 0.1277 0.1208 0.1571 -0.0449 -0.0281 -0.0519 30 HIS A C   
224 O O   . HIS A 30 ? 0.1384 0.1382 0.1698 -0.0417 -0.0269 -0.0517 30 HIS A O   
225 C CB  . HIS A 30 ? 0.1420 0.1281 0.1642 -0.0558 -0.0340 -0.0464 30 HIS A CB  
226 C CG  . HIS A 30 ? 0.2046 0.1808 0.2273 -0.0608 -0.0415 -0.0434 30 HIS A CG  
227 N ND1 . HIS A 30 ? 0.3389 0.3209 0.3719 -0.0632 -0.0431 -0.0440 30 HIS A ND1 
228 C CD2 . HIS A 30 ? 0.2343 0.2007 0.2582 -0.0630 -0.0450 -0.0461 30 HIS A CD2 
229 C CE1 . HIS A 30 ? 0.2487 0.2286 0.2884 -0.0712 -0.0423 -0.0481 30 HIS A CE1 
230 N NE2 . HIS A 30 ? 0.2209 0.1923 0.2615 -0.0667 -0.0442 -0.0507 30 HIS A NE2 
231 N N   . THR A 31 ? 0.1305 0.1216 0.1668 -0.0426 -0.0259 -0.0571 31 THR A N   
232 C CA  . THR A 31 ? 0.1222 0.1230 0.1718 -0.0381 -0.0217 -0.0615 31 THR A CA  
233 C C   . THR A 31 ? 0.1483 0.1545 0.1967 -0.0406 -0.0157 -0.0633 31 THR A C   
234 O O   . THR A 31 ? 0.1293 0.1300 0.1712 -0.0437 -0.0146 -0.0655 31 THR A O   
235 C CB  . THR A 31 ? 0.1783 0.1783 0.2424 -0.0341 -0.0226 -0.0685 31 THR A CB  
236 O OG1 . THR A 31 ? 0.1942 0.1857 0.2585 -0.0325 -0.0305 -0.0677 31 THR A OG1 
237 C CG2 . THR A 31 ? 0.1886 0.2028 0.2725 -0.0316 -0.0203 -0.0730 31 THR A CG2 
238 N N   . LEU A 32 ? 0.1140 0.1273 0.1649 -0.0409 -0.0134 -0.0621 32 LEU A N   
239 C CA  . LEU A 32 ? 0.1165 0.1328 0.1633 -0.0454 -0.0090 -0.0631 32 LEU A CA  
240 C C   . LEU A 32 ? 0.1904 0.2141 0.2491 -0.0471 -0.0023 -0.0712 32 LEU A C   
241 O O   . LEU A 32 ? 0.1604 0.1906 0.2313 -0.0473 -0.0023 -0.0718 32 LEU A O   
242 C CB  . LEU A 32 ? 0.1142 0.1307 0.1562 -0.0470 -0.0120 -0.0575 32 LEU A CB  
243 C CG  . LEU A 32 ? 0.1448 0.1613 0.1789 -0.0529 -0.0109 -0.0568 32 LEU A CG  
244 C CD1 . LEU A 32 ? 0.1760 0.1903 0.2020 -0.0545 -0.0128 -0.0565 32 LEU A CD1 
245 C CD2 . LEU A 32 ? 0.1828 0.1958 0.2141 -0.0552 -0.0169 -0.0514 32 LEU A CD2 
246 N N   . CYS A 33 ? 0.1296 0.1552 0.1886 -0.0499 0.0049  -0.0817 33 CYS A N   
247 C CA  . CYS A 33 ? 0.1563 0.1963 0.2349 -0.0525 0.0170  -0.0986 33 CYS A CA  
248 C C   . CYS A 33 ? 0.1596 0.2046 0.2250 -0.0639 0.0281  -0.1051 33 CYS A C   
249 O O   . CYS A 33 ? 0.1649 0.1981 0.2082 -0.0667 0.0278  -0.1055 33 CYS A O   
250 C CB  . CYS A 33 ? 0.1462 0.1817 0.2351 -0.0463 0.0180  -0.1106 33 CYS A CB  
251 S SG  . CYS A 33 ? 0.1380 0.1639 0.2352 -0.0366 0.0036  -0.1024 33 CYS A SG  
252 N N   . CYS A 34 ? 0.1661 0.2263 0.2418 -0.0727 0.0370  -0.1091 34 CYS A N   
253 C CA  . CYS A 34 ? 0.2057 0.2682 0.2606 -0.0880 0.0466  -0.1114 34 CYS A CA  
254 C C   . CYS A 34 ? 0.3218 0.4075 0.3916 -0.1013 0.0690  -0.1320 34 CYS A C   
255 O O   . CYS A 34 ? 0.1948 0.3026 0.3017 -0.0949 0.0753  -0.1353 34 CYS A O   
256 C CB  . CYS A 34 ? 0.2181 0.2759 0.2646 -0.0928 0.0372  -0.0936 34 CYS A CB  
257 S SG  . CYS A 34 ? 0.1962 0.2335 0.2332 -0.0790 0.0153  -0.0755 34 CYS A SG  
258 N N   . ARG A 35 ? 0.2664 0.3464 0.3010 -0.1091 0.0808  -0.1350 35 ARG A N   
259 C CA  . ARG A 35 ? 0.4274 0.5300 0.4633 -0.1113 0.1060  -0.1407 35 ARG A CA  
260 C C   . ARG A 35 ? 0.5321 0.6265 0.5237 -0.1293 0.1111  -0.1313 35 ARG A C   
261 O O   . ARG A 35 ? 0.6106 0.6784 0.5669 -0.1348 0.0963  -0.1273 35 ARG A O   
262 C CB  . ARG A 35 ? 0.3671 0.4673 0.4014 -0.0944 0.1194  -0.1619 35 ARG A CB  
263 C CG  . ARG A 35 ? 0.6402 0.7485 0.6547 -0.0935 0.1402  -0.1657 35 ARG A CG  
264 C CD  . ARG A 35 ? 0.7503 0.8491 0.7701 -0.0704 0.1438  -0.1802 35 ARG A CD  
265 N NE  . ARG A 35 ? 0.9087 0.9946 0.8864 -0.0680 0.1567  -0.1863 35 ARG A NE  
266 C CZ  . ARG A 35 ? 0.8761 0.9375 0.8356 -0.0508 0.1555  -0.1986 35 ARG A CZ  
267 N NH1 . ARG A 35 ? 0.8592 0.9040 0.8373 -0.0356 0.1412  -0.2039 35 ARG A NH1 
268 N NH2 . ARG A 35 ? 0.9787 1.0285 0.8960 -0.0489 0.1678  -0.2049 35 ARG A NH2 
269 O OXT . ARG A 35 ? 0.6357 0.7509 0.6276 -0.1399 0.1286  -0.1252 35 ARG A OXT 
270 N N   . ASP B 3  ? 0.7352 0.5319 0.6408 -0.1094 -0.0128 -0.0730 3  ASP B N   
271 C CA  . ASP B 3  ? 0.7209 0.5680 0.6687 -0.1063 -0.0119 -0.0774 3  ASP B CA  
272 C C   . ASP B 3  ? 0.6192 0.4906 0.5803 -0.0841 -0.0160 -0.0823 3  ASP B C   
273 O O   . ASP B 3  ? 0.7325 0.5910 0.6865 -0.0670 -0.0227 -0.0872 3  ASP B O   
274 C CB  . ASP B 3  ? 0.6402 0.4882 0.6030 -0.1063 -0.0217 -0.0798 3  ASP B CB  
275 C CG  . ASP B 3  ? 0.8569 0.6735 0.8038 -0.1258 -0.0210 -0.0756 3  ASP B CG  
276 O OD1 . ASP B 3  ? 0.8659 0.6976 0.8295 -0.1459 -0.0154 -0.0718 3  ASP B OD1 
277 O OD2 . ASP B 3  ? 0.8746 0.6511 0.7930 -0.1208 -0.0255 -0.0759 3  ASP B OD2 
278 N N   . LEU B 4  ? 0.4065 0.3144 0.3895 -0.0851 -0.0105 -0.0813 4  LEU B N   
279 C CA  . LEU B 4  ? 0.2824 0.2123 0.2744 -0.0689 -0.0109 -0.0822 4  LEU B CA  
280 C C   . LEU B 4  ? 0.3203 0.2669 0.3259 -0.0647 -0.0154 -0.0792 4  LEU B C   
281 O O   . LEU B 4  ? 0.2730 0.2307 0.2933 -0.0744 -0.0167 -0.0780 4  LEU B O   
282 C CB  . LEU B 4  ? 0.3265 0.2790 0.3279 -0.0735 0.0013  -0.0848 4  LEU B CB  
283 C CG  . LEU B 4  ? 0.3625 0.3291 0.3672 -0.0592 0.0011  -0.0866 4  LEU B CG  
284 C CD1 . LEU B 4  ? 0.4022 0.3419 0.3841 -0.0491 -0.0089 -0.0880 4  LEU B CD1 
285 C CD2 . LEU B 4  ? 0.3138 0.2980 0.3243 -0.0673 0.0140  -0.0924 4  LEU B CD2 
286 N N   . VAL B 5  ? 0.1975 0.1437 0.1970 -0.0523 -0.0172 -0.0785 5  VAL B N   
287 C CA  . VAL B 5  ? 0.1859 0.1417 0.1907 -0.0510 -0.0193 -0.0769 5  VAL B CA  
288 C C   . VAL B 5  ? 0.1579 0.1382 0.1782 -0.0425 -0.0118 -0.0777 5  VAL B C   
289 O O   . VAL B 5  ? 0.1545 0.1364 0.1742 -0.0351 -0.0079 -0.0793 5  VAL B O   
290 C CB  . VAL B 5  ? 0.2104 0.1407 0.1931 -0.0485 -0.0248 -0.0796 5  VAL B CB  
291 C CG1 . VAL B 5  ? 0.2112 0.1447 0.1922 -0.0498 -0.0285 -0.0796 5  VAL B CG1 
292 C CG2 . VAL B 5  ? 0.2461 0.1488 0.2168 -0.0547 -0.0363 -0.0810 5  VAL B CG2 
293 N N   . CYS B 6  ? 0.1456 0.1429 0.1812 -0.0435 -0.0122 -0.0773 6  CYS B N   
294 C CA  . CYS B 6  ? 0.1247 0.1403 0.1746 -0.0360 -0.0074 -0.0785 6  CYS B CA  
295 C C   . CYS B 6  ? 0.1306 0.1407 0.1754 -0.0362 -0.0131 -0.0775 6  CYS B C   
296 O O   . CYS B 6  ? 0.1469 0.1472 0.1856 -0.0425 -0.0230 -0.0760 6  CYS B O   
297 C CB  . CYS B 6  ? 0.1308 0.1635 0.1988 -0.0359 -0.0041 -0.0812 6  CYS B CB  
298 S SG  . CYS B 6  ? 0.1530 0.1847 0.2165 -0.0414 0.0032  -0.0838 6  CYS B SG  
299 N N   . TYR B 7  ? 0.1221 0.1367 0.1684 -0.0316 -0.0088 -0.0781 7  TYR B N   
300 C CA  . TYR B 7  ? 0.1352 0.1375 0.1692 -0.0347 -0.0140 -0.0767 7  TYR B CA  
301 C C   . TYR B 7  ? 0.1222 0.1364 0.1711 -0.0307 -0.0132 -0.0771 7  TYR B C   
302 O O   . TYR B 7  ? 0.1048 0.1346 0.1681 -0.0253 -0.0053 -0.0795 7  TYR B O   
303 C CB  . TYR B 7  ? 0.1472 0.1379 0.1655 -0.0363 -0.0079 -0.0790 7  TYR B CB  
304 C CG  . TYR B 7  ? 0.1651 0.1403 0.1671 -0.0373 -0.0074 -0.0815 7  TYR B CG  
305 C CD1 . TYR B 7  ? 0.2305 0.2137 0.2424 -0.0328 -0.0020 -0.0838 7  TYR B CD1 
306 C CD2 . TYR B 7  ? 0.2473 0.1943 0.2203 -0.0412 -0.0152 -0.0830 7  TYR B CD2 
307 C CE1 . TYR B 7  ? 0.3069 0.2699 0.3012 -0.0324 -0.0030 -0.0867 7  TYR B CE1 
308 C CE2 . TYR B 7  ? 0.2200 0.1504 0.1774 -0.0396 -0.0151 -0.0877 7  TYR B CE2 
309 C CZ  . TYR B 7  ? 0.2097 0.1474 0.1775 -0.0354 -0.0083 -0.0891 7  TYR B CZ  
310 O OH  . TYR B 7  ? 0.4230 0.3379 0.3724 -0.0324 -0.0099 -0.0944 7  TYR B OH  
311 N N   . CYS B 8  ? 0.1366 0.1393 0.1793 -0.0341 -0.0238 -0.0752 8  CYS B N   
312 C CA  . CYS B 8  ? 0.1335 0.1389 0.1850 -0.0313 -0.0256 -0.0759 8  CYS B CA  
313 C C   . CYS B 8  ? 0.1653 0.1495 0.1930 -0.0393 -0.0253 -0.0736 8  CYS B C   
314 O O   . CYS B 8  ? 0.1943 0.1479 0.1907 -0.0491 -0.0350 -0.0703 8  CYS B O   
315 C CB  . CYS B 8  ? 0.1646 0.1669 0.2238 -0.0306 -0.0387 -0.0766 8  CYS B CB  
316 S SG  . CYS B 8  ? 0.2210 0.2249 0.2956 -0.0236 -0.0419 -0.0804 8  CYS B SG  
317 N N   . ARG B 9  ? 0.1386 0.1361 0.1782 -0.0370 -0.0145 -0.0763 9  ARG B N   
318 C CA  . ARG B 9  ? 0.1539 0.1401 0.1809 -0.0451 -0.0087 -0.0776 9  ARG B CA  
319 C C   . ARG B 9  ? 0.2334 0.2088 0.2592 -0.0511 -0.0124 -0.0777 9  ARG B C   
320 O O   . ARG B 9  ? 0.2316 0.2193 0.2734 -0.0458 -0.0130 -0.0777 9  ARG B O   
321 C CB  . ARG B 9  ? 0.1344 0.1462 0.1818 -0.0425 0.0072  -0.0848 9  ARG B CB  
322 C CG  . ARG B 9  ? 0.1525 0.1666 0.1963 -0.0388 0.0097  -0.0856 9  ARG B CG  
323 C CD  . ARG B 9  ? 0.1260 0.1576 0.1875 -0.0394 0.0237  -0.0963 9  ARG B CD  
324 N NE  . ARG B 9  ? 0.1485 0.1735 0.2016 -0.0366 0.0242  -0.0976 9  ARG B NE  
325 C CZ  . ARG B 9  ? 0.2147 0.2179 0.2416 -0.0416 0.0282  -0.1003 9  ARG B CZ  
326 N NH1 . ARG B 9  ? 0.2215 0.2066 0.2248 -0.0518 0.0332  -0.1020 9  ARG B NH1 
327 N NH2 . ARG B 9  ? 0.1716 0.1656 0.1902 -0.0366 0.0273  -0.1020 9  ARG B NH2 
328 N N   . THR B 10 ? 0.2371 0.1865 0.2422 -0.0632 -0.0137 -0.0796 10 THR B N   
329 C CA  . THR B 10 ? 0.3532 0.2847 0.3552 -0.0719 -0.0182 -0.0792 10 THR B CA  
330 C C   . THR B 10 ? 0.3199 0.2757 0.3448 -0.0773 -0.0012 -0.0836 10 THR B C   
331 O O   . THR B 10 ? 0.3661 0.3188 0.3995 -0.0777 -0.0085 -0.0819 10 THR B O   
332 C CB  . THR B 10 ? 0.3711 0.2673 0.3395 -0.0880 -0.0153 -0.0800 10 THR B CB  
333 O OG1 . THR B 10 ? 0.4928 0.3740 0.4476 -0.0812 -0.0318 -0.0798 10 THR B OG1 
334 C CG2 . THR B 10 ? 0.4675 0.3375 0.4272 -0.0997 -0.0182 -0.0768 10 THR B CG2 
335 N N   . ARG B 11 ? 0.2784 0.2581 0.3158 -0.0813 0.0198  -0.0916 11 ARG B N   
336 C CA  . ARG B 11 ? 0.2710 0.2749 0.3370 -0.0871 0.0338  -0.0994 11 ARG B CA  
337 C C   . ARG B 11 ? 0.3234 0.3575 0.4191 -0.0694 0.0288  -0.1027 11 ARG B C   
338 O O   . ARG B 11 ? 0.1852 0.2346 0.3044 -0.0711 0.0308  -0.1082 11 ARG B O   
339 C CB  . ARG B 11 ? 0.3168 0.3265 0.3827 -0.1046 0.0626  -0.1111 11 ARG B CB  
340 C CG  . ARG B 11 ? 0.4287 0.3951 0.4464 -0.1274 0.0716  -0.1055 11 ARG B CG  
341 C CD  . ARG B 11 ? 0.5060 0.4654 0.5031 -0.1485 0.1070  -0.1163 11 ARG B CD  
342 N NE  . ARG B 11 ? 0.5588 0.5369 0.5669 -0.1386 0.1172  -0.1289 11 ARG B NE  
343 C CZ  . ARG B 11 ? 0.5917 0.5376 0.5514 -0.1442 0.1250  -0.1295 11 ARG B CZ  
344 N NH1 . ARG B 11 ? 0.7223 0.6140 0.6145 -0.1597 0.1228  -0.1182 11 ARG B NH1 
345 N NH2 . ARG B 11 ? 0.5372 0.5008 0.5114 -0.1303 0.1297  -0.1374 11 ARG B NH2 
346 N N   . GLY B 12 ? 0.1371 0.1748 0.2290 -0.0545 0.0206  -0.0984 12 GLY B N   
347 C CA  . GLY B 12 ? 0.1157 0.1725 0.2255 -0.0408 0.0176  -0.1013 12 GLY B CA  
348 C C   . GLY B 12 ? 0.1519 0.2216 0.2703 -0.0350 0.0246  -0.1078 12 GLY B C   
349 O O   . GLY B 12 ? 0.1290 0.1948 0.2395 -0.0418 0.0334  -0.1103 12 GLY B O   
350 N N   . CYS B 13 ? 0.0916 0.1713 0.2216 -0.0238 0.0186  -0.1102 13 CYS B N   
351 C CA  . CYS B 13 ? 0.0989 0.1858 0.2349 -0.0175 0.0190  -0.1133 13 CYS B CA  
352 C C   . CYS B 13 ? 0.1265 0.2244 0.2852 -0.0181 0.0244  -0.1276 13 CYS B C   
353 O O   . CYS B 13 ? 0.1166 0.2206 0.2946 -0.0176 0.0239  -0.1396 13 CYS B O   
354 C CB  . CYS B 13 ? 0.0792 0.1630 0.2099 -0.0090 0.0071  -0.1081 13 CYS B CB  
355 S SG  . CYS B 13 ? 0.1003 0.1715 0.2088 -0.0103 0.0034  -0.0959 13 CYS B SG  
356 N N   . LYS B 14 ? 0.1078 0.2075 0.2678 -0.0217 0.0282  -0.1292 14 LYS B N   
357 C CA  . LYS B 14 ? 0.1291 0.2376 0.3154 -0.0234 0.0288  -0.1453 14 LYS B CA  
358 C C   . LYS B 14 ? 0.1537 0.2661 0.3568 -0.0100 0.0110  -0.1519 14 LYS B C   
359 O O   . LYS B 14 ? 0.1477 0.2569 0.3387 -0.0001 0.0004  -0.1407 14 LYS B O   
360 C CB  . LYS B 14 ? 0.1692 0.2649 0.3394 -0.0202 0.0346  -0.1443 14 LYS B CB  
361 C CG  . LYS B 14 ? 0.3328 0.4069 0.4672 -0.0286 0.0484  -0.1376 14 LYS B CG  
362 C CD  . LYS B 14 ? 0.2681 0.3464 0.4038 -0.0442 0.0630  -0.1417 14 LYS B CD  
363 C CE  . LYS B 14 ? 0.3401 0.3865 0.4294 -0.0501 0.0753  -0.1378 14 LYS B CE  
364 N NZ  . LYS B 14 ? 0.4935 0.5278 0.5725 -0.0391 0.0795  -0.1417 14 LYS B NZ  
365 N N   . ARG B 15 ? 0.2194 0.3439 0.4569 -0.0052 0.0108  -0.1698 15 ARG B N   
366 C CA  . ARG B 15 ? 0.2307 0.3598 0.4875 0.0112  -0.0097 -0.1745 15 ARG B CA  
367 C C   . ARG B 15 ? 0.2183 0.3349 0.4596 0.0231  -0.0252 -0.1693 15 ARG B C   
368 O O   . ARG B 15 ? 0.2165 0.3257 0.4559 0.0337  -0.0476 -0.1711 15 ARG B O   
369 C CB  . ARG B 15 ? 0.3170 0.4685 0.6161 0.0192  -0.0053 -0.1822 15 ARG B CB  
370 C CG  . ARG B 15 ? 0.4155 0.5707 0.7379 0.0394  -0.0303 -0.1863 15 ARG B CG  
371 C CD  . ARG B 15 ? 0.4610 0.6457 0.8353 0.0449  -0.0300 -0.1945 15 ARG B CD  
372 N NE  . ARG B 15 ? 0.7726 0.9594 1.1633 0.0558  -0.0604 -0.1953 15 ARG B NE  
373 C CZ  . ARG B 15 ? 0.6505 0.8428 1.0446 0.0476  -0.0679 -0.1924 15 ARG B CZ  
374 N NH1 . ARG B 15 ? 0.4987 0.6952 0.8828 0.0295  -0.0478 -0.1885 15 ARG B NH1 
375 N NH2 . ARG B 15 ? 0.6854 0.8758 1.0897 0.0582  -0.0982 -0.1922 15 ARG B NH2 
376 N N   . ARG B 16 ? 0.2079 0.3110 0.4266 0.0237  -0.0124 -0.1609 16 ARG B N   
377 C CA  . ARG B 16 ? 0.3025 0.3763 0.4916 0.0355  -0.0231 -0.1534 16 ARG B CA  
378 C C   . ARG B 16 ? 0.2852 0.3402 0.4342 0.0254  -0.0233 -0.1378 16 ARG B C   
379 O O   . ARG B 16 ? 0.3291 0.3523 0.4457 0.0287  -0.0306 -0.1310 16 ARG B O   
380 C CB  . ARG B 16 ? 0.3997 0.4537 0.5737 0.0412  -0.0099 -0.1532 16 ARG B CB  
381 C CG  . ARG B 16 ? 0.4381 0.4976 0.6440 0.0614  -0.0161 -0.1649 16 ARG B CG  
382 C CD  . ARG B 16 ? 0.6899 0.7185 0.8699 0.0699  -0.0047 -0.1645 16 ARG B CD  
383 N NE  . ARG B 16 ? 0.8025 0.8447 1.0128 0.0829  0.0077  -0.1763 16 ARG B NE  
384 C CZ  . ARG B 16 ? 0.7082 0.7220 0.9020 0.0969  0.0134  -0.1797 16 ARG B CZ  
385 N NH1 . ARG B 16 ? 0.7189 0.6860 0.8642 0.0965  0.0076  -0.1719 16 ARG B NH1 
386 N NH2 . ARG B 16 ? 0.5263 0.5570 0.7530 0.1105  0.0265  -0.1920 16 ARG B NH2 
387 N N   . GLU B 17 ? 0.1721 0.2423 0.3210 0.0129  -0.0145 -0.1313 17 GLU B N   
388 C CA  . GLU B 17 ? 0.1932 0.2485 0.3093 0.0051  -0.0124 -0.1155 17 GLU B CA  
389 C C   . GLU B 17 ? 0.1896 0.2490 0.3062 0.0075  -0.0213 -0.1144 17 GLU B C   
390 O O   . GLU B 17 ? 0.1456 0.2204 0.2884 0.0149  -0.0296 -0.1248 17 GLU B O   
391 C CB  . GLU B 17 ? 0.1323 0.1928 0.2432 -0.0050 0.0003  -0.1084 17 GLU B CB  
392 C CG  . GLU B 17 ? 0.1235 0.1725 0.2235 -0.0087 0.0084  -0.1099 17 GLU B CG  
393 C CD  . GLU B 17 ? 0.2238 0.2699 0.3118 -0.0177 0.0159  -0.1045 17 GLU B CD  
394 O OE1 . GLU B 17 ? 0.1122 0.1728 0.2134 -0.0209 0.0195  -0.1056 17 GLU B OE1 
395 O OE2 . GLU B 17 ? 0.2112 0.2356 0.2734 -0.0209 0.0173  -0.1012 17 GLU B OE2 
396 N N   . ARG B 18 ? 0.1209 0.1656 0.2090 0.0005  -0.0195 -0.1035 18 ARG B N   
397 C CA  . ARG B 18 ? 0.2157 0.2595 0.2959 -0.0001 -0.0250 -0.1025 18 ARG B CA  
398 C C   . ARG B 18 ? 0.1641 0.2108 0.2378 -0.0069 -0.0146 -0.0948 18 ARG B C   
399 O O   . ARG B 18 ? 0.1551 0.1975 0.2217 -0.0115 -0.0082 -0.0899 18 ARG B O   
400 C CB  . ARG B 18 ? 0.2610 0.2787 0.3103 -0.0007 -0.0363 -0.1035 18 ARG B CB  
401 C CG  . ARG B 18 ? 0.3762 0.3879 0.4346 0.0119  -0.0554 -0.1127 18 ARG B CG  
402 C CD  . ARG B 18 ? 0.4836 0.4620 0.5021 0.0133  -0.0733 -0.1127 18 ARG B CD  
403 N NE  . ARG B 18 ? 0.5715 0.5501 0.5751 0.0089  -0.0781 -0.1120 18 ARG B NE  
404 C CZ  . ARG B 18 ? 0.5207 0.4957 0.5262 0.0183  -0.1016 -0.1160 18 ARG B CZ  
405 N NH1 . ARG B 18 ? 0.7746 0.7489 0.8033 0.0350  -0.1248 -0.1218 18 ARG B NH1 
406 N NH2 . ARG B 18 ? 0.3898 0.3607 0.3749 0.0117  -0.1037 -0.1153 18 ARG B NH2 
407 N N   . MET B 19 ? 0.1280 0.1815 0.2070 -0.0064 -0.0155 -0.0958 19 MET B N   
408 C CA  . MET B 19 ? 0.2033 0.2592 0.2805 -0.0095 -0.0089 -0.0935 19 MET B CA  
409 C C   . MET B 19 ? 0.3017 0.3475 0.3605 -0.0145 -0.0064 -0.0934 19 MET B C   
410 O O   . MET B 19 ? 0.2469 0.2765 0.2846 -0.0166 -0.0110 -0.0953 19 MET B O   
411 C CB  . MET B 19 ? 0.2973 0.3549 0.3775 -0.0084 -0.0130 -0.0976 19 MET B CB  
412 C CG  . MET B 19 ? 0.2905 0.3533 0.3797 -0.0088 -0.0079 -0.0987 19 MET B CG  
413 S SD  . MET B 19 ? 0.3053 0.3631 0.3953 -0.0092 -0.0151 -0.1040 19 MET B SD  
414 C CE  . MET B 19 ? 0.3071 0.3628 0.4005 -0.0089 -0.0118 -0.1067 19 MET B CE  
415 N N   . ASN B 20 ? 0.1008 0.1557 0.1691 -0.0168 0.0014  -0.0941 20 ASN B N   
416 C CA  . ASN B 20 ? 0.1601 0.2149 0.2220 -0.0238 0.0088  -0.1003 20 ASN B CA  
417 C C   . ASN B 20 ? 0.2271 0.2996 0.3106 -0.0235 0.0154  -0.1082 20 ASN B C   
418 O O   . ASN B 20 ? 0.2355 0.3225 0.3396 -0.0260 0.0222  -0.1137 20 ASN B O   
419 C CB  . ASN B 20 ? 0.1851 0.2370 0.2467 -0.0292 0.0121  -0.0979 20 ASN B CB  
420 C CG  . ASN B 20 ? 0.3308 0.3721 0.3737 -0.0412 0.0201  -0.1045 20 ASN B CG  
421 O OD1 . ASN B 20 ? 0.4395 0.4907 0.4858 -0.0491 0.0334  -0.1149 20 ASN B OD1 
422 N ND2 . ASN B 20 ? 0.4292 0.4476 0.4504 -0.0443 0.0146  -0.1004 20 ASN B ND2 
423 N N   . GLY B 21 ? 0.2141 0.2840 0.2950 -0.0196 0.0117  -0.1108 21 GLY B N   
424 C CA  . GLY B 21 ? 0.2158 0.2985 0.3192 -0.0166 0.0133  -0.1184 21 GLY B CA  
425 C C   . GLY B 21 ? 0.2178 0.3016 0.3359 -0.0100 0.0066  -0.1123 21 GLY B C   
426 O O   . GLY B 21 ? 0.1759 0.2500 0.2838 -0.0088 0.0026  -0.1024 21 GLY B O   
427 N N   . THR B 22 ? 0.1309 0.2236 0.2717 -0.0064 0.0054  -0.1211 22 THR B N   
428 C CA  . THR B 22 ? 0.0889 0.1712 0.2341 -0.0007 -0.0034 -0.1167 22 THR B CA  
429 C C   . THR B 22 ? 0.1016 0.1882 0.2638 0.0027  -0.0056 -0.1205 22 THR B C   
430 O O   . THR B 22 ? 0.1872 0.2830 0.3573 0.0001  0.0009  -0.1269 22 THR B O   
431 C CB  . THR B 22 ? 0.1611 0.2373 0.3138 0.0033  -0.0106 -0.1242 22 THR B CB  
432 O OG1 . THR B 22 ? 0.1638 0.2575 0.3421 0.0050  -0.0077 -0.1408 22 THR B OG1 
433 C CG2 . THR B 22 ? 0.1734 0.2355 0.3025 0.0001  -0.0109 -0.1204 22 THR B CG2 
434 N N   . CYS B 23 ? 0.1559 0.2242 0.3109 0.0040  -0.0176 -0.1135 23 CYS B N   
435 C CA  . CYS B 23 ? 0.1787 0.2428 0.3444 0.0058  -0.0278 -0.1148 23 CYS B CA  
436 C C   . CYS B 23 ? 0.2807 0.3253 0.4461 0.0087  -0.0459 -0.1129 23 CYS B C   
437 O O   . CYS B 23 ? 0.2451 0.2746 0.3920 0.0051  -0.0465 -0.1079 23 CYS B O   
438 C CB  . CYS B 23 ? 0.1860 0.2403 0.3249 -0.0038 -0.0269 -0.1013 23 CYS B CB  
439 S SG  . CYS B 23 ? 0.1576 0.1933 0.2614 -0.0123 -0.0250 -0.0885 23 CYS B SG  
440 N N   . ARG B 24 ? 0.2545 0.2947 0.4392 0.0143  -0.0631 -0.1172 24 ARG B N   
441 C CA  . ARG B 24 ? 0.3428 0.3565 0.5246 0.0184  -0.0868 -0.1150 24 ARG B CA  
442 C C   . ARG B 24 ? 0.4503 0.4382 0.5960 0.0070  -0.0992 -0.1010 24 ARG B C   
443 O O   . ARG B 24 ? 0.4415 0.4380 0.5861 0.0023  -0.0986 -0.0980 24 ARG B O   
444 C CB  . ARG B 24 ? 0.4048 0.4264 0.6399 0.0376  -0.1059 -0.1330 24 ARG B CB  
445 C CG  . ARG B 24 ? 0.4872 0.5408 0.7612 0.0457  -0.0881 -0.1543 24 ARG B CG  
446 C CD  . ARG B 24 ? 0.5697 0.6238 0.8727 0.0538  -0.1065 -0.1668 24 ARG B CD  
447 N NE  . ARG B 24 ? 0.7141 0.7366 1.0000 0.0601  -0.1287 -0.1585 24 ARG B NE  
448 C CZ  . ARG B 24 ? 0.6243 0.6312 0.8821 0.0560  -0.1174 -0.1563 24 ARG B CZ  
449 N NH1 . ARG B 24 ? 0.6301 0.6607 0.8917 0.0523  -0.0941 -0.1655 24 ARG B NH1 
450 N NH2 . ARG B 24 ? 0.5056 0.4656 0.7253 0.0537  -0.1302 -0.1440 24 ARG B NH2 
451 N N   . LYS B 25 ? 0.4477 0.4002 0.5604 0.0005  -0.1097 -0.0935 25 LYS B N   
452 C CA  . LYS B 25 ? 0.5012 0.4221 0.5700 -0.0128 -0.1186 -0.0829 25 LYS B CA  
453 C C   . LYS B 25 ? 0.5198 0.3933 0.5636 -0.0125 -0.1418 -0.0775 25 LYS B C   
454 O O   . LYS B 25 ? 0.5832 0.4437 0.6136 -0.0186 -0.1312 -0.0770 25 LYS B O   
455 C CB  . LYS B 25 ? 0.5609 0.4864 0.5975 -0.0313 -0.0903 -0.0791 25 LYS B CB  
456 C CG  . LYS B 25 ? 0.6457 0.5371 0.6369 -0.0462 -0.0923 -0.0743 25 LYS B CG  
457 C CD  . LYS B 25 ? 0.6832 0.5901 0.6630 -0.0597 -0.0628 -0.0790 25 LYS B CD  
458 C CE  . LYS B 25 ? 0.5636 0.4846 0.5422 -0.0601 -0.0599 -0.0799 25 LYS B CE  
459 N NZ  . LYS B 25 ? 0.6975 0.6013 0.6705 -0.0538 -0.0879 -0.0751 25 LYS B NZ  
460 N N   . GLY B 26 ? 0.5776 0.4204 0.6126 -0.0054 -0.1760 -0.0722 26 GLY B N   
461 C CA  . GLY B 26 ? 0.6138 0.3990 0.6155 -0.0037 -0.2050 -0.0636 26 GLY B CA  
462 C C   . GLY B 26 ? 0.6486 0.4360 0.6856 0.0122  -0.2131 -0.0723 26 GLY B C   
463 O O   . GLY B 26 ? 0.6931 0.4398 0.6962 0.0060  -0.2170 -0.0655 26 GLY B O   
464 N N   . HIS B 27 ? 0.7133 0.5469 0.8172 0.0316  -0.2132 -0.0887 27 HIS B N   
465 C CA  . HIS B 27 ? 0.6812 0.5277 0.8266 0.0483  -0.2161 -0.1032 27 HIS B CA  
466 C C   . HIS B 27 ? 0.6233 0.4751 0.7477 0.0351  -0.1817 -0.1027 27 HIS B C   
467 O O   . HIS B 27 ? 0.6046 0.4505 0.7411 0.0438  -0.1830 -0.1106 27 HIS B O   
468 C CB  . HIS B 27 ? 0.7634 0.5635 0.9049 0.0627  -0.2596 -0.1017 27 HIS B CB  
469 C CG  . HIS B 27 ? 0.9118 0.6829 1.0452 0.0690  -0.3016 -0.0936 27 HIS B CG  
470 N ND1 . HIS B 27 ? 0.7978 0.5981 0.9757 0.0773  -0.3018 -0.1026 27 HIS B ND1 
471 C CD2 . HIS B 27 ? 0.9391 0.6448 1.0163 0.0654  -0.3390 -0.0771 27 HIS B CD2 
472 C CE1 . HIS B 27 ? 0.8135 0.5666 0.9630 0.0757  -0.3333 -0.0937 27 HIS B CE1 
473 N NE2 . HIS B 27 ? 0.8889 0.5872 0.9763 0.0702  -0.3580 -0.0766 27 HIS B NE2 
474 N N   . LEU B 28 ? 0.4961 0.3595 0.5913 0.0148  -0.1521 -0.0951 28 LEU B N   
475 C CA  . LEU B 28 ? 0.4562 0.3274 0.5381 0.0024  -0.1239 -0.0956 28 LEU B CA  
476 C C   . LEU B 28 ? 0.3975 0.3169 0.4985 0.0012  -0.0986 -0.1005 28 LEU B C   
477 O O   . LEU B 28 ? 0.3849 0.3231 0.4908 0.0002  -0.0953 -0.0984 28 LEU B O   
478 C CB  . LEU B 28 ? 0.4863 0.3244 0.5193 -0.0217 -0.1140 -0.0841 28 LEU B CB  
479 C CG  . LEU B 28 ? 0.5651 0.3454 0.5681 -0.0243 -0.1357 -0.0762 28 LEU B CG  
480 C CD1 . LEU B 28 ? 0.5865 0.3376 0.5465 -0.0512 -0.1202 -0.0670 28 LEU B CD1 
481 C CD2 . LEU B 28 ? 0.5328 0.3052 0.5557 -0.0105 -0.1443 -0.0841 28 LEU B CD2 
482 N N   . MET B 29 ? 0.2961 0.2299 0.4020 0.0005  -0.0830 -0.1053 29 MET B N   
483 C CA  . MET B 29 ? 0.2982 0.2694 0.4172 0.0016  -0.0644 -0.1082 29 MET B CA  
484 C C   . MET B 29 ? 0.2259 0.1968 0.3160 -0.0144 -0.0500 -0.0969 29 MET B C   
485 O O   . MET B 29 ? 0.2267 0.1763 0.2941 -0.0272 -0.0483 -0.0924 29 MET B O   
486 C CB  . MET B 29 ? 0.2714 0.2543 0.4059 0.0092  -0.0591 -0.1192 29 MET B CB  
487 C CG  . MET B 29 ? 0.1732 0.1890 0.3176 0.0099  -0.0432 -0.1229 29 MET B CG  
488 S SD  . MET B 29 ? 0.1906 0.2056 0.3325 0.0127  -0.0382 -0.1342 29 MET B SD  
489 C CE  . MET B 29 ? 0.2198 0.2317 0.3911 0.0279  -0.0486 -0.1519 29 MET B CE  
490 N N   . HIS B 30 ? 0.2717 0.2656 0.3669 -0.0132 -0.0404 -0.0944 30 HIS B N   
491 C CA  . HIS B 30 ? 0.1802 0.1767 0.2595 -0.0224 -0.0309 -0.0873 30 HIS B CA  
492 C C   . HIS B 30 ? 0.1184 0.1428 0.2142 -0.0150 -0.0206 -0.0908 30 HIS B C   
493 O O   . HIS B 30 ? 0.1123 0.1501 0.2230 -0.0074 -0.0192 -0.0966 30 HIS B O   
494 C CB  . HIS B 30 ? 0.1929 0.1730 0.2503 -0.0317 -0.0344 -0.0806 30 HIS B CB  
495 C CG  . HIS B 30 ? 0.2973 0.2428 0.3288 -0.0449 -0.0418 -0.0789 30 HIS B CG  
496 N ND1 . HIS B 30 ? 0.2976 0.2261 0.3124 -0.0581 -0.0379 -0.0768 30 HIS B ND1 
497 C CD2 . HIS B 30 ? 0.3670 0.2905 0.3917 -0.0457 -0.0549 -0.0807 30 HIS B CD2 
498 C CE1 . HIS B 30 ? 0.4029 0.2982 0.3944 -0.0723 -0.0400 -0.0787 30 HIS B CE1 
499 N NE2 . HIS B 30 ? 0.3845 0.2776 0.3865 -0.0606 -0.0531 -0.0811 30 HIS B NE2 
500 N N   . THR B 31 ? 0.1109 0.1420 0.2031 -0.0185 -0.0134 -0.0890 31 THR B N   
501 C CA  . THR B 31 ? 0.0938 0.1424 0.1934 -0.0136 -0.0062 -0.0911 31 THR B CA  
502 C C   . THR B 31 ? 0.0884 0.1388 0.1852 -0.0133 -0.0046 -0.0885 31 THR B C   
503 O O   . THR B 31 ? 0.1110 0.1512 0.1964 -0.0187 -0.0061 -0.0844 31 THR B O   
504 C CB  . THR B 31 ? 0.0917 0.1448 0.1916 -0.0163 -0.0021 -0.0916 31 THR B CB  
505 O OG1 . THR B 31 ? 0.1474 0.1921 0.2393 -0.0239 0.0000  -0.0887 31 THR B OG1 
506 C CG2 . THR B 31 ? 0.1004 0.1524 0.2046 -0.0180 -0.0057 -0.0954 31 THR B CG2 
507 N N   . LEU B 32 ? 0.0806 0.1410 0.1832 -0.0101 -0.0014 -0.0911 32 LEU B N   
508 C CA  . LEU B 32 ? 0.0796 0.1396 0.1774 -0.0124 0.0005  -0.0889 32 LEU B CA  
509 C C   . LEU B 32 ? 0.0771 0.1382 0.1686 -0.0135 0.0038  -0.0874 32 LEU B C   
510 O O   . LEU B 32 ? 0.0772 0.1417 0.1685 -0.0125 0.0038  -0.0893 32 LEU B O   
511 C CB  . LEU B 32 ? 0.0792 0.1464 0.1856 -0.0125 0.0029  -0.0938 32 LEU B CB  
512 C CG  . LEU B 32 ? 0.0999 0.1635 0.2013 -0.0181 0.0032  -0.0917 32 LEU B CG  
513 C CD1 . LEU B 32 ? 0.0937 0.1488 0.1947 -0.0199 -0.0068 -0.0886 32 LEU B CD1 
514 C CD2 . LEU B 32 ? 0.1037 0.1798 0.2181 -0.0218 0.0110  -0.1019 32 LEU B CD2 
515 N N   . CYS B 33 ? 0.0807 0.1353 0.1649 -0.0161 0.0037  -0.0847 33 CYS B N   
516 C CA  . CYS B 33 ? 0.0815 0.1358 0.1641 -0.0154 0.0043  -0.0855 33 CYS B CA  
517 C C   . CYS B 33 ? 0.1488 0.1914 0.2194 -0.0184 0.0029  -0.0836 33 CYS B C   
518 O O   . CYS B 33 ? 0.0991 0.1333 0.1619 -0.0221 0.0024  -0.0821 33 CYS B O   
519 C CB  . CYS B 33 ? 0.1007 0.1562 0.1872 -0.0167 0.0072  -0.0878 33 CYS B CB  
520 S SG  . CYS B 33 ? 0.0842 0.1446 0.1787 -0.0171 0.0078  -0.0897 33 CYS B SG  
521 N N   . CYS B 34 ? 0.0996 0.1344 0.1623 -0.0181 -0.0001 -0.0838 34 CYS B N   
522 C CA  . CYS B 34 ? 0.1177 0.1328 0.1627 -0.0228 -0.0024 -0.0820 34 CYS B CA  
523 C C   . CYS B 34 ? 0.1657 0.1660 0.2027 -0.0185 -0.0067 -0.0869 34 CYS B C   
524 O O   . CYS B 34 ? 0.1993 0.2060 0.2449 -0.0120 -0.0107 -0.0918 34 CYS B O   
525 C CB  . CYS B 34 ? 0.1260 0.1388 0.1658 -0.0298 -0.0010 -0.0828 34 CYS B CB  
526 S SG  . CYS B 34 ? 0.1504 0.1855 0.2098 -0.0314 0.0053  -0.0845 34 CYS B SG  
527 N N   . ARG B 35 ? 0.2329 0.2108 0.2534 -0.0210 -0.0081 -0.0871 35 ARG B N   
528 C CA  . ARG B 35 ? 0.2886 0.2428 0.2972 -0.0150 -0.0126 -0.0933 35 ARG B CA  
529 C C   . ARG B 35 ? 0.3967 0.3154 0.3763 -0.0235 -0.0156 -0.0912 35 ARG B C   
530 O O   . ARG B 35 ? 0.3205 0.2399 0.2976 -0.0321 -0.0159 -0.0865 35 ARG B O   
531 C CB  . ARG B 35 ? 0.3311 0.2946 0.3560 -0.0053 -0.0087 -0.1007 35 ARG B CB  
532 C CG  . ARG B 35 ? 0.4258 0.3735 0.4535 0.0083  -0.0146 -0.1105 35 ARG B CG  
533 C CD  . ARG B 35 ? 0.5905 0.5380 0.6253 0.0156  -0.0058 -0.1182 35 ARG B CD  
534 N NE  . ARG B 35 ? 0.6534 0.6065 0.7146 0.0341  -0.0104 -0.1301 35 ARG B NE  
535 C CZ  . ARG B 35 ? 0.8160 0.7394 0.8657 0.0458  -0.0121 -0.1349 35 ARG B CZ  
536 N NH1 . ARG B 35 ? 0.7377 0.6223 0.7475 0.0377  -0.0081 -0.1301 35 ARG B NH1 
537 N NH2 . ARG B 35 ? 0.6903 0.6223 0.7709 0.0661  -0.0197 -0.1450 35 ARG B NH2 
538 O OXT . ARG B 35 ? 0.4331 0.3206 0.3939 -0.0221 -0.0191 -0.0953 35 ARG B OXT 
# 
